data_2XJA
#
_entry.id   2XJA
#
_cell.length_a   75.040
_cell.length_b   76.320
_cell.length_c   81.990
_cell.angle_alpha   111.32
_cell.angle_beta   91.42
_cell.angle_gamma   92.90
#
_symmetry.space_group_name_H-M   'P 1'
#
loop_
_entity.id
_entity.type
_entity.pdbx_description
1 polymer 'UDP-N-ACETYLMURAMOYL-L-ALANYL-D-GLUTAMATE--2,6-DIAMINOPIMELATE LIGASE'
2 non-polymer "ADENOSINE-5'-DIPHOSPHATE"
3 non-polymer 'MAGNESIUM ION'
4 non-polymer "URIDINE-5'-DIPHOSPHATE-N-ACETYLMURAMOYL-L-ALANINE-D-GLUTAMATE"
5 water water
#
_entity_poly.entity_id   1
_entity_poly.type   'polypeptide(L)'
_entity_poly.pdbx_seq_one_letter_code
;MSSLARGISRRRTEVATQVEAAPTGLRPNAVVGVRLAALADQVGAALAEGPAQRAVTEDRTVTGVTLRAQDVSPGDLFAA
LTGSTTHGARHVGDAIARGAVAVLTDPAGVAEIAGRAAVPVLVHPAPRGVLGGLAATVYGHPSERLTVIGITGTSGKTTT
TYLVEAGLRAAGRVAGLIGTIGIRVGGADLPSALTTPEAPTLQAMLAAMVERGVDTVVMEVSSHALALGRVDGTRFAVGA
FTNLSRDHLDFHPSMADYFEA(KCX)ASLFDPDSALRARTAVVCIDDDAGRAMAARAADAITVSAADRPAHWRATDVAPT
DAGGQQFTAIDPAGVGHHIGIRLPGRYNVANCLVALAILDTVGVSPEQAVPGLREIRVPGRLEQIDRGQGFLALVDYAHK
PEALRSVLTTLAHPDRRLAVVFGAGGDRDPGKRAPMGRIAAQLADLVVVTDDNPRDEDPTAIRREILAGAAEVGGDAQVV
EIADRRDAIRHAVAWARPGDVVLIAGKGHETGQRGGGRVRPFDDRVELAAALEALERRA
;
_entity_poly.pdbx_strand_id   A,B,C,D
#
loop_
_chem_comp.id
_chem_comp.type
_chem_comp.name
_chem_comp.formula
ADP non-polymer ADENOSINE-5'-DIPHOSPHATE 'C10 H15 N5 O10 P2'
MG non-polymer 'MAGNESIUM ION' 'Mg 2'
UAG non-polymer URIDINE-5'-DIPHOSPHATE-N-ACETYLMURAMOYL-L-ALANINE-D-GLUTAMATE 'C28 H43 N5 O23 P2'
#
# COMPACT_ATOMS: atom_id res chain seq x y z
N LEU A 26 -23.72 -13.73 15.11
CA LEU A 26 -22.65 -14.74 15.34
C LEU A 26 -22.95 -16.05 14.58
N ARG A 27 -22.11 -17.07 14.82
CA ARG A 27 -22.46 -18.48 14.69
C ARG A 27 -23.12 -18.88 16.03
N PRO A 28 -23.89 -20.00 16.06
CA PRO A 28 -24.50 -20.38 17.35
C PRO A 28 -23.54 -21.21 18.19
N ASN A 29 -23.56 -20.97 19.50
CA ASN A 29 -22.65 -21.60 20.43
C ASN A 29 -22.88 -23.11 20.59
N ALA A 30 -24.14 -23.52 20.65
CA ALA A 30 -24.50 -24.89 20.96
C ALA A 30 -25.26 -25.63 19.85
N VAL A 31 -24.52 -26.22 18.90
CA VAL A 31 -25.16 -27.03 17.82
C VAL A 31 -24.83 -28.50 17.97
N VAL A 32 -25.87 -29.34 18.03
CA VAL A 32 -25.67 -30.78 17.97
C VAL A 32 -25.53 -31.07 16.51
N GLY A 33 -24.49 -31.83 16.20
CA GLY A 33 -24.10 -32.17 14.81
C GLY A 33 -25.04 -33.10 14.06
N VAL A 34 -24.72 -33.37 12.81
CA VAL A 34 -25.48 -34.26 11.97
C VAL A 34 -24.46 -35.26 11.45
N ARG A 35 -24.66 -36.57 11.66
CA ARG A 35 -23.79 -37.57 11.02
C ARG A 35 -23.64 -37.24 9.51
N LEU A 36 -22.42 -37.30 8.99
CA LEU A 36 -22.21 -36.90 7.61
C LEU A 36 -22.99 -37.82 6.65
N ALA A 37 -23.14 -39.07 7.02
CA ALA A 37 -23.99 -40.00 6.28
C ALA A 37 -25.36 -39.43 6.01
N ALA A 38 -25.99 -38.88 7.05
CA ALA A 38 -27.33 -38.31 7.00
C ALA A 38 -27.38 -37.07 6.06
N LEU A 39 -26.40 -36.22 6.15
CA LEU A 39 -26.39 -35.13 5.22
C LEU A 39 -26.29 -35.67 3.80
N ALA A 40 -25.51 -36.73 3.59
CA ALA A 40 -25.32 -37.22 2.24
C ALA A 40 -26.60 -37.87 1.69
N ASP A 41 -27.24 -38.70 2.47
CA ASP A 41 -28.46 -39.34 2.00
C ASP A 41 -29.58 -38.37 1.73
N GLN A 42 -29.64 -37.29 2.49
CA GLN A 42 -30.69 -36.28 2.37
C GLN A 42 -30.60 -35.61 1.01
N VAL A 43 -29.48 -34.94 0.76
CA VAL A 43 -29.15 -34.32 -0.51
C VAL A 43 -29.00 -35.35 -1.63
N GLY A 44 -28.71 -36.60 -1.27
CA GLY A 44 -28.35 -37.62 -2.24
C GLY A 44 -27.05 -37.32 -2.99
N ALA A 45 -26.00 -36.91 -2.26
CA ALA A 45 -24.66 -36.74 -2.84
C ALA A 45 -23.99 -38.10 -2.98
N ALA A 46 -22.92 -38.15 -3.76
CA ALA A 46 -22.04 -39.32 -3.85
C ALA A 46 -20.69 -39.04 -3.16
N LEU A 47 -19.79 -40.01 -3.15
CA LEU A 47 -18.48 -39.89 -2.46
C LEU A 47 -17.35 -39.93 -3.49
N ALA A 48 -16.50 -38.92 -3.54
CA ALA A 48 -15.50 -38.87 -4.62
C ALA A 48 -14.53 -40.05 -4.67
N GLU A 49 -14.20 -40.61 -3.53
CA GLU A 49 -13.27 -41.71 -3.52
C GLU A 49 -13.90 -43.04 -3.96
N GLY A 50 -14.88 -43.52 -3.19
CA GLY A 50 -15.61 -44.74 -3.54
C GLY A 50 -16.87 -44.91 -2.70
N PRO A 51 -17.79 -45.80 -3.14
CA PRO A 51 -19.06 -45.98 -2.43
C PRO A 51 -18.83 -46.64 -1.05
N ALA A 52 -17.59 -47.12 -0.83
CA ALA A 52 -17.16 -47.72 0.44
C ALA A 52 -16.43 -46.74 1.37
N GLN A 53 -15.93 -45.62 0.83
CA GLN A 53 -15.62 -44.50 1.69
C GLN A 53 -16.82 -44.29 2.65
N ARG A 54 -18.00 -44.78 2.23
CA ARG A 54 -19.25 -44.82 3.02
C ARG A 54 -19.17 -45.83 4.17
N ALA A 55 -18.13 -45.68 4.99
CA ALA A 55 -18.01 -46.33 6.29
C ALA A 55 -17.59 -45.25 7.30
N VAL A 56 -16.70 -44.35 6.86
CA VAL A 56 -16.16 -43.28 7.71
C VAL A 56 -17.08 -42.06 7.70
N THR A 57 -17.93 -41.98 6.68
CA THR A 57 -18.94 -40.94 6.57
C THR A 57 -20.04 -41.20 7.62
N GLU A 58 -20.38 -42.47 7.80
CA GLU A 58 -21.23 -42.91 8.91
C GLU A 58 -20.70 -42.41 10.27
N ASP A 59 -19.46 -41.92 10.30
CA ASP A 59 -18.77 -41.62 11.55
C ASP A 59 -18.66 -40.14 11.83
N ARG A 60 -18.27 -39.32 10.85
CA ARG A 60 -18.06 -37.92 11.13
C ARG A 60 -19.35 -37.18 11.45
N THR A 61 -19.27 -36.24 12.38
CA THR A 61 -20.35 -35.30 12.69
C THR A 61 -20.04 -33.91 12.12
N VAL A 62 -21.02 -33.31 11.46
CA VAL A 62 -20.87 -32.00 10.88
C VAL A 62 -21.58 -31.10 11.80
N THR A 63 -20.89 -30.05 12.23
CA THR A 63 -21.49 -29.03 13.12
C THR A 63 -21.49 -27.62 12.60
N GLY A 64 -21.07 -27.43 11.36
CA GLY A 64 -21.04 -26.10 10.78
C GLY A 64 -21.02 -26.27 9.29
N VAL A 65 -21.34 -25.21 8.57
CA VAL A 65 -21.31 -25.26 7.14
C VAL A 65 -20.82 -23.90 6.68
N THR A 66 -19.83 -23.90 5.81
CA THR A 66 -19.43 -22.69 5.21
C THR A 66 -19.05 -22.93 3.77
N LEU A 67 -19.22 -21.86 2.99
CA LEU A 67 -18.81 -21.86 1.60
C LEU A 67 -17.61 -20.96 1.31
N ARG A 68 -16.91 -20.52 2.37
CA ARG A 68 -15.67 -19.70 2.28
C ARG A 68 -14.58 -20.32 3.14
N ALA A 69 -13.69 -21.05 2.47
CA ALA A 69 -12.60 -21.76 3.12
C ALA A 69 -12.10 -21.04 4.34
N GLN A 70 -11.83 -19.75 4.20
CA GLN A 70 -11.17 -19.04 5.29
C GLN A 70 -12.05 -19.06 6.53
N ASP A 71 -13.33 -19.27 6.31
CA ASP A 71 -14.29 -19.20 7.37
C ASP A 71 -14.61 -20.54 8.05
N VAL A 72 -13.96 -21.64 7.67
CA VAL A 72 -14.30 -22.87 8.34
C VAL A 72 -13.81 -22.96 9.77
N SER A 73 -14.75 -23.32 10.63
CA SER A 73 -14.40 -23.82 11.97
C SER A 73 -14.19 -25.33 11.88
N PRO A 74 -13.53 -25.93 12.91
CA PRO A 74 -13.44 -27.37 12.98
C PRO A 74 -14.84 -27.99 12.94
N GLY A 75 -15.00 -29.12 12.26
CA GLY A 75 -16.26 -29.84 12.21
C GLY A 75 -17.21 -29.35 11.14
N ASP A 76 -16.83 -28.26 10.46
CA ASP A 76 -17.69 -27.69 9.44
C ASP A 76 -17.59 -28.54 8.19
N LEU A 77 -18.68 -28.59 7.44
CA LEU A 77 -18.68 -28.97 6.03
C LEU A 77 -18.29 -27.75 5.17
N PHE A 78 -17.25 -27.93 4.37
CA PHE A 78 -16.87 -26.90 3.41
C PHE A 78 -17.70 -27.08 2.15
N ALA A 79 -18.45 -26.05 1.76
CA ALA A 79 -19.08 -26.10 0.45
C ALA A 79 -18.16 -25.46 -0.59
N ALA A 80 -17.56 -26.29 -1.42
CA ALA A 80 -16.70 -25.78 -2.48
C ALA A 80 -17.48 -25.57 -3.79
N LEU A 81 -17.89 -24.34 -4.06
CA LEU A 81 -18.78 -24.07 -5.21
C LEU A 81 -18.04 -23.42 -6.33
N THR A 82 -18.60 -23.51 -7.54
CA THR A 82 -18.05 -22.73 -8.63
C THR A 82 -18.68 -21.31 -8.59
N GLY A 83 -17.95 -20.33 -9.11
CA GLY A 83 -18.41 -18.97 -9.10
C GLY A 83 -17.86 -18.25 -10.31
N SER A 84 -18.30 -17.02 -10.50
CA SER A 84 -17.90 -16.27 -11.65
C SER A 84 -16.43 -15.93 -11.66
N THR A 85 -15.79 -15.92 -10.48
CA THR A 85 -14.38 -15.53 -10.43
C THR A 85 -13.49 -16.73 -10.26
N THR A 86 -13.95 -17.71 -9.47
CA THR A 86 -13.14 -18.90 -9.16
C THR A 86 -13.98 -20.11 -8.81
N HIS A 87 -13.32 -21.16 -8.36
CA HIS A 87 -13.98 -22.33 -7.81
C HIS A 87 -13.39 -22.61 -6.40
N GLY A 88 -14.27 -22.75 -5.42
CA GLY A 88 -13.89 -23.02 -4.05
C GLY A 88 -13.15 -24.32 -3.90
N ALA A 89 -13.25 -25.16 -4.92
CA ALA A 89 -12.55 -26.45 -4.95
C ALA A 89 -11.07 -26.27 -4.83
N ARG A 90 -10.60 -25.08 -5.17
CA ARG A 90 -9.17 -24.71 -5.17
C ARG A 90 -8.75 -24.14 -3.81
N HIS A 91 -9.58 -24.33 -2.79
CA HIS A 91 -9.28 -23.80 -1.47
C HIS A 91 -9.58 -24.86 -0.46
N VAL A 92 -9.73 -26.10 -0.97
CA VAL A 92 -9.91 -27.30 -0.16
C VAL A 92 -8.73 -27.47 0.82
N GLY A 93 -7.50 -27.29 0.34
CA GLY A 93 -6.36 -27.37 1.20
C GLY A 93 -6.56 -26.52 2.42
N ASP A 94 -6.83 -25.25 2.20
CA ASP A 94 -7.01 -24.28 3.28
C ASP A 94 -8.16 -24.65 4.25
N ALA A 95 -9.31 -25.07 3.70
CA ALA A 95 -10.46 -25.51 4.47
C ALA A 95 -10.14 -26.72 5.33
N ILE A 96 -9.51 -27.73 4.72
CA ILE A 96 -9.08 -28.94 5.42
C ILE A 96 -8.14 -28.56 6.52
N ALA A 97 -7.18 -27.68 6.21
CA ALA A 97 -6.17 -27.23 7.20
C ALA A 97 -6.78 -26.43 8.35
N ARG A 98 -7.94 -25.83 8.10
CA ARG A 98 -8.78 -25.20 9.16
C ARG A 98 -9.75 -26.17 9.87
N GLY A 99 -9.62 -27.48 9.63
CA GLY A 99 -10.36 -28.46 10.38
C GLY A 99 -11.73 -28.83 9.87
N ALA A 100 -11.97 -28.57 8.58
CA ALA A 100 -13.14 -29.06 7.84
C ALA A 100 -13.19 -30.60 7.88
N VAL A 101 -14.37 -31.16 8.08
CA VAL A 101 -14.48 -32.62 8.20
C VAL A 101 -15.02 -33.26 6.93
N ALA A 102 -15.29 -32.46 5.90
CA ALA A 102 -15.90 -32.96 4.66
C ALA A 102 -16.07 -31.83 3.67
N VAL A 103 -16.07 -32.14 2.37
CA VAL A 103 -16.24 -31.12 1.36
C VAL A 103 -17.45 -31.53 0.54
N LEU A 104 -18.23 -30.56 0.11
CA LEU A 104 -19.40 -30.85 -0.73
C LEU A 104 -19.17 -30.07 -1.95
N THR A 105 -18.97 -30.75 -3.08
CA THR A 105 -18.66 -30.02 -4.31
C THR A 105 -19.33 -30.61 -5.50
N ASP A 106 -19.22 -29.93 -6.65
CA ASP A 106 -19.77 -30.41 -7.92
C ASP A 106 -18.77 -31.26 -8.65
N PRO A 107 -19.14 -31.84 -9.82
CA PRO A 107 -18.14 -32.62 -10.56
C PRO A 107 -16.97 -31.77 -11.15
N ALA A 108 -17.21 -30.50 -11.45
CA ALA A 108 -16.16 -29.59 -11.90
C ALA A 108 -15.16 -29.48 -10.75
N GLY A 109 -15.69 -29.64 -9.53
CA GLY A 109 -14.93 -29.48 -8.31
C GLY A 109 -14.04 -30.67 -8.12
N VAL A 110 -14.59 -31.87 -8.17
CA VAL A 110 -13.75 -33.08 -7.91
C VAL A 110 -12.55 -33.15 -8.86
N ALA A 111 -12.75 -32.61 -10.05
CA ALA A 111 -11.74 -32.50 -11.08
C ALA A 111 -10.62 -31.64 -10.54
N GLU A 112 -10.97 -30.49 -9.92
CA GLU A 112 -9.98 -29.60 -9.31
C GLU A 112 -9.22 -30.32 -8.22
N ILE A 113 -9.91 -30.85 -7.21
CA ILE A 113 -9.22 -31.65 -6.17
C ILE A 113 -8.26 -32.70 -6.78
N ALA A 114 -8.69 -33.35 -7.86
CA ALA A 114 -8.06 -34.55 -8.38
C ALA A 114 -7.96 -35.54 -7.23
N GLY A 115 -6.80 -36.13 -7.01
CA GLY A 115 -6.63 -37.06 -5.90
C GLY A 115 -6.67 -36.32 -4.56
N ARG A 116 -6.74 -37.06 -3.46
CA ARG A 116 -6.15 -36.61 -2.20
C ARG A 116 -6.72 -35.38 -1.49
N ALA A 117 -7.89 -35.50 -0.89
CA ALA A 117 -8.12 -34.71 0.31
C ALA A 117 -8.15 -35.74 1.44
N ALA A 118 -7.67 -35.30 2.60
CA ALA A 118 -7.71 -36.13 3.79
C ALA A 118 -9.16 -36.43 4.19
N VAL A 119 -10.04 -35.44 4.03
CA VAL A 119 -11.45 -35.64 4.33
C VAL A 119 -12.24 -36.21 3.15
N PRO A 120 -13.46 -36.75 3.43
CA PRO A 120 -14.51 -37.14 2.46
C PRO A 120 -15.01 -36.04 1.55
N VAL A 121 -15.25 -36.42 0.29
CA VAL A 121 -15.75 -35.49 -0.73
C VAL A 121 -17.13 -35.86 -1.30
N LEU A 122 -18.18 -35.22 -0.77
CA LEU A 122 -19.55 -35.39 -1.26
C LEU A 122 -19.73 -34.62 -2.54
N VAL A 123 -20.36 -35.24 -3.52
CA VAL A 123 -20.46 -34.63 -4.84
C VAL A 123 -21.91 -34.49 -5.17
N HIS A 124 -22.28 -33.28 -5.55
CA HIS A 124 -23.63 -33.06 -5.98
C HIS A 124 -23.55 -32.33 -7.32
N PRO A 125 -24.50 -32.58 -8.24
CA PRO A 125 -24.63 -31.49 -9.22
C PRO A 125 -25.31 -30.32 -8.47
N ALA A 126 -25.24 -29.09 -8.97
CA ALA A 126 -25.97 -28.00 -8.28
C ALA A 126 -25.91 -28.10 -6.73
N PRO A 127 -24.71 -28.00 -6.13
CA PRO A 127 -24.63 -27.91 -4.67
C PRO A 127 -25.25 -26.65 -4.12
N ARG A 128 -24.88 -25.47 -4.63
CA ARG A 128 -25.57 -24.22 -4.25
C ARG A 128 -27.10 -24.35 -4.11
N GLY A 129 -27.69 -25.26 -4.86
CA GLY A 129 -29.12 -25.38 -4.84
C GLY A 129 -29.63 -26.34 -3.81
N VAL A 130 -28.80 -26.70 -2.85
CA VAL A 130 -29.16 -27.70 -1.83
C VAL A 130 -28.40 -27.38 -0.53
N LEU A 131 -27.47 -26.45 -0.66
CA LEU A 131 -26.74 -25.85 0.44
C LEU A 131 -27.65 -25.27 1.57
N GLY A 132 -28.71 -24.57 1.19
CA GLY A 132 -29.58 -23.98 2.16
C GLY A 132 -30.16 -25.00 3.10
N GLY A 133 -30.82 -26.00 2.53
CA GLY A 133 -31.41 -27.10 3.28
C GLY A 133 -30.41 -27.91 4.09
N LEU A 134 -29.19 -28.02 3.56
CA LEU A 134 -28.16 -28.66 4.36
C LEU A 134 -27.84 -27.81 5.58
N ALA A 135 -27.53 -26.53 5.36
CA ALA A 135 -27.22 -25.63 6.43
C ALA A 135 -28.37 -25.59 7.44
N ALA A 136 -29.60 -25.59 6.93
CA ALA A 136 -30.77 -25.50 7.78
C ALA A 136 -30.83 -26.68 8.71
N THR A 137 -30.44 -27.86 8.17
CA THR A 137 -30.39 -29.11 8.93
C THR A 137 -29.30 -29.13 9.99
N VAL A 138 -28.09 -28.78 9.61
CA VAL A 138 -27.06 -28.83 10.64
C VAL A 138 -27.31 -27.80 11.75
N TYR A 139 -28.07 -26.75 11.46
CA TYR A 139 -28.25 -25.69 12.43
C TYR A 139 -29.56 -25.89 13.06
N GLY A 140 -30.18 -27.03 12.78
CA GLY A 140 -31.38 -27.48 13.48
C GLY A 140 -32.63 -26.70 13.15
N HIS A 141 -32.72 -26.20 11.91
CA HIS A 141 -33.93 -25.61 11.37
C HIS A 141 -34.43 -24.38 12.09
N PRO A 142 -33.52 -23.42 12.33
CA PRO A 142 -33.86 -22.26 13.15
C PRO A 142 -35.14 -21.50 12.74
N SER A 143 -35.48 -21.50 11.44
CA SER A 143 -36.61 -20.71 10.95
C SER A 143 -37.91 -21.26 11.43
N GLU A 144 -37.88 -22.52 11.87
CA GLU A 144 -39.06 -23.22 12.41
C GLU A 144 -39.36 -22.85 13.86
N ARG A 145 -38.53 -21.98 14.44
CA ARG A 145 -38.63 -21.51 15.82
C ARG A 145 -38.74 -19.98 15.80
N LEU A 146 -38.61 -19.37 14.63
CA LEU A 146 -38.64 -17.91 14.47
C LEU A 146 -39.76 -17.51 13.51
N THR A 147 -40.38 -16.36 13.74
CA THR A 147 -41.30 -15.81 12.74
C THR A 147 -40.40 -15.00 11.86
N VAL A 148 -40.14 -15.51 10.64
CA VAL A 148 -39.22 -14.85 9.72
C VAL A 148 -40.00 -14.06 8.66
N ILE A 149 -39.71 -12.76 8.54
CA ILE A 149 -40.43 -11.94 7.57
C ILE A 149 -39.44 -11.57 6.50
N GLY A 150 -39.81 -11.79 5.25
CA GLY A 150 -38.90 -11.54 4.16
C GLY A 150 -39.48 -10.50 3.26
N ILE A 151 -38.76 -9.40 3.09
CA ILE A 151 -39.23 -8.34 2.19
C ILE A 151 -38.37 -8.18 0.93
N THR A 152 -38.98 -8.42 -0.24
CA THR A 152 -38.31 -8.24 -1.50
C THR A 152 -38.84 -7.03 -2.28
N GLY A 153 -38.19 -6.71 -3.39
CA GLY A 153 -38.68 -5.62 -4.25
C GLY A 153 -37.52 -4.77 -4.71
N THR A 154 -37.68 -4.16 -5.87
CA THR A 154 -36.64 -3.26 -6.38
C THR A 154 -36.19 -2.15 -5.37
N SER A 155 -37.14 -1.36 -4.84
CA SER A 155 -36.83 -0.37 -3.81
C SER A 155 -37.73 -0.45 -2.61
N GLY A 156 -37.19 -0.04 -1.47
CA GLY A 156 -37.99 0.10 -0.27
C GLY A 156 -37.80 -1.05 0.71
N LYS A 157 -37.01 -2.06 0.36
CA LYS A 157 -36.81 -3.18 1.26
C LYS A 157 -36.15 -2.68 2.58
N THR A 158 -35.08 -1.89 2.44
CA THR A 158 -34.39 -1.46 3.61
C THR A 158 -35.35 -0.66 4.50
N THR A 159 -36.05 0.31 3.90
CA THR A 159 -36.94 1.17 4.66
C THR A 159 -38.05 0.35 5.26
N THR A 160 -38.76 -0.43 4.46
CA THR A 160 -39.83 -1.29 5.04
C THR A 160 -39.37 -2.23 6.19
N THR A 161 -38.12 -2.68 6.15
CA THR A 161 -37.65 -3.55 7.18
C THR A 161 -37.48 -2.78 8.44
N TYR A 162 -36.98 -1.55 8.30
CA TYR A 162 -36.83 -0.69 9.49
C TYR A 162 -38.16 -0.30 10.15
N LEU A 163 -39.16 -0.12 9.32
CA LEU A 163 -40.48 0.23 9.79
C LEU A 163 -41.12 -0.95 10.50
N VAL A 164 -41.05 -2.13 9.87
CA VAL A 164 -41.44 -3.35 10.56
C VAL A 164 -40.70 -3.60 11.87
N GLU A 165 -39.39 -3.42 11.86
CA GLU A 165 -38.58 -3.60 13.09
C GLU A 165 -38.92 -2.62 14.24
N ALA A 166 -39.34 -1.41 13.86
CA ALA A 166 -39.67 -0.35 14.80
C ALA A 166 -41.06 -0.58 15.34
N GLY A 167 -41.93 -1.13 14.49
CA GLY A 167 -43.24 -1.57 14.96
C GLY A 167 -43.09 -2.64 16.01
N LEU A 168 -42.38 -3.69 15.61
CA LEU A 168 -42.05 -4.81 16.44
C LEU A 168 -41.52 -4.40 17.82
N ARG A 169 -40.59 -3.46 17.86
CA ARG A 169 -40.00 -3.07 19.13
C ARG A 169 -40.95 -2.23 19.95
N ALA A 170 -41.71 -1.35 19.30
CA ALA A 170 -42.73 -0.57 19.99
C ALA A 170 -43.73 -1.48 20.68
N ALA A 171 -44.03 -2.63 20.07
CA ALA A 171 -44.99 -3.55 20.66
C ALA A 171 -44.33 -4.55 21.58
N GLY A 172 -43.10 -4.24 21.98
CA GLY A 172 -42.33 -5.08 22.89
C GLY A 172 -42.05 -6.50 22.43
N ARG A 173 -41.56 -6.62 21.20
CA ARG A 173 -41.13 -7.93 20.70
C ARG A 173 -39.66 -7.83 20.43
N VAL A 174 -38.91 -8.88 20.80
CA VAL A 174 -37.51 -9.00 20.40
C VAL A 174 -37.37 -9.35 18.91
N ALA A 175 -36.60 -8.53 18.19
CA ALA A 175 -36.55 -8.60 16.75
C ALA A 175 -35.10 -8.56 16.25
N GLY A 176 -34.77 -9.42 15.28
CA GLY A 176 -33.55 -9.30 14.50
C GLY A 176 -33.86 -8.66 13.14
N LEU A 177 -32.87 -7.97 12.60
CA LEU A 177 -33.00 -7.33 11.29
C LEU A 177 -31.87 -7.89 10.47
N ILE A 178 -32.05 -8.00 9.16
CA ILE A 178 -30.94 -8.46 8.30
C ILE A 178 -31.07 -7.77 6.93
N GLY A 179 -30.08 -6.99 6.54
CA GLY A 179 -30.24 -6.21 5.33
C GLY A 179 -29.04 -5.35 4.96
N THR A 180 -29.26 -4.43 4.03
CA THR A 180 -28.19 -3.64 3.43
C THR A 180 -27.34 -2.99 4.53
N ILE A 181 -28.00 -2.24 5.40
CA ILE A 181 -27.34 -1.53 6.48
C ILE A 181 -26.51 -2.42 7.43
N GLY A 182 -26.90 -3.67 7.66
CA GLY A 182 -26.20 -4.49 8.65
C GLY A 182 -27.03 -5.64 9.22
N ILE A 183 -26.65 -6.13 10.40
CA ILE A 183 -27.48 -7.12 11.12
C ILE A 183 -27.75 -6.62 12.54
N ARG A 184 -28.99 -6.71 12.98
CA ARG A 184 -29.32 -6.42 14.39
C ARG A 184 -29.87 -7.64 15.11
N VAL A 185 -29.08 -8.13 16.06
CA VAL A 185 -29.53 -9.17 16.96
C VAL A 185 -30.08 -8.50 18.22
N GLY A 186 -31.36 -8.15 18.15
CA GLY A 186 -31.99 -7.30 19.16
C GLY A 186 -31.29 -5.95 19.24
N GLY A 187 -30.38 -5.82 20.20
CA GLY A 187 -29.63 -4.58 20.44
C GLY A 187 -28.29 -4.53 19.77
N ALA A 188 -27.67 -5.70 19.63
CA ALA A 188 -26.45 -5.90 18.87
C ALA A 188 -26.58 -5.36 17.43
N ASP A 189 -25.45 -5.11 16.77
CA ASP A 189 -25.44 -4.27 15.57
C ASP A 189 -24.32 -4.60 14.62
N LEU A 190 -24.25 -5.86 14.17
CA LEU A 190 -23.18 -6.34 13.26
C LEU A 190 -23.30 -5.77 11.85
N PRO A 191 -22.18 -5.70 11.11
CA PRO A 191 -22.34 -5.20 9.75
C PRO A 191 -22.43 -6.36 8.77
N SER A 192 -23.15 -6.15 7.69
CA SER A 192 -23.38 -7.17 6.68
C SER A 192 -22.51 -6.87 5.45
N ALA A 193 -21.91 -7.94 4.93
CA ALA A 193 -21.22 -7.91 3.63
C ALA A 193 -22.25 -7.78 2.48
N LEU A 194 -23.20 -8.71 2.40
CA LEU A 194 -24.29 -8.71 1.43
C LEU A 194 -25.66 -8.30 2.05
N THR A 195 -26.68 -8.05 1.22
CA THR A 195 -27.98 -7.65 1.72
C THR A 195 -28.67 -8.88 2.29
N THR A 196 -28.51 -9.99 1.58
CA THR A 196 -28.95 -11.28 2.08
C THR A 196 -27.76 -12.21 1.97
N PRO A 197 -27.33 -12.76 3.13
CA PRO A 197 -26.13 -13.55 3.23
C PRO A 197 -26.29 -14.94 2.65
N GLU A 198 -25.16 -15.52 2.24
CA GLU A 198 -25.10 -16.88 1.71
C GLU A 198 -25.74 -17.83 2.71
N ALA A 199 -26.34 -18.90 2.21
CA ALA A 199 -27.24 -19.72 2.99
C ALA A 199 -26.65 -20.25 4.31
N PRO A 200 -25.38 -20.73 4.31
CA PRO A 200 -24.88 -21.17 5.61
C PRO A 200 -24.84 -20.01 6.65
N THR A 201 -24.32 -18.86 6.28
CA THR A 201 -24.37 -17.66 7.13
C THR A 201 -25.76 -17.34 7.62
N LEU A 202 -26.72 -17.28 6.70
CA LEU A 202 -28.11 -16.99 7.06
C LEU A 202 -28.64 -17.94 8.14
N GLN A 203 -28.50 -19.24 7.89
CA GLN A 203 -29.02 -20.25 8.81
C GLN A 203 -28.28 -20.14 10.14
N ALA A 204 -26.99 -19.86 10.08
CA ALA A 204 -26.23 -19.83 11.31
C ALA A 204 -26.64 -18.59 12.08
N MET A 205 -26.92 -17.51 11.35
CA MET A 205 -27.37 -16.27 12.00
C MET A 205 -28.69 -16.51 12.66
N LEU A 206 -29.56 -17.18 11.92
CA LEU A 206 -30.88 -17.50 12.42
C LEU A 206 -30.78 -18.33 13.68
N ALA A 207 -29.89 -19.32 13.63
CA ALA A 207 -29.69 -20.23 14.72
C ALA A 207 -29.28 -19.42 15.94
N ALA A 208 -28.40 -18.43 15.71
CA ALA A 208 -27.82 -17.67 16.81
C ALA A 208 -28.88 -16.81 17.44
N MET A 209 -29.75 -16.26 16.59
CA MET A 209 -30.90 -15.48 17.02
C MET A 209 -31.87 -16.31 17.87
N VAL A 210 -32.03 -17.58 17.58
CA VAL A 210 -32.81 -18.41 18.47
C VAL A 210 -32.18 -18.50 19.87
N GLU A 211 -30.88 -18.73 19.92
CA GLU A 211 -30.16 -18.83 21.17
C GLU A 211 -30.27 -17.51 21.93
N ARG A 212 -30.20 -16.39 21.20
CA ARG A 212 -30.23 -15.05 21.80
C ARG A 212 -31.64 -14.59 22.23
N GLY A 213 -32.65 -15.45 22.06
CA GLY A 213 -33.99 -15.15 22.53
C GLY A 213 -34.87 -14.41 21.54
N VAL A 214 -34.35 -14.15 20.35
CA VAL A 214 -35.11 -13.42 19.32
C VAL A 214 -36.38 -14.20 18.96
N ASP A 215 -37.51 -13.51 18.82
CA ASP A 215 -38.74 -14.23 18.43
C ASP A 215 -39.10 -14.02 16.94
N THR A 216 -38.85 -12.80 16.44
CA THR A 216 -39.26 -12.44 15.10
C THR A 216 -38.07 -11.86 14.41
N VAL A 217 -37.92 -12.13 13.12
CA VAL A 217 -36.80 -11.63 12.32
C VAL A 217 -37.30 -11.03 11.02
N VAL A 218 -36.91 -9.77 10.77
CA VAL A 218 -37.34 -9.13 9.52
C VAL A 218 -36.12 -8.98 8.56
N MET A 219 -36.27 -9.47 7.33
CA MET A 219 -35.15 -9.67 6.38
C MET A 219 -35.37 -9.00 5.04
N GLU A 220 -34.36 -8.33 4.52
CA GLU A 220 -34.43 -7.92 3.14
C GLU A 220 -34.19 -9.19 2.35
N VAL A 221 -34.96 -9.44 1.30
CA VAL A 221 -34.65 -10.59 0.46
C VAL A 221 -34.44 -10.11 -0.98
N SER A 222 -33.17 -9.98 -1.34
CA SER A 222 -32.73 -9.52 -2.65
C SER A 222 -33.02 -10.58 -3.68
N SER A 223 -33.11 -10.16 -4.94
CA SER A 223 -33.44 -11.03 -6.04
C SER A 223 -32.23 -11.87 -6.45
N HIS A 224 -31.04 -11.43 -6.03
CA HIS A 224 -29.86 -12.28 -6.11
C HIS A 224 -30.01 -13.50 -5.20
N ALA A 225 -30.46 -13.23 -3.96
CA ALA A 225 -30.60 -14.30 -2.98
C ALA A 225 -31.60 -15.38 -3.41
N LEU A 226 -32.61 -15.02 -4.19
CA LEU A 226 -33.53 -16.02 -4.61
C LEU A 226 -32.91 -16.77 -5.73
N ALA A 227 -32.26 -16.03 -6.62
CA ALA A 227 -31.56 -16.67 -7.74
C ALA A 227 -30.48 -17.68 -7.32
N LEU A 228 -29.67 -17.37 -6.28
CA LEU A 228 -28.54 -18.23 -5.93
C LEU A 228 -28.88 -19.13 -4.78
N GLY A 229 -30.18 -19.21 -4.52
CA GLY A 229 -30.74 -20.00 -3.41
C GLY A 229 -30.15 -19.75 -2.05
N ARG A 230 -29.79 -18.52 -1.79
CA ARG A 230 -29.38 -18.14 -0.47
C ARG A 230 -30.43 -18.35 0.64
N VAL A 231 -31.73 -18.35 0.34
CA VAL A 231 -32.70 -18.41 1.41
C VAL A 231 -33.37 -19.78 1.44
N ASP A 232 -32.61 -20.81 1.07
CA ASP A 232 -33.18 -22.08 0.71
C ASP A 232 -33.86 -22.85 1.81
N GLY A 233 -33.31 -22.87 3.00
CA GLY A 233 -33.94 -23.68 4.05
C GLY A 233 -34.94 -22.94 4.92
N THR A 234 -35.19 -21.69 4.56
CA THR A 234 -35.92 -20.76 5.37
C THR A 234 -37.42 -20.88 5.20
N ARG A 235 -38.14 -21.08 6.31
CA ARG A 235 -39.62 -20.88 6.35
C ARG A 235 -40.00 -19.40 6.57
N PHE A 236 -40.76 -18.80 5.63
CA PHE A 236 -41.24 -17.43 5.79
C PHE A 236 -42.67 -17.38 6.38
N ALA A 237 -42.85 -16.70 7.51
CA ALA A 237 -44.19 -16.40 8.01
C ALA A 237 -44.88 -15.37 7.14
N VAL A 238 -44.12 -14.45 6.53
CA VAL A 238 -44.67 -13.43 5.65
C VAL A 238 -43.66 -13.11 4.59
N GLY A 239 -44.13 -12.87 3.37
CA GLY A 239 -43.29 -12.30 2.29
C GLY A 239 -43.92 -11.02 1.80
N ALA A 240 -43.14 -9.95 1.79
CA ALA A 240 -43.68 -8.71 1.29
C ALA A 240 -43.09 -8.30 -0.08
N PHE A 241 -43.92 -7.75 -0.95
CA PHE A 241 -43.44 -7.20 -2.21
C PHE A 241 -43.62 -5.69 -2.22
N THR A 242 -42.53 -4.92 -2.24
CA THR A 242 -42.66 -3.47 -2.34
C THR A 242 -42.97 -3.00 -3.78
N ASN A 243 -42.09 -3.23 -4.74
CA ASN A 243 -42.25 -2.73 -6.12
C ASN A 243 -41.26 -3.39 -7.09
N LEU A 244 -41.35 -3.06 -8.38
CA LEU A 244 -40.31 -3.49 -9.33
C LEU A 244 -40.03 -2.48 -10.42
N SER A 245 -38.77 -2.24 -10.66
CA SER A 245 -38.33 -1.38 -11.73
C SER A 245 -36.94 -1.82 -12.19
N ARG A 246 -36.57 -1.45 -13.42
CA ARG A 246 -35.30 -1.87 -14.04
C ARG A 246 -34.08 -1.81 -13.06
N ASP A 247 -33.71 -2.97 -12.54
CA ASP A 247 -32.50 -3.07 -11.74
C ASP A 247 -31.83 -4.42 -12.00
N HIS A 248 -30.56 -4.50 -11.62
CA HIS A 248 -29.83 -5.76 -11.55
C HIS A 248 -29.75 -6.50 -12.89
N LEU A 249 -29.90 -5.74 -13.97
CA LEU A 249 -29.92 -6.31 -15.31
C LEU A 249 -28.53 -6.55 -15.84
N ASP A 250 -27.60 -6.85 -14.95
CA ASP A 250 -26.26 -7.24 -15.33
C ASP A 250 -25.92 -8.50 -14.54
N PHE A 251 -26.91 -9.01 -13.83
CA PHE A 251 -26.87 -10.32 -13.23
C PHE A 251 -28.00 -11.16 -13.80
N HIS A 252 -29.21 -10.65 -13.67
CA HIS A 252 -30.37 -11.33 -14.20
C HIS A 252 -30.29 -11.08 -15.66
N PRO A 253 -30.43 -12.13 -16.47
CA PRO A 253 -30.30 -11.93 -17.92
C PRO A 253 -31.51 -11.23 -18.55
N SER A 254 -32.65 -11.11 -17.84
CA SER A 254 -33.82 -10.42 -18.34
C SER A 254 -34.73 -9.95 -17.19
N MET A 255 -35.53 -8.94 -17.49
CA MET A 255 -36.49 -8.39 -16.56
C MET A 255 -37.47 -9.45 -16.10
N ALA A 256 -37.73 -10.42 -16.97
CA ALA A 256 -38.51 -11.60 -16.63
C ALA A 256 -37.86 -12.30 -15.44
N ASP A 257 -36.66 -12.81 -15.68
CA ASP A 257 -35.94 -13.55 -14.66
C ASP A 257 -35.91 -12.77 -13.36
N TYR A 258 -35.71 -11.46 -13.46
CA TYR A 258 -35.68 -10.59 -12.30
C TYR A 258 -37.00 -10.62 -11.49
N PHE A 259 -38.13 -10.56 -12.23
CA PHE A 259 -39.46 -10.77 -11.64
C PHE A 259 -39.58 -12.19 -11.11
N GLU A 260 -39.36 -13.17 -11.99
CA GLU A 260 -39.38 -14.59 -11.61
C GLU A 260 -38.61 -14.90 -10.32
N ALA A 261 -37.39 -14.40 -10.18
CA ALA A 261 -36.66 -14.60 -8.94
C ALA A 261 -37.54 -14.23 -7.79
N KCX A 262 -37.94 -12.96 -7.74
CA KCX A 262 -38.82 -12.41 -6.70
CB KCX A 262 -39.05 -10.92 -6.92
CG KCX A 262 -37.80 -10.14 -7.07
CD KCX A 262 -38.05 -8.65 -6.83
CE KCX A 262 -36.74 -7.84 -7.01
NZ KCX A 262 -35.85 -7.84 -5.77
C KCX A 262 -40.17 -13.13 -6.60
O KCX A 262 -40.70 -13.30 -5.51
CX KCX A 262 -34.82 -6.99 -5.68
OQ1 KCX A 262 -34.10 -6.95 -4.66
OQ2 KCX A 262 -34.56 -6.21 -6.61
N ALA A 263 -40.73 -13.57 -7.73
CA ALA A 263 -42.03 -14.22 -7.66
C ALA A 263 -41.98 -15.46 -6.79
N SER A 264 -40.78 -16.04 -6.67
CA SER A 264 -40.66 -17.35 -6.12
C SER A 264 -40.91 -17.34 -4.62
N LEU A 265 -41.13 -16.14 -4.07
CA LEU A 265 -41.41 -15.98 -2.67
C LEU A 265 -42.92 -15.92 -2.43
N PHE A 266 -43.69 -15.76 -3.51
CA PHE A 266 -45.14 -15.49 -3.42
C PHE A 266 -46.02 -16.52 -4.10
N ASP A 267 -45.44 -17.17 -5.10
CA ASP A 267 -46.12 -18.20 -5.88
C ASP A 267 -46.63 -19.24 -4.91
N PRO A 268 -47.95 -19.50 -4.91
CA PRO A 268 -48.58 -20.42 -3.97
C PRO A 268 -47.85 -21.75 -3.98
N ASP A 269 -47.61 -22.27 -5.18
CA ASP A 269 -47.02 -23.58 -5.37
C ASP A 269 -45.51 -23.65 -5.18
N SER A 270 -44.84 -22.50 -5.05
CA SER A 270 -43.38 -22.44 -4.92
C SER A 270 -42.84 -23.01 -3.60
N ALA A 271 -41.60 -23.52 -3.64
CA ALA A 271 -40.90 -23.98 -2.42
C ALA A 271 -40.74 -22.92 -1.33
N LEU A 272 -40.27 -21.73 -1.71
CA LEU A 272 -40.10 -20.61 -0.76
C LEU A 272 -41.40 -19.88 -0.33
N ARG A 273 -42.54 -20.15 -0.97
CA ARG A 273 -43.78 -19.44 -0.63
C ARG A 273 -43.97 -19.14 0.88
N ALA A 274 -44.14 -17.87 1.27
CA ALA A 274 -44.43 -17.54 2.68
C ALA A 274 -45.84 -17.89 3.15
N ARG A 275 -46.00 -18.21 4.43
CA ARG A 275 -47.34 -18.43 5.00
C ARG A 275 -48.34 -17.32 4.61
N THR A 276 -47.94 -16.04 4.68
CA THR A 276 -48.74 -14.89 4.23
C THR A 276 -47.93 -14.05 3.26
N ALA A 277 -48.57 -13.54 2.21
CA ALA A 277 -47.94 -12.64 1.29
C ALA A 277 -48.56 -11.27 1.43
N VAL A 278 -47.75 -10.24 1.34
CA VAL A 278 -48.25 -8.86 1.33
C VAL A 278 -47.60 -8.16 0.18
N VAL A 279 -48.44 -7.54 -0.65
CA VAL A 279 -48.01 -6.96 -1.91
C VAL A 279 -48.54 -5.54 -2.08
N CYS A 280 -47.65 -4.62 -2.43
CA CYS A 280 -48.04 -3.26 -2.84
C CYS A 280 -48.53 -3.24 -4.29
N ILE A 281 -49.64 -2.54 -4.49
CA ILE A 281 -50.40 -2.59 -5.74
C ILE A 281 -50.12 -1.38 -6.61
N ASP A 282 -49.37 -0.43 -6.09
CA ASP A 282 -49.17 0.82 -6.78
C ASP A 282 -48.36 0.73 -8.07
N ASP A 283 -47.35 -0.15 -8.08
CA ASP A 283 -46.53 -0.48 -9.22
C ASP A 283 -47.39 -1.39 -10.05
N ASP A 284 -47.23 -1.40 -11.37
CA ASP A 284 -47.71 -2.53 -12.21
C ASP A 284 -47.14 -3.93 -11.82
N ALA A 285 -45.84 -4.05 -11.71
CA ALA A 285 -45.31 -5.29 -11.22
C ALA A 285 -46.02 -5.81 -9.96
N GLY A 286 -46.41 -4.88 -9.10
CA GLY A 286 -47.11 -5.25 -7.88
C GLY A 286 -48.43 -5.97 -8.16
N ARG A 287 -49.19 -5.40 -9.09
CA ARG A 287 -50.42 -6.01 -9.54
C ARG A 287 -50.13 -7.42 -9.96
N ALA A 288 -49.14 -7.57 -10.81
CA ALA A 288 -48.75 -8.87 -11.31
C ALA A 288 -48.31 -9.86 -10.22
N MET A 289 -47.67 -9.40 -9.15
CA MET A 289 -47.38 -10.29 -8.04
C MET A 289 -48.59 -10.66 -7.19
N ALA A 290 -49.48 -9.70 -6.95
CA ALA A 290 -50.70 -9.97 -6.19
C ALA A 290 -51.51 -11.07 -6.84
N ALA A 291 -51.53 -11.04 -8.17
CA ALA A 291 -52.24 -12.04 -8.94
C ALA A 291 -51.53 -13.39 -8.85
N ARG A 292 -50.21 -13.34 -8.68
CA ARG A 292 -49.41 -14.55 -8.55
C ARG A 292 -49.70 -15.19 -7.21
N ALA A 293 -49.44 -14.46 -6.13
CA ALA A 293 -49.68 -14.96 -4.80
C ALA A 293 -51.14 -15.39 -4.53
N ALA A 294 -52.07 -15.03 -5.40
CA ALA A 294 -53.46 -15.48 -5.28
C ALA A 294 -54.19 -14.93 -4.05
N ASP A 295 -53.73 -15.25 -2.86
CA ASP A 295 -54.35 -14.72 -1.65
C ASP A 295 -53.42 -13.68 -0.99
N ALA A 296 -53.01 -12.67 -1.76
CA ALA A 296 -52.15 -11.61 -1.22
C ALA A 296 -52.96 -10.64 -0.38
N ILE A 297 -52.34 -10.08 0.65
CA ILE A 297 -52.92 -8.92 1.29
C ILE A 297 -52.43 -7.70 0.53
N THR A 298 -53.33 -7.01 -0.16
CA THR A 298 -52.88 -5.90 -0.98
C THR A 298 -52.87 -4.58 -0.27
N VAL A 299 -52.15 -3.62 -0.83
CA VAL A 299 -51.79 -2.41 -0.15
C VAL A 299 -51.56 -1.33 -1.18
N SER A 300 -52.17 -0.17 -0.99
CA SER A 300 -52.08 0.93 -1.94
C SER A 300 -52.10 2.24 -1.26
N ALA A 301 -51.10 3.05 -1.56
CA ALA A 301 -51.16 4.45 -1.21
C ALA A 301 -51.62 5.33 -2.39
N ALA A 302 -51.97 4.72 -3.52
CA ALA A 302 -52.29 5.48 -4.75
C ALA A 302 -53.77 5.40 -5.20
N ASP A 303 -54.65 5.51 -4.20
CA ASP A 303 -56.09 5.46 -4.41
C ASP A 303 -56.59 4.20 -5.11
N ARG A 304 -55.70 3.22 -5.31
CA ARG A 304 -56.09 1.89 -5.84
C ARG A 304 -56.81 1.08 -4.75
N PRO A 305 -57.73 0.17 -5.14
CA PRO A 305 -58.38 -0.69 -4.14
C PRO A 305 -57.44 -1.80 -3.62
N ALA A 306 -57.18 -1.75 -2.33
CA ALA A 306 -56.32 -2.67 -1.64
C ALA A 306 -56.94 -3.01 -0.30
N HIS A 307 -56.48 -4.08 0.33
CA HIS A 307 -56.91 -4.35 1.71
C HIS A 307 -56.50 -3.23 2.65
N TRP A 308 -55.25 -2.78 2.52
CA TRP A 308 -54.80 -1.56 3.16
C TRP A 308 -54.68 -0.35 2.20
N ARG A 309 -55.26 0.78 2.60
CA ARG A 309 -55.25 1.98 1.79
C ARG A 309 -54.87 3.18 2.63
N ALA A 310 -54.21 4.14 2.01
CA ALA A 310 -53.84 5.37 2.71
C ALA A 310 -54.51 6.57 2.06
N THR A 311 -54.88 7.56 2.86
CA THR A 311 -55.42 8.83 2.35
C THR A 311 -55.25 9.93 3.40
N ASP A 312 -55.47 11.17 2.96
CA ASP A 312 -55.26 12.36 3.79
C ASP A 312 -53.79 12.57 4.10
N VAL A 313 -52.92 12.24 3.13
CA VAL A 313 -51.48 12.41 3.28
C VAL A 313 -51.15 13.88 3.37
N ALA A 314 -50.54 14.26 4.48
CA ALA A 314 -50.20 15.65 4.73
C ALA A 314 -48.74 15.80 5.11
N PRO A 315 -47.96 16.49 4.26
CA PRO A 315 -46.71 17.10 4.70
C PRO A 315 -46.87 17.69 6.09
N THR A 316 -45.83 17.61 6.92
CA THR A 316 -45.84 18.18 8.27
C THR A 316 -44.55 18.95 8.56
N ASP A 317 -44.58 19.83 9.56
CA ASP A 317 -43.35 20.46 10.07
C ASP A 317 -42.48 19.31 10.60
N ALA A 318 -41.17 19.41 10.39
CA ALA A 318 -40.18 18.31 10.59
C ALA A 318 -40.07 17.39 9.38
N GLY A 319 -40.66 17.82 8.26
CA GLY A 319 -40.57 17.13 6.96
C GLY A 319 -41.14 15.72 6.98
N GLY A 320 -42.00 15.46 7.96
CA GLY A 320 -42.63 14.15 8.05
C GLY A 320 -43.88 14.11 7.21
N GLN A 321 -44.65 13.05 7.39
CA GLN A 321 -45.91 12.88 6.70
C GLN A 321 -46.88 12.18 7.62
N GLN A 322 -48.05 12.77 7.82
CA GLN A 322 -49.10 12.04 8.52
C GLN A 322 -50.17 11.64 7.54
N PHE A 323 -50.92 10.59 7.85
CA PHE A 323 -51.98 10.06 6.96
C PHE A 323 -52.96 9.08 7.64
N THR A 324 -54.04 8.72 6.95
CA THR A 324 -54.93 7.71 7.47
C THR A 324 -54.71 6.37 6.80
N ALA A 325 -54.46 5.35 7.60
CA ALA A 325 -54.29 4.01 7.11
C ALA A 325 -55.60 3.29 7.37
N ILE A 326 -56.26 2.88 6.29
CA ILE A 326 -57.52 2.18 6.39
C ILE A 326 -57.22 0.70 6.19
N ASP A 327 -57.47 -0.08 7.23
CA ASP A 327 -57.15 -1.53 7.25
C ASP A 327 -58.16 -2.36 6.49
N PRO A 328 -57.93 -3.69 6.30
CA PRO A 328 -58.85 -4.57 5.56
C PRO A 328 -60.24 -4.65 6.18
N ALA A 329 -60.37 -4.18 7.42
CA ALA A 329 -61.69 -4.08 8.04
C ALA A 329 -62.32 -2.70 7.89
N GLY A 330 -61.72 -1.83 7.08
CA GLY A 330 -62.26 -0.48 6.80
C GLY A 330 -62.13 0.52 7.96
N VAL A 331 -61.30 0.16 8.94
CA VAL A 331 -61.01 1.01 10.09
C VAL A 331 -59.83 1.95 9.80
N GLY A 332 -60.06 3.25 10.01
CA GLY A 332 -59.01 4.28 9.84
C GLY A 332 -58.04 4.31 11.00
N HIS A 333 -56.83 4.80 10.76
CA HIS A 333 -55.80 4.89 11.80
C HIS A 333 -54.95 6.09 11.45
N HIS A 334 -54.86 7.05 12.36
CA HIS A 334 -54.03 8.18 12.10
C HIS A 334 -52.58 7.79 12.33
N ILE A 335 -51.81 7.75 11.25
CA ILE A 335 -50.40 7.37 11.29
C ILE A 335 -49.54 8.59 11.00
N GLY A 336 -48.30 8.54 11.48
CA GLY A 336 -47.32 9.61 11.31
C GLY A 336 -45.95 9.00 11.12
N ILE A 337 -45.33 9.36 10.00
CA ILE A 337 -44.04 8.81 9.59
C ILE A 337 -42.98 9.94 9.40
N ARG A 338 -41.77 9.70 9.88
CA ARG A 338 -40.74 10.73 9.88
C ARG A 338 -40.11 10.96 8.51
N LEU A 339 -40.55 10.20 7.51
CA LEU A 339 -39.93 10.23 6.18
C LEU A 339 -40.78 10.96 5.14
N PRO A 340 -40.14 11.78 4.31
CA PRO A 340 -40.84 12.44 3.20
C PRO A 340 -40.93 11.49 2.01
N GLY A 341 -41.77 11.85 1.03
CA GLY A 341 -41.91 11.07 -0.20
C GLY A 341 -43.12 10.17 -0.20
N ARG A 342 -43.97 10.33 -1.19
CA ARG A 342 -45.22 9.58 -1.33
C ARG A 342 -45.08 8.07 -1.18
N TYR A 343 -43.99 7.51 -1.69
CA TYR A 343 -43.85 6.07 -1.70
C TYR A 343 -43.53 5.51 -0.34
N ASN A 344 -43.08 6.37 0.55
CA ASN A 344 -42.78 5.96 1.90
C ASN A 344 -44.06 5.77 2.67
N VAL A 345 -45.12 6.45 2.23
CA VAL A 345 -46.42 6.11 2.77
C VAL A 345 -46.69 4.63 2.42
N ALA A 346 -46.40 4.28 1.16
CA ALA A 346 -46.55 2.91 0.69
C ALA A 346 -45.65 1.93 1.47
N ASN A 347 -44.35 2.23 1.62
CA ASN A 347 -43.52 1.40 2.49
C ASN A 347 -44.22 1.19 3.82
N CYS A 348 -44.69 2.30 4.42
CA CYS A 348 -45.31 2.25 5.72
C CYS A 348 -46.52 1.35 5.78
N LEU A 349 -47.34 1.41 4.74
CA LEU A 349 -48.50 0.54 4.69
C LEU A 349 -48.06 -0.91 4.69
N VAL A 350 -47.06 -1.24 3.86
CA VAL A 350 -46.60 -2.62 3.71
C VAL A 350 -46.20 -3.08 5.09
N ALA A 351 -45.35 -2.26 5.76
CA ALA A 351 -44.92 -2.47 7.14
C ALA A 351 -46.11 -2.61 8.09
N LEU A 352 -47.05 -1.68 7.99
CA LEU A 352 -48.30 -1.77 8.74
C LEU A 352 -49.07 -3.08 8.58
N ALA A 353 -49.23 -3.50 7.33
CA ALA A 353 -49.88 -4.79 7.05
C ALA A 353 -49.06 -5.89 7.64
N ILE A 354 -47.74 -5.80 7.47
CA ILE A 354 -46.82 -6.87 7.89
C ILE A 354 -46.98 -7.10 9.41
N LEU A 355 -47.00 -6.01 10.16
CA LEU A 355 -47.16 -6.09 11.61
C LEU A 355 -48.49 -6.70 12.00
N ASP A 356 -49.57 -6.24 11.37
CA ASP A 356 -50.90 -6.70 11.65
C ASP A 356 -51.00 -8.21 11.50
N THR A 357 -50.48 -8.76 10.39
CA THR A 357 -50.53 -10.23 10.20
C THR A 357 -49.67 -10.98 11.24
N VAL A 358 -48.58 -10.35 11.62
CA VAL A 358 -47.71 -10.92 12.63
C VAL A 358 -48.27 -10.58 14.03
N GLY A 359 -49.54 -10.18 14.05
CA GLY A 359 -50.24 -9.90 15.31
C GLY A 359 -49.80 -8.64 16.04
N VAL A 360 -49.56 -7.56 15.30
CA VAL A 360 -49.31 -6.25 15.89
C VAL A 360 -50.24 -5.22 15.24
N SER A 361 -51.09 -4.61 16.07
CA SER A 361 -52.04 -3.62 15.61
C SER A 361 -51.35 -2.29 15.35
N PRO A 362 -51.94 -1.43 14.51
CA PRO A 362 -51.37 -0.10 14.25
C PRO A 362 -51.28 0.81 15.48
N GLU A 363 -52.23 0.67 16.42
CA GLU A 363 -52.17 1.33 17.72
C GLU A 363 -50.84 1.00 18.42
N GLN A 364 -50.44 -0.27 18.44
CA GLN A 364 -49.19 -0.69 19.08
C GLN A 364 -47.94 -0.20 18.37
N ALA A 365 -48.00 -0.07 17.04
CA ALA A 365 -46.84 0.24 16.23
C ALA A 365 -46.68 1.72 16.01
N VAL A 366 -47.79 2.45 16.05
CA VAL A 366 -47.75 3.84 15.65
C VAL A 366 -46.70 4.63 16.44
N PRO A 367 -46.50 4.31 17.74
CA PRO A 367 -45.51 5.13 18.43
C PRO A 367 -44.13 4.92 17.83
N GLY A 368 -43.79 3.66 17.53
CA GLY A 368 -42.49 3.36 16.92
C GLY A 368 -42.33 4.04 15.56
N LEU A 369 -43.30 3.83 14.69
CA LEU A 369 -43.26 4.38 13.34
C LEU A 369 -43.04 5.88 13.35
N ARG A 370 -43.70 6.54 14.30
CA ARG A 370 -43.69 7.98 14.43
C ARG A 370 -42.27 8.49 14.51
N GLU A 371 -41.44 7.77 15.27
CA GLU A 371 -40.09 8.22 15.55
C GLU A 371 -39.08 7.68 14.55
N ILE A 372 -39.19 6.42 14.13
CA ILE A 372 -38.13 5.79 13.31
C ILE A 372 -37.60 6.60 12.12
N ARG A 373 -36.28 6.78 12.14
CA ARG A 373 -35.52 7.40 11.10
C ARG A 373 -34.61 6.32 10.54
N VAL A 374 -34.85 5.90 9.31
CA VAL A 374 -34.03 4.85 8.66
C VAL A 374 -32.83 5.46 7.93
N PRO A 375 -31.61 4.99 8.25
CA PRO A 375 -30.38 5.71 7.88
C PRO A 375 -30.06 5.69 6.38
N GLY A 376 -29.70 6.85 5.86
CA GLY A 376 -29.34 6.97 4.45
C GLY A 376 -30.52 6.86 3.52
N ARG A 377 -31.73 6.77 4.08
CA ARG A 377 -32.97 6.78 3.31
C ARG A 377 -33.79 8.01 3.66
N LEU A 378 -33.83 8.95 2.74
CA LEU A 378 -34.42 10.26 2.98
C LEU A 378 -34.27 10.68 4.40
N GLU A 379 -33.06 10.53 4.86
CA GLU A 379 -32.74 10.92 6.17
C GLU A 379 -32.58 12.44 6.13
N GLN A 380 -33.44 13.14 6.88
CA GLN A 380 -33.37 14.61 6.94
C GLN A 380 -32.49 15.06 8.06
N ILE A 381 -31.52 15.89 7.73
CA ILE A 381 -30.67 16.52 8.73
C ILE A 381 -31.24 17.93 8.96
N ASP A 382 -31.50 18.29 10.21
CA ASP A 382 -32.09 19.60 10.49
C ASP A 382 -31.44 20.46 11.58
N ARG A 383 -30.20 20.13 11.97
CA ARG A 383 -29.39 21.09 12.71
C ARG A 383 -29.61 22.46 12.08
N GLY A 384 -30.11 23.41 12.88
CA GLY A 384 -30.51 24.73 12.40
C GLY A 384 -31.94 24.69 11.89
N GLN A 385 -32.22 25.46 10.83
CA GLN A 385 -33.56 25.58 10.24
C GLN A 385 -33.51 26.08 8.77
N GLY A 386 -34.68 26.20 8.15
CA GLY A 386 -34.81 26.84 6.84
C GLY A 386 -35.44 25.94 5.79
N PHE A 387 -34.59 25.12 5.21
CA PHE A 387 -34.96 24.26 4.10
C PHE A 387 -34.84 22.78 4.45
N LEU A 388 -35.27 21.94 3.53
CA LEU A 388 -35.16 20.52 3.74
C LEU A 388 -33.80 20.00 3.23
N ALA A 389 -32.98 19.51 4.15
CA ALA A 389 -31.72 18.88 3.78
C ALA A 389 -31.77 17.34 3.96
N LEU A 390 -31.59 16.60 2.88
CA LEU A 390 -31.81 15.16 2.90
C LEU A 390 -30.64 14.38 2.36
N VAL A 391 -30.44 13.20 2.93
CA VAL A 391 -29.43 12.26 2.44
C VAL A 391 -30.12 11.02 1.91
N ASP A 392 -29.73 10.57 0.74
CA ASP A 392 -30.39 9.46 0.12
C ASP A 392 -29.46 8.57 -0.71
N TYR A 393 -29.78 7.28 -0.68
CA TYR A 393 -28.99 6.26 -1.26
C TYR A 393 -29.17 6.11 -2.79
N ALA A 394 -30.20 6.74 -3.36
CA ALA A 394 -30.56 6.58 -4.79
C ALA A 394 -29.36 6.69 -5.72
N HIS A 395 -28.92 5.55 -6.27
CA HIS A 395 -27.66 5.50 -7.03
C HIS A 395 -27.83 4.93 -8.43
N LYS A 396 -29.05 4.64 -8.81
CA LYS A 396 -29.33 4.08 -10.13
C LYS A 396 -30.37 4.96 -10.80
N PRO A 397 -30.35 5.03 -12.15
CA PRO A 397 -31.22 5.99 -12.83
C PRO A 397 -32.69 5.87 -12.40
N GLU A 398 -33.20 4.63 -12.29
CA GLU A 398 -34.58 4.45 -11.84
C GLU A 398 -34.77 4.99 -10.43
N ALA A 399 -33.83 4.64 -9.54
CA ALA A 399 -33.82 5.12 -8.14
C ALA A 399 -33.97 6.62 -8.05
N LEU A 400 -33.10 7.32 -8.79
CA LEU A 400 -33.00 8.77 -8.80
C LEU A 400 -34.25 9.46 -9.29
N ARG A 401 -34.79 9.03 -10.44
CA ARG A 401 -36.02 9.60 -11.01
C ARG A 401 -37.13 9.64 -9.96
N SER A 402 -37.41 8.49 -9.31
CA SER A 402 -38.56 8.41 -8.41
C SER A 402 -38.39 9.37 -7.23
N VAL A 403 -37.22 9.36 -6.61
CA VAL A 403 -36.94 10.29 -5.53
C VAL A 403 -37.16 11.77 -5.93
N LEU A 404 -36.48 12.23 -6.98
CA LEU A 404 -36.55 13.62 -7.36
C LEU A 404 -37.98 14.09 -7.60
N THR A 405 -38.83 13.20 -8.11
CA THR A 405 -40.24 13.49 -8.39
C THR A 405 -41.04 13.64 -7.11
N THR A 406 -40.88 12.71 -6.17
CA THR A 406 -41.59 12.79 -4.87
C THR A 406 -41.18 14.05 -4.09
N LEU A 407 -40.06 14.62 -4.49
CA LEU A 407 -39.53 15.74 -3.79
C LEU A 407 -39.72 17.05 -4.53
N ALA A 408 -40.24 16.95 -5.75
CA ALA A 408 -40.49 18.12 -6.57
C ALA A 408 -41.87 18.69 -6.28
N HIS A 409 -41.89 19.99 -6.00
CA HIS A 409 -43.12 20.76 -5.82
C HIS A 409 -42.90 22.09 -6.52
N PRO A 410 -43.83 22.50 -7.40
CA PRO A 410 -43.73 23.86 -7.94
C PRO A 410 -43.75 24.90 -6.80
N ASP A 411 -43.19 26.09 -7.02
CA ASP A 411 -43.07 27.04 -5.90
C ASP A 411 -42.03 26.61 -4.83
N ARG A 412 -41.12 25.71 -5.20
CA ARG A 412 -40.04 25.25 -4.30
C ARG A 412 -38.86 24.80 -5.14
N ARG A 413 -37.64 25.12 -4.70
CA ARG A 413 -36.45 24.76 -5.46
C ARG A 413 -35.80 23.47 -4.96
N LEU A 414 -35.24 22.69 -5.88
CA LEU A 414 -34.67 21.41 -5.52
C LEU A 414 -33.24 21.25 -6.00
N ALA A 415 -32.30 21.23 -5.08
CA ALA A 415 -30.93 20.88 -5.44
C ALA A 415 -30.63 19.38 -5.23
N VAL A 416 -29.94 18.77 -6.21
CA VAL A 416 -29.41 17.42 -6.05
C VAL A 416 -27.90 17.37 -6.25
N VAL A 417 -27.22 16.80 -5.27
CA VAL A 417 -25.81 16.53 -5.44
C VAL A 417 -25.54 15.05 -5.37
N PHE A 418 -24.81 14.56 -6.36
CA PHE A 418 -24.44 13.17 -6.42
C PHE A 418 -23.30 13.00 -7.39
N GLY A 419 -22.77 11.78 -7.42
CA GLY A 419 -21.76 11.33 -8.40
C GLY A 419 -21.88 9.84 -8.64
N ALA A 420 -20.97 9.26 -9.42
CA ALA A 420 -21.02 7.85 -9.75
C ALA A 420 -19.72 7.15 -9.39
N GLY A 421 -19.83 5.82 -9.17
CA GLY A 421 -18.72 4.99 -8.69
C GLY A 421 -17.84 4.44 -9.79
N GLY A 422 -16.53 4.53 -9.58
CA GLY A 422 -15.56 4.06 -10.56
C GLY A 422 -15.56 2.55 -10.60
N ASP A 423 -15.06 1.98 -11.71
CA ASP A 423 -15.07 0.52 -11.96
C ASP A 423 -16.47 -0.12 -11.95
N ARG A 424 -17.49 0.70 -11.66
CA ARG A 424 -18.88 0.26 -11.55
C ARG A 424 -19.58 0.52 -12.89
N ASP A 425 -20.73 -0.13 -13.08
CA ASP A 425 -21.64 -0.01 -14.25
C ASP A 425 -21.62 1.34 -15.04
N PRO A 426 -20.65 1.51 -15.96
CA PRO A 426 -20.46 2.80 -16.64
C PRO A 426 -21.60 3.26 -17.54
N GLY A 427 -22.54 2.36 -17.86
CA GLY A 427 -23.72 2.76 -18.65
C GLY A 427 -24.65 3.73 -17.92
N LYS A 428 -24.69 3.62 -16.60
CA LYS A 428 -25.68 4.34 -15.78
C LYS A 428 -25.44 5.86 -15.62
N ARG A 429 -24.23 6.32 -15.92
CA ARG A 429 -23.81 7.69 -15.63
C ARG A 429 -24.58 8.75 -16.42
N ALA A 430 -24.43 8.71 -17.75
CA ALA A 430 -25.09 9.64 -18.67
C ALA A 430 -26.62 9.67 -18.54
N PRO A 431 -27.28 8.55 -18.27
CA PRO A 431 -28.70 8.62 -17.94
C PRO A 431 -29.03 9.48 -16.72
N MET A 432 -28.31 9.25 -15.64
CA MET A 432 -28.59 9.94 -14.38
C MET A 432 -28.57 11.46 -14.50
N GLY A 433 -27.50 11.98 -15.10
CA GLY A 433 -27.37 13.41 -15.36
C GLY A 433 -28.55 14.01 -16.10
N ARG A 434 -29.08 13.25 -17.08
CA ARG A 434 -30.30 13.65 -17.80
C ARG A 434 -31.49 13.74 -16.86
N ILE A 435 -31.75 12.65 -16.12
CA ILE A 435 -32.84 12.60 -15.11
C ILE A 435 -32.69 13.74 -14.09
N ALA A 436 -31.46 13.96 -13.66
CA ALA A 436 -31.15 15.04 -12.75
C ALA A 436 -31.50 16.38 -13.37
N ALA A 437 -30.99 16.63 -14.57
CA ALA A 437 -31.24 17.89 -15.30
C ALA A 437 -32.72 18.20 -15.41
N GLN A 438 -33.52 17.14 -15.55
CA GLN A 438 -34.93 17.24 -15.86
C GLN A 438 -35.76 17.57 -14.62
N LEU A 439 -35.33 17.04 -13.48
CA LEU A 439 -36.17 17.11 -12.28
C LEU A 439 -35.68 18.04 -11.16
N ALA A 440 -34.46 18.52 -11.27
CA ALA A 440 -33.89 19.36 -10.24
C ALA A 440 -33.70 20.76 -10.78
N ASP A 441 -33.54 21.72 -9.86
CA ASP A 441 -33.26 23.10 -10.25
C ASP A 441 -31.77 23.35 -10.27
N LEU A 442 -31.06 22.72 -9.33
CA LEU A 442 -29.60 22.72 -9.27
C LEU A 442 -29.14 21.29 -9.19
N VAL A 443 -28.30 20.86 -10.14
CA VAL A 443 -27.58 19.58 -9.92
C VAL A 443 -26.07 19.84 -9.75
N VAL A 444 -25.48 19.20 -8.73
CA VAL A 444 -24.06 19.30 -8.53
C VAL A 444 -23.44 17.95 -8.75
N VAL A 445 -22.51 17.87 -9.69
CA VAL A 445 -21.86 16.60 -10.06
C VAL A 445 -20.50 16.48 -9.34
N THR A 446 -20.35 15.40 -8.58
CA THR A 446 -19.21 15.21 -7.68
C THR A 446 -18.70 13.80 -7.78
N ASP A 447 -17.69 13.52 -6.96
CA ASP A 447 -17.10 12.20 -6.84
C ASP A 447 -17.91 11.35 -5.86
N ASP A 448 -18.10 10.08 -6.22
CA ASP A 448 -18.65 9.06 -5.33
C ASP A 448 -17.93 7.72 -5.62
N ASN A 449 -16.81 7.49 -4.93
CA ASN A 449 -15.93 6.34 -5.18
C ASN A 449 -15.40 6.15 -6.59
N PRO A 450 -14.60 7.14 -7.09
CA PRO A 450 -13.98 7.05 -8.42
C PRO A 450 -13.05 5.84 -8.58
N ARG A 451 -12.59 5.25 -7.46
CA ARG A 451 -11.79 4.01 -7.49
C ARG A 451 -10.47 4.18 -8.25
N ASP A 452 -10.21 3.33 -9.25
CA ASP A 452 -9.07 3.49 -10.14
C ASP A 452 -9.19 4.65 -11.17
N GLU A 453 -10.38 4.79 -11.74
CA GLU A 453 -10.66 5.73 -12.85
C GLU A 453 -10.41 7.19 -12.51
N ASP A 454 -9.78 7.89 -13.45
CA ASP A 454 -9.61 9.33 -13.34
C ASP A 454 -10.99 9.97 -13.31
N PRO A 455 -11.34 10.51 -12.14
CA PRO A 455 -12.62 10.99 -11.65
C PRO A 455 -13.33 11.96 -12.58
N THR A 456 -12.56 12.69 -13.38
CA THR A 456 -13.13 13.72 -14.26
C THR A 456 -13.78 13.11 -15.51
N ALA A 457 -13.34 11.91 -15.87
CA ALA A 457 -14.04 11.14 -16.87
C ALA A 457 -15.45 10.95 -16.33
N ILE A 458 -15.56 10.30 -15.17
CA ILE A 458 -16.85 9.97 -14.57
C ILE A 458 -17.80 11.17 -14.58
N ARG A 459 -17.34 12.26 -14.02
CA ARG A 459 -18.13 13.47 -13.93
C ARG A 459 -18.51 13.98 -15.31
N ARG A 460 -17.56 13.96 -16.24
CA ARG A 460 -17.79 14.42 -17.60
C ARG A 460 -18.86 13.60 -18.32
N GLU A 461 -19.05 12.34 -17.92
CA GLU A 461 -20.13 11.51 -18.50
C GLU A 461 -21.50 11.88 -17.99
N ILE A 462 -21.61 12.16 -16.68
CA ILE A 462 -22.87 12.60 -16.08
C ILE A 462 -23.28 13.96 -16.68
N LEU A 463 -22.30 14.85 -16.86
CA LEU A 463 -22.53 16.18 -17.43
C LEU A 463 -22.90 16.12 -18.92
N ALA A 464 -22.51 15.03 -19.61
CA ALA A 464 -22.95 14.78 -20.96
C ALA A 464 -24.46 14.61 -20.92
N GLY A 465 -24.91 13.86 -19.93
CA GLY A 465 -26.32 13.70 -19.59
C GLY A 465 -27.05 15.02 -19.43
N ALA A 466 -26.38 15.96 -18.77
CA ALA A 466 -26.94 17.27 -18.47
C ALA A 466 -27.23 18.11 -19.72
N ALA A 467 -26.55 17.78 -20.82
CA ALA A 467 -26.64 18.52 -22.08
C ALA A 467 -28.05 18.90 -22.44
N GLY A 471 -33.38 24.11 -20.28
CA GLY A 471 -34.05 25.22 -19.63
C GLY A 471 -33.95 25.09 -18.14
N ASP A 472 -34.87 24.31 -17.57
CA ASP A 472 -35.13 24.24 -16.11
C ASP A 472 -33.91 24.15 -15.20
N ALA A 473 -33.10 23.11 -15.38
CA ALA A 473 -31.96 22.87 -14.50
C ALA A 473 -30.87 23.92 -14.58
N GLN A 474 -29.90 23.77 -13.71
CA GLN A 474 -28.77 24.65 -13.61
C GLN A 474 -27.68 23.78 -13.01
N VAL A 475 -26.68 23.41 -13.82
CA VAL A 475 -25.76 22.31 -13.40
C VAL A 475 -24.32 22.77 -13.25
N VAL A 476 -23.64 22.20 -12.27
CA VAL A 476 -22.26 22.57 -12.04
C VAL A 476 -21.46 21.42 -11.48
N GLU A 477 -20.18 21.39 -11.80
CA GLU A 477 -19.29 20.31 -11.42
C GLU A 477 -18.42 20.72 -10.26
N ILE A 478 -18.58 20.09 -9.12
CA ILE A 478 -17.62 20.30 -8.05
C ILE A 478 -17.07 18.93 -7.65
N ALA A 479 -15.80 18.70 -7.99
CA ALA A 479 -15.16 17.39 -7.83
C ALA A 479 -15.09 16.94 -6.36
N ASP A 480 -14.79 17.87 -5.46
CA ASP A 480 -14.71 17.58 -4.03
C ASP A 480 -16.11 17.44 -3.44
N ARG A 481 -16.34 16.31 -2.76
CA ARG A 481 -17.67 16.04 -2.30
C ARG A 481 -18.13 17.01 -1.20
N ARG A 482 -17.29 17.30 -0.19
CA ARG A 482 -17.73 18.24 0.85
C ARG A 482 -18.02 19.62 0.25
N ASP A 483 -17.19 20.05 -0.71
CA ASP A 483 -17.38 21.32 -1.39
C ASP A 483 -18.65 21.34 -2.19
N ALA A 484 -18.98 20.18 -2.76
CA ALA A 484 -20.24 20.03 -3.43
C ALA A 484 -21.41 20.28 -2.46
N ILE A 485 -21.34 19.63 -1.27
CA ILE A 485 -22.39 19.70 -0.26
C ILE A 485 -22.53 21.13 0.22
N ARG A 486 -21.40 21.77 0.42
CA ARG A 486 -21.41 23.13 0.94
C ARG A 486 -22.02 24.13 -0.01
N HIS A 487 -21.69 24.00 -1.30
CA HIS A 487 -22.23 24.92 -2.31
C HIS A 487 -23.74 24.84 -2.34
N ALA A 488 -24.27 23.61 -2.37
CA ALA A 488 -25.72 23.36 -2.41
C ALA A 488 -26.43 23.86 -1.17
N VAL A 489 -25.79 23.76 -0.02
CA VAL A 489 -26.36 24.32 1.23
C VAL A 489 -26.37 25.87 1.23
N ALA A 490 -25.37 26.48 0.62
CA ALA A 490 -25.34 27.90 0.53
C ALA A 490 -26.28 28.40 -0.59
N TRP A 491 -26.72 27.47 -1.44
CA TRP A 491 -27.57 27.81 -2.58
C TRP A 491 -29.05 27.79 -2.18
N ALA A 492 -29.39 26.93 -1.23
CA ALA A 492 -30.76 26.86 -0.75
C ALA A 492 -31.29 28.18 -0.16
N ARG A 493 -32.52 28.52 -0.52
CA ARG A 493 -33.32 29.52 0.19
C ARG A 493 -34.37 28.78 1.03
N PRO A 494 -34.84 29.42 2.12
CA PRO A 494 -35.94 28.90 2.94
C PRO A 494 -37.04 28.18 2.14
N GLY A 495 -37.24 26.90 2.44
CA GLY A 495 -38.33 26.14 1.83
C GLY A 495 -37.92 25.29 0.65
N ASP A 496 -36.74 25.53 0.12
CA ASP A 496 -36.18 24.70 -0.94
C ASP A 496 -35.74 23.34 -0.36
N VAL A 497 -35.38 22.40 -1.22
CA VAL A 497 -34.81 21.13 -0.70
C VAL A 497 -33.40 20.76 -1.27
N VAL A 498 -32.53 20.31 -0.38
CA VAL A 498 -31.23 19.78 -0.80
C VAL A 498 -31.16 18.31 -0.44
N LEU A 499 -30.87 17.53 -1.48
CA LEU A 499 -30.73 16.08 -1.46
C LEU A 499 -29.30 15.72 -1.82
N ILE A 500 -28.64 15.01 -0.91
CA ILE A 500 -27.31 14.47 -1.17
C ILE A 500 -27.48 12.99 -1.57
N ALA A 501 -27.31 12.70 -2.85
CA ALA A 501 -27.65 11.42 -3.33
C ALA A 501 -26.43 10.53 -3.52
N GLY A 502 -26.71 9.21 -3.53
CA GLY A 502 -25.83 8.20 -4.12
C GLY A 502 -24.82 7.59 -3.19
N LYS A 503 -24.80 8.03 -1.93
CA LYS A 503 -24.08 7.31 -0.87
C LYS A 503 -25.03 6.68 0.17
N GLY A 504 -26.04 7.44 0.60
CA GLY A 504 -26.95 6.97 1.62
C GLY A 504 -26.20 6.71 2.91
N HIS A 505 -26.33 5.49 3.39
CA HIS A 505 -25.70 5.03 4.65
C HIS A 505 -24.23 4.68 4.44
N GLU A 506 -23.84 4.42 3.18
CA GLU A 506 -22.48 4.06 2.83
C GLU A 506 -21.50 5.19 3.28
N THR A 507 -20.25 4.84 3.59
CA THR A 507 -19.24 5.81 4.03
C THR A 507 -17.91 5.66 3.29
N GLY A 508 -16.98 6.59 3.48
CA GLY A 508 -15.72 6.57 2.76
C GLY A 508 -15.82 7.04 1.31
N GLN A 509 -14.73 7.65 0.83
CA GLN A 509 -14.49 7.90 -0.58
C GLN A 509 -13.33 7.01 -1.04
N ARG A 510 -13.60 6.05 -1.92
CA ARG A 510 -12.55 5.19 -2.44
C ARG A 510 -11.93 5.81 -3.70
N GLY A 511 -10.60 5.89 -3.73
CA GLY A 511 -9.87 6.56 -4.79
C GLY A 511 -8.50 6.00 -5.07
N ARG A 514 -6.29 4.28 -1.87
CA ARG A 514 -6.81 4.54 -0.54
C ARG A 514 -8.34 4.73 -0.50
N VAL A 515 -8.88 4.56 0.71
CA VAL A 515 -10.23 4.95 1.05
C VAL A 515 -10.06 6.15 1.97
N ARG A 516 -10.58 7.28 1.53
CA ARG A 516 -10.63 8.46 2.37
C ARG A 516 -11.96 8.46 3.15
N PRO A 517 -11.92 8.79 4.45
CA PRO A 517 -13.14 8.77 5.27
C PRO A 517 -14.14 9.84 4.87
N PHE A 518 -15.40 9.46 4.75
CA PHE A 518 -16.47 10.38 4.37
C PHE A 518 -17.84 9.89 4.85
N ASP A 519 -18.63 10.79 5.43
CA ASP A 519 -20.02 10.49 5.73
C ASP A 519 -20.93 11.66 5.36
N ASP A 520 -21.87 11.39 4.46
CA ASP A 520 -22.80 12.42 3.98
C ASP A 520 -23.66 13.09 5.08
N ARG A 521 -24.14 12.31 6.04
CA ARG A 521 -24.88 12.91 7.16
C ARG A 521 -24.01 13.96 7.84
N VAL A 522 -22.78 13.55 8.15
CA VAL A 522 -21.84 14.40 8.91
C VAL A 522 -21.45 15.63 8.12
N GLU A 523 -21.14 15.44 6.84
CA GLU A 523 -20.78 16.56 5.98
C GLU A 523 -21.94 17.51 5.81
N LEU A 524 -23.13 16.93 5.63
CA LEU A 524 -24.34 17.73 5.49
C LEU A 524 -24.62 18.55 6.73
N ALA A 525 -24.62 17.89 7.88
CA ALA A 525 -24.81 18.58 9.14
C ALA A 525 -23.74 19.67 9.34
N ALA A 526 -22.49 19.33 9.07
CA ALA A 526 -21.40 20.27 9.19
C ALA A 526 -21.64 21.52 8.38
N ALA A 527 -22.07 21.36 7.12
CA ALA A 527 -22.39 22.51 6.24
C ALA A 527 -23.52 23.39 6.79
N LEU A 528 -24.55 22.75 7.34
CA LEU A 528 -25.66 23.49 7.90
C LEU A 528 -25.23 24.32 9.09
N GLU A 529 -24.27 23.83 9.88
CA GLU A 529 -23.77 24.62 11.01
C GLU A 529 -22.98 25.87 10.54
N ALA A 530 -22.24 25.68 9.45
CA ALA A 530 -21.44 26.71 8.86
C ALA A 530 -22.32 27.82 8.33
N LEU A 531 -23.58 27.50 8.04
CA LEU A 531 -24.56 28.54 7.79
C LEU A 531 -24.92 29.17 9.13
N GLU A 532 -24.21 30.26 9.45
CA GLU A 532 -24.31 31.00 10.72
C GLU A 532 -23.87 30.14 11.89
N ARG B 27 -6.61 -8.42 9.57
CA ARG B 27 -5.29 -9.12 9.40
C ARG B 27 -4.71 -8.72 8.05
N PRO B 28 -3.38 -8.77 7.88
CA PRO B 28 -2.86 -8.43 6.57
C PRO B 28 -2.87 -9.62 5.63
N ASN B 29 -3.16 -9.32 4.36
CA ASN B 29 -3.27 -10.31 3.28
C ASN B 29 -1.96 -10.99 2.95
N ALA B 30 -0.88 -10.21 2.84
CA ALA B 30 0.41 -10.73 2.39
C ALA B 30 1.52 -10.64 3.43
N VAL B 31 1.66 -11.67 4.26
CA VAL B 31 2.79 -11.75 5.21
C VAL B 31 3.76 -12.88 4.82
N VAL B 32 5.04 -12.54 4.67
CA VAL B 32 6.08 -13.58 4.62
C VAL B 32 6.38 -14.06 6.04
N GLY B 33 6.40 -15.38 6.20
CA GLY B 33 6.48 -15.97 7.54
C GLY B 33 7.81 -15.82 8.25
N VAL B 34 7.92 -16.36 9.46
CA VAL B 34 9.20 -16.43 10.13
C VAL B 34 9.38 -17.88 10.51
N ARG B 35 10.53 -18.48 10.14
CA ARG B 35 10.85 -19.85 10.61
C ARG B 35 10.63 -19.86 12.12
N LEU B 36 10.12 -20.98 12.63
CA LEU B 36 9.79 -21.10 14.05
C LEU B 36 11.06 -21.11 14.93
N ALA B 37 12.12 -21.71 14.43
CA ALA B 37 13.44 -21.59 15.06
C ALA B 37 13.78 -20.12 15.39
N ALA B 38 13.70 -19.23 14.40
CA ALA B 38 14.08 -17.84 14.59
C ALA B 38 13.23 -17.16 15.66
N LEU B 39 11.94 -17.44 15.69
CA LEU B 39 11.13 -16.88 16.77
C LEU B 39 11.57 -17.45 18.11
N ALA B 40 11.80 -18.76 18.20
CA ALA B 40 12.29 -19.29 19.46
C ALA B 40 13.62 -18.59 19.87
N ASP B 41 14.66 -18.65 19.04
CA ASP B 41 15.97 -18.07 19.42
C ASP B 41 15.90 -16.60 19.82
N GLN B 42 14.94 -15.87 19.27
CA GLN B 42 14.82 -14.44 19.51
C GLN B 42 14.37 -14.19 20.93
N VAL B 43 13.20 -14.69 21.24
CA VAL B 43 12.63 -14.72 22.58
C VAL B 43 13.44 -15.55 23.55
N GLY B 44 14.24 -16.48 23.03
CA GLY B 44 14.94 -17.49 23.87
C GLY B 44 14.00 -18.42 24.63
N ALA B 45 13.00 -18.95 23.96
CA ALA B 45 12.09 -19.92 24.54
C ALA B 45 12.73 -21.28 24.41
N ALA B 46 12.16 -22.25 25.14
CA ALA B 46 12.61 -23.64 25.09
C ALA B 46 11.53 -24.51 24.45
N LEU B 47 11.80 -25.80 24.22
CA LEU B 47 10.86 -26.68 23.54
C LEU B 47 10.09 -27.63 24.46
N ARG B 54 13.08 -30.23 18.71
CA ARG B 54 12.23 -30.68 17.63
C ARG B 54 13.06 -30.97 16.40
N ALA B 55 13.74 -29.95 15.87
CA ALA B 55 14.54 -30.08 14.62
C ALA B 55 13.59 -30.16 13.44
N VAL B 56 12.34 -29.86 13.78
CA VAL B 56 11.20 -29.63 12.92
C VAL B 56 10.75 -28.17 13.13
N THR B 57 11.28 -27.54 14.18
CA THR B 57 11.10 -26.11 14.41
C THR B 57 11.88 -25.28 13.37
N GLU B 58 13.06 -25.77 13.03
CA GLU B 58 13.83 -25.22 11.92
C GLU B 58 13.00 -25.20 10.63
N ASP B 59 11.89 -25.91 10.65
CA ASP B 59 11.09 -26.15 9.46
C ASP B 59 9.81 -25.30 9.37
N ARG B 60 9.00 -25.28 10.42
CA ARG B 60 7.73 -24.56 10.38
C ARG B 60 7.89 -23.04 10.20
N THR B 61 7.01 -22.46 9.41
CA THR B 61 6.94 -21.03 9.20
C THR B 61 5.73 -20.57 9.99
N VAL B 62 5.93 -19.52 10.76
CA VAL B 62 4.84 -18.84 11.43
C VAL B 62 4.43 -17.60 10.62
N THR B 63 3.17 -17.56 10.20
CA THR B 63 2.63 -16.39 9.51
C THR B 63 1.56 -15.61 10.25
N GLY B 64 1.37 -15.90 11.54
CA GLY B 64 0.30 -15.28 12.28
C GLY B 64 0.51 -15.56 13.72
N VAL B 65 -0.15 -14.77 14.58
CA VAL B 65 -0.04 -14.94 16.03
C VAL B 65 -1.35 -14.53 16.62
N THR B 66 -1.91 -15.39 17.42
CA THR B 66 -3.05 -14.98 18.17
C THR B 66 -2.95 -15.62 19.53
N LEU B 67 -3.58 -14.93 20.49
CA LEU B 67 -3.71 -15.38 21.87
C LEU B 67 -5.17 -15.79 22.19
N ARG B 68 -6.02 -15.93 21.16
CA ARG B 68 -7.37 -16.48 21.36
C ARG B 68 -7.63 -17.70 20.45
N ALA B 69 -7.57 -18.90 21.02
CA ALA B 69 -7.63 -20.14 20.24
C ALA B 69 -8.60 -20.01 19.07
N GLN B 70 -9.79 -19.52 19.34
CA GLN B 70 -10.83 -19.53 18.34
C GLN B 70 -10.40 -18.72 17.14
N ASP B 71 -9.45 -17.82 17.35
CA ASP B 71 -9.02 -16.85 16.33
C ASP B 71 -7.83 -17.33 15.48
N VAL B 72 -7.38 -18.56 15.67
CA VAL B 72 -6.21 -18.97 14.93
C VAL B 72 -6.54 -19.28 13.51
N SER B 73 -5.71 -18.73 12.62
CA SER B 73 -5.70 -19.12 11.21
C SER B 73 -4.63 -20.19 11.15
N PRO B 74 -4.64 -21.01 10.08
CA PRO B 74 -3.51 -21.92 9.82
C PRO B 74 -2.19 -21.14 9.78
N GLY B 75 -1.10 -21.75 10.22
CA GLY B 75 0.20 -21.07 10.22
C GLY B 75 0.49 -20.15 11.39
N ASP B 76 -0.53 -19.83 12.18
CA ASP B 76 -0.40 -18.94 13.30
C ASP B 76 0.26 -19.66 14.44
N LEU B 77 0.95 -18.89 15.28
CA LEU B 77 1.47 -19.34 16.56
C LEU B 77 0.39 -19.00 17.53
N PHE B 78 -0.07 -19.99 18.27
CA PHE B 78 -1.04 -19.75 19.34
C PHE B 78 -0.34 -19.36 20.62
N ALA B 79 -0.53 -18.14 21.08
CA ALA B 79 -0.06 -17.84 22.43
C ALA B 79 -1.09 -18.30 23.47
N ALA B 80 -0.77 -19.36 24.20
CA ALA B 80 -1.57 -19.79 25.33
C ALA B 80 -1.11 -19.11 26.64
N LEU B 81 -1.81 -18.06 27.07
CA LEU B 81 -1.39 -17.31 28.28
C LEU B 81 -2.24 -17.64 29.48
N THR B 82 -1.74 -17.37 30.69
CA THR B 82 -2.58 -17.50 31.87
C THR B 82 -3.31 -16.19 32.08
N GLY B 83 -4.51 -16.23 32.63
CA GLY B 83 -5.31 -15.05 32.79
C GLY B 83 -6.05 -15.14 34.08
N SER B 84 -6.79 -14.08 34.40
CA SER B 84 -7.48 -14.02 35.67
C SER B 84 -8.65 -14.97 35.71
N THR B 85 -9.13 -15.40 34.55
CA THR B 85 -10.28 -16.29 34.51
C THR B 85 -9.90 -17.71 34.12
N THR B 86 -8.96 -17.84 33.19
CA THR B 86 -8.52 -19.17 32.78
C THR B 86 -7.05 -19.20 32.33
N HIS B 87 -6.65 -20.33 31.73
CA HIS B 87 -5.38 -20.46 31.03
C HIS B 87 -5.69 -20.93 29.62
N GLY B 88 -5.16 -20.22 28.63
CA GLY B 88 -5.37 -20.55 27.23
C GLY B 88 -4.71 -21.84 26.85
N ALA B 89 -3.86 -22.34 27.75
CA ALA B 89 -3.26 -23.67 27.60
C ALA B 89 -4.33 -24.71 27.49
N ARG B 90 -5.52 -24.40 27.99
CA ARG B 90 -6.64 -25.34 27.99
C ARG B 90 -7.46 -25.25 26.74
N HIS B 91 -6.90 -24.63 25.69
CA HIS B 91 -7.60 -24.40 24.42
C HIS B 91 -6.67 -24.75 23.29
N VAL B 92 -5.54 -25.32 23.66
CA VAL B 92 -4.58 -25.84 22.72
C VAL B 92 -5.23 -26.78 21.69
N GLY B 93 -5.98 -27.78 22.15
CA GLY B 93 -6.71 -28.66 21.24
C GLY B 93 -7.41 -27.89 20.15
N ASP B 94 -8.26 -26.94 20.54
CA ASP B 94 -9.02 -26.07 19.62
C ASP B 94 -8.15 -25.26 18.64
N ALA B 95 -7.03 -24.70 19.15
CA ALA B 95 -6.02 -23.96 18.35
C ALA B 95 -5.33 -24.81 17.30
N ILE B 96 -4.84 -25.94 17.78
CA ILE B 96 -4.30 -27.01 16.93
C ILE B 96 -5.30 -27.50 15.88
N ALA B 97 -6.54 -27.72 16.28
CA ALA B 97 -7.56 -28.17 15.32
C ALA B 97 -7.88 -27.12 14.26
N ARG B 98 -7.61 -25.84 14.57
CA ARG B 98 -7.77 -24.72 13.65
C ARG B 98 -6.51 -24.42 12.82
N GLY B 99 -5.49 -25.27 12.93
CA GLY B 99 -4.34 -25.19 12.06
C GLY B 99 -3.12 -24.45 12.58
N ALA B 100 -3.12 -24.18 13.89
CA ALA B 100 -1.97 -23.62 14.60
C ALA B 100 -0.70 -24.49 14.37
N VAL B 101 0.47 -23.87 14.19
CA VAL B 101 1.68 -24.63 13.85
C VAL B 101 2.62 -24.70 15.00
N ALA B 102 2.22 -24.15 16.15
CA ALA B 102 3.05 -24.09 17.36
C ALA B 102 2.29 -23.40 18.50
N VAL B 103 2.66 -23.76 19.73
CA VAL B 103 2.13 -23.09 20.90
C VAL B 103 3.23 -22.37 21.69
N LEU B 104 2.98 -21.12 22.08
CA LEU B 104 3.90 -20.41 22.98
C LEU B 104 3.22 -20.28 24.29
N THR B 105 3.70 -20.99 25.30
CA THR B 105 3.14 -20.90 26.66
C THR B 105 4.19 -20.75 27.81
N ASP B 106 3.68 -20.48 29.01
CA ASP B 106 4.54 -20.55 30.24
C ASP B 106 4.70 -21.95 30.79
N PRO B 107 5.47 -22.10 31.89
CA PRO B 107 5.53 -23.44 32.52
C PRO B 107 4.24 -23.91 33.19
N ALA B 108 3.44 -23.01 33.72
CA ALA B 108 2.12 -23.38 34.20
C ALA B 108 1.30 -23.97 33.05
N GLY B 109 1.57 -23.52 31.82
CA GLY B 109 0.89 -23.98 30.63
C GLY B 109 1.30 -25.38 30.23
N VAL B 110 2.62 -25.69 30.19
CA VAL B 110 3.06 -27.03 29.74
C VAL B 110 2.48 -28.10 30.63
N ALA B 111 2.35 -27.75 31.90
CA ALA B 111 1.67 -28.56 32.88
C ALA B 111 0.24 -28.89 32.42
N GLU B 112 -0.53 -27.87 32.03
CA GLU B 112 -1.87 -28.09 31.49
C GLU B 112 -1.80 -29.07 30.33
N ILE B 113 -1.09 -28.70 29.25
CA ILE B 113 -0.96 -29.57 28.08
C ILE B 113 -0.59 -31.00 28.46
N ALA B 114 0.25 -31.15 29.49
CA ALA B 114 0.86 -32.44 29.83
C ALA B 114 1.50 -32.99 28.56
N GLY B 115 1.29 -34.27 28.25
CA GLY B 115 1.74 -34.83 26.97
C GLY B 115 0.97 -34.17 25.83
N ARG B 116 1.13 -34.62 24.59
CA ARG B 116 0.01 -34.48 23.63
C ARG B 116 -0.26 -33.17 22.84
N ALA B 117 0.71 -32.45 22.30
CA ALA B 117 0.28 -31.60 21.21
C ALA B 117 0.96 -32.05 19.98
N ALA B 118 0.20 -32.10 18.89
CA ALA B 118 0.75 -32.47 17.61
C ALA B 118 1.82 -31.45 17.22
N VAL B 119 1.57 -30.20 17.52
CA VAL B 119 2.54 -29.17 17.21
C VAL B 119 3.55 -28.95 18.34
N PRO B 120 4.69 -28.29 18.03
CA PRO B 120 5.71 -27.80 18.97
C PRO B 120 5.21 -26.82 20.03
N VAL B 121 5.76 -26.98 21.23
CA VAL B 121 5.46 -26.10 22.37
C VAL B 121 6.66 -25.29 22.89
N LEU B 122 6.76 -24.05 22.45
CA LEU B 122 7.75 -23.11 22.96
C LEU B 122 7.39 -22.66 24.36
N VAL B 123 8.36 -22.67 25.26
CA VAL B 123 8.11 -22.29 26.64
C VAL B 123 8.91 -21.02 26.98
N HIS B 124 8.21 -20.03 27.49
CA HIS B 124 8.88 -18.86 28.00
C HIS B 124 8.32 -18.67 29.41
N PRO B 125 9.15 -18.15 30.35
CA PRO B 125 8.46 -17.48 31.47
C PRO B 125 7.90 -16.19 30.88
N ALA B 126 6.95 -15.53 31.56
CA ALA B 126 6.44 -14.21 31.06
C ALA B 126 6.22 -14.10 29.53
N PRO B 127 5.36 -14.96 28.95
CA PRO B 127 5.19 -14.86 27.50
C PRO B 127 4.53 -13.55 27.08
N ARG B 128 3.46 -13.18 27.78
CA ARG B 128 2.82 -11.91 27.50
C ARG B 128 3.80 -10.76 27.37
N GLY B 129 4.89 -10.83 28.08
CA GLY B 129 5.83 -9.76 27.97
C GLY B 129 6.83 -9.90 26.86
N VAL B 130 6.55 -10.72 25.87
CA VAL B 130 7.48 -10.96 24.77
C VAL B 130 6.65 -11.22 23.49
N LEU B 131 5.34 -11.32 23.69
CA LEU B 131 4.39 -11.48 22.63
C LEU B 131 4.38 -10.33 21.62
N GLY B 132 4.47 -9.09 22.10
CA GLY B 132 4.47 -7.93 21.20
C GLY B 132 5.56 -7.98 20.15
N GLY B 133 6.79 -8.16 20.63
CA GLY B 133 7.93 -8.27 19.76
C GLY B 133 7.84 -9.48 18.87
N LEU B 134 7.17 -10.51 19.37
CA LEU B 134 7.00 -11.66 18.54
C LEU B 134 6.05 -11.34 17.40
N ALA B 135 4.87 -10.88 17.74
CA ALA B 135 3.89 -10.46 16.75
C ALA B 135 4.46 -9.42 15.78
N ALA B 136 5.29 -8.52 16.30
CA ALA B 136 5.85 -7.45 15.50
C ALA B 136 6.73 -8.07 14.43
N THR B 137 7.39 -9.19 14.78
CA THR B 137 8.40 -9.80 13.88
C THR B 137 7.69 -10.56 12.79
N VAL B 138 6.75 -11.38 13.20
CA VAL B 138 5.99 -12.10 12.19
C VAL B 138 5.21 -11.20 11.25
N TYR B 139 4.83 -10.01 11.69
CA TYR B 139 4.07 -9.11 10.80
C TYR B 139 5.01 -8.08 10.23
N GLY B 140 6.31 -8.28 10.43
CA GLY B 140 7.34 -7.53 9.70
C GLY B 140 7.59 -6.12 10.19
N HIS B 141 7.21 -5.85 11.43
CA HIS B 141 7.52 -4.58 12.08
C HIS B 141 6.79 -3.40 11.50
N PRO B 142 5.46 -3.51 11.47
CA PRO B 142 4.66 -2.51 10.76
C PRO B 142 4.87 -1.08 11.28
N SER B 143 5.10 -0.93 12.58
CA SER B 143 5.30 0.38 13.21
C SER B 143 6.52 1.07 12.68
N GLU B 144 7.42 0.32 12.05
CA GLU B 144 8.61 0.93 11.47
C GLU B 144 8.36 1.54 10.07
N ARG B 145 7.11 1.44 9.61
CA ARG B 145 6.64 1.94 8.32
C ARG B 145 5.48 2.93 8.52
N LEU B 146 5.13 3.16 9.77
CA LEU B 146 4.06 4.07 10.10
C LEU B 146 4.54 5.15 11.11
N THR B 147 3.98 6.35 11.04
CA THR B 147 4.12 7.26 12.16
C THR B 147 3.01 6.96 13.08
N VAL B 148 3.34 6.33 14.20
CA VAL B 148 2.35 5.92 15.19
C VAL B 148 2.32 6.95 16.33
N ILE B 149 1.14 7.46 16.64
CA ILE B 149 1.01 8.41 17.72
C ILE B 149 0.27 7.72 18.83
N GLY B 150 0.80 7.81 20.05
CA GLY B 150 0.14 7.14 21.17
C GLY B 150 -0.37 8.18 22.13
N ILE B 151 -1.65 8.13 22.50
CA ILE B 151 -2.16 9.03 23.54
C ILE B 151 -2.63 8.26 24.80
N THR B 152 -2.01 8.57 25.93
CA THR B 152 -2.43 7.97 27.21
C THR B 152 -2.92 9.07 28.16
N GLY B 153 -3.43 8.67 29.33
CA GLY B 153 -4.00 9.64 30.23
C GLY B 153 -5.30 9.12 30.76
N THR B 154 -5.66 9.57 31.96
CA THR B 154 -6.90 9.12 32.56
C THR B 154 -8.12 9.52 31.69
N SER B 155 -8.21 10.77 31.24
CA SER B 155 -9.31 11.19 30.35
C SER B 155 -8.79 11.96 29.17
N GLY B 156 -9.54 11.87 28.07
CA GLY B 156 -9.32 12.74 26.95
C GLY B 156 -8.43 12.10 25.91
N LYS B 157 -8.24 10.80 26.06
CA LYS B 157 -7.58 10.02 25.01
C LYS B 157 -8.49 9.91 23.76
N THR B 158 -9.72 9.44 23.92
CA THR B 158 -10.57 9.32 22.81
C THR B 158 -10.69 10.69 22.13
N THR B 159 -10.93 11.74 22.89
CA THR B 159 -11.17 13.06 22.26
C THR B 159 -9.91 13.55 21.55
N THR B 160 -8.82 13.60 22.28
CA THR B 160 -7.58 14.01 21.64
C THR B 160 -7.25 13.21 20.39
N THR B 161 -7.61 11.92 20.35
CA THR B 161 -7.28 11.15 19.18
C THR B 161 -8.10 11.67 18.00
N TYR B 162 -9.40 11.89 18.22
CA TYR B 162 -10.26 12.36 17.15
C TYR B 162 -9.81 13.70 16.61
N LEU B 163 -9.33 14.56 17.52
CA LEU B 163 -8.88 15.87 17.15
C LEU B 163 -7.64 15.73 16.32
N VAL B 164 -6.70 14.89 16.74
CA VAL B 164 -5.51 14.64 15.94
C VAL B 164 -5.88 14.08 14.56
N GLU B 165 -6.74 13.06 14.55
CA GLU B 165 -7.18 12.42 13.30
C GLU B 165 -7.86 13.42 12.32
N ALA B 166 -8.51 14.45 12.87
CA ALA B 166 -9.28 15.41 12.06
C ALA B 166 -8.37 16.47 11.48
N GLY B 167 -7.35 16.85 12.23
CA GLY B 167 -6.30 17.69 11.69
C GLY B 167 -5.53 16.95 10.60
N LEU B 168 -5.11 15.72 10.90
CA LEU B 168 -4.55 14.80 9.89
C LEU B 168 -5.32 14.77 8.55
N ARG B 169 -6.64 14.60 8.63
CA ARG B 169 -7.43 14.46 7.42
C ARG B 169 -7.59 15.84 6.73
N ALA B 170 -7.76 16.91 7.52
CA ALA B 170 -7.79 18.25 6.93
C ALA B 170 -6.51 18.59 6.19
N ALA B 171 -5.37 18.04 6.59
CA ALA B 171 -4.14 18.35 5.94
C ALA B 171 -3.85 17.32 4.87
N GLY B 172 -4.88 16.60 4.44
CA GLY B 172 -4.71 15.54 3.47
C GLY B 172 -3.71 14.44 3.81
N ARG B 173 -3.81 13.87 5.01
CA ARG B 173 -3.01 12.68 5.34
C ARG B 173 -3.93 11.50 5.56
N VAL B 174 -3.59 10.34 5.00
CA VAL B 174 -4.28 9.07 5.35
C VAL B 174 -3.95 8.65 6.79
N ALA B 175 -4.98 8.49 7.60
CA ALA B 175 -4.80 8.22 9.01
C ALA B 175 -5.62 7.09 9.52
N GLY B 176 -5.04 6.29 10.40
CA GLY B 176 -5.79 5.26 11.08
C GLY B 176 -6.01 5.67 12.53
N LEU B 177 -7.10 5.22 13.12
CA LEU B 177 -7.43 5.56 14.49
C LEU B 177 -7.62 4.22 15.18
N ILE B 178 -7.23 4.12 16.44
CA ILE B 178 -7.50 2.94 17.25
C ILE B 178 -7.87 3.34 18.68
N GLY B 179 -9.07 3.00 19.12
CA GLY B 179 -9.47 3.43 20.46
C GLY B 179 -10.83 2.95 20.90
N THR B 180 -11.34 3.60 21.96
CA THR B 180 -12.56 3.21 22.65
C THR B 180 -13.73 3.00 21.64
N ILE B 181 -14.04 4.06 20.91
CA ILE B 181 -15.09 4.05 19.90
C ILE B 181 -14.95 2.98 18.79
N GLY B 182 -13.73 2.64 18.38
CA GLY B 182 -13.56 1.64 17.32
C GLY B 182 -12.20 1.61 16.68
N ILE B 183 -12.17 1.23 15.40
CA ILE B 183 -10.96 1.28 14.54
C ILE B 183 -11.31 1.91 13.20
N ARG B 184 -10.55 2.91 12.77
CA ARG B 184 -10.75 3.49 11.46
C ARG B 184 -9.52 3.22 10.60
N VAL B 185 -9.75 2.52 9.49
CA VAL B 185 -8.68 2.27 8.53
C VAL B 185 -8.93 3.22 7.37
N GLY B 186 -8.46 4.45 7.54
CA GLY B 186 -8.83 5.56 6.65
C GLY B 186 -10.34 5.84 6.69
N GLY B 187 -11.08 5.26 5.73
CA GLY B 187 -12.53 5.42 5.63
C GLY B 187 -13.33 4.34 6.31
N ALA B 188 -12.77 3.13 6.33
CA ALA B 188 -13.35 1.95 7.01
C ALA B 188 -13.56 2.22 8.50
N ASP B 189 -14.37 1.39 9.18
CA ASP B 189 -14.86 1.77 10.50
C ASP B 189 -15.19 0.57 11.40
N LEU B 190 -14.22 -0.30 11.63
CA LEU B 190 -14.41 -1.53 12.45
C LEU B 190 -14.66 -1.22 13.92
N PRO B 191 -15.31 -2.12 14.64
CA PRO B 191 -15.48 -1.83 16.04
C PRO B 191 -14.41 -2.54 16.86
N SER B 192 -14.06 -1.92 17.98
CA SER B 192 -13.00 -2.42 18.85
C SER B 192 -13.60 -3.07 20.10
N ALA B 193 -13.09 -4.25 20.46
CA ALA B 193 -13.43 -4.89 21.74
C ALA B 193 -12.83 -4.09 22.94
N LEU B 194 -11.52 -3.79 22.85
CA LEU B 194 -10.77 -3.13 23.89
C LEU B 194 -10.36 -1.78 23.36
N THR B 195 -9.82 -0.92 24.23
CA THR B 195 -9.41 0.44 23.82
C THR B 195 -8.06 0.35 23.14
N THR B 196 -7.20 -0.51 23.67
CA THR B 196 -5.99 -0.91 22.99
C THR B 196 -5.98 -2.42 22.93
N PRO B 197 -5.90 -2.97 21.72
CA PRO B 197 -5.99 -4.41 21.50
C PRO B 197 -4.73 -5.14 21.96
N GLU B 198 -4.92 -6.43 22.26
CA GLU B 198 -3.83 -7.34 22.54
C GLU B 198 -2.76 -7.23 21.43
N ALA B 199 -1.51 -7.51 21.79
CA ALA B 199 -0.34 -7.29 20.94
C ALA B 199 -0.45 -7.92 19.56
N PRO B 200 -0.78 -9.24 19.48
CA PRO B 200 -0.93 -9.77 18.11
C PRO B 200 -1.95 -9.00 17.25
N THR B 201 -3.14 -8.71 17.78
CA THR B 201 -4.10 -7.86 17.09
C THR B 201 -3.55 -6.52 16.66
N LEU B 202 -2.97 -5.80 17.59
CA LEU B 202 -2.37 -4.50 17.28
C LEU B 202 -1.47 -4.60 16.06
N GLN B 203 -0.46 -5.47 16.16
CA GLN B 203 0.58 -5.59 15.12
C GLN B 203 0.01 -5.99 13.77
N ALA B 204 -0.97 -6.88 13.82
CA ALA B 204 -1.63 -7.28 12.61
C ALA B 204 -2.48 -6.12 12.06
N MET B 205 -3.12 -5.36 12.92
CA MET B 205 -3.89 -4.22 12.44
C MET B 205 -2.96 -3.23 11.81
N LEU B 206 -1.80 -3.05 12.44
CA LEU B 206 -0.82 -2.12 11.98
C LEU B 206 -0.33 -2.58 10.60
N ALA B 207 -0.06 -3.87 10.52
CA ALA B 207 0.41 -4.47 9.29
C ALA B 207 -0.58 -4.21 8.15
N ALA B 208 -1.87 -4.35 8.46
CA ALA B 208 -2.94 -4.18 7.48
C ALA B 208 -3.03 -2.71 7.01
N MET B 209 -2.86 -1.80 7.96
CA MET B 209 -2.78 -0.37 7.69
C MET B 209 -1.60 0.03 6.79
N VAL B 210 -0.51 -0.71 6.87
CA VAL B 210 0.57 -0.52 5.90
C VAL B 210 0.09 -0.95 4.54
N GLU B 211 -0.57 -2.09 4.45
CA GLU B 211 -1.01 -2.58 3.16
C GLU B 211 -2.04 -1.65 2.58
N ARG B 212 -2.89 -1.11 3.46
CA ARG B 212 -3.96 -0.18 3.03
C ARG B 212 -3.49 1.24 2.67
N GLY B 213 -2.18 1.47 2.66
CA GLY B 213 -1.65 2.78 2.34
C GLY B 213 -1.63 3.84 3.42
N VAL B 214 -2.05 3.48 4.65
CA VAL B 214 -2.08 4.44 5.77
C VAL B 214 -0.68 4.98 6.07
N ASP B 215 -0.53 6.26 6.32
CA ASP B 215 0.81 6.73 6.61
C ASP B 215 0.97 7.04 8.11
N THR B 216 -0.10 7.48 8.75
CA THR B 216 -0.04 7.88 10.15
C THR B 216 -1.12 7.15 10.92
N VAL B 217 -0.85 6.79 12.15
CA VAL B 217 -1.85 6.11 12.96
C VAL B 217 -1.92 6.74 14.32
N VAL B 218 -3.14 7.10 14.74
CA VAL B 218 -3.31 7.73 16.07
C VAL B 218 -4.04 6.75 17.01
N MET B 219 -3.44 6.50 18.17
CA MET B 219 -3.85 5.41 19.05
C MET B 219 -4.19 5.88 20.46
N GLU B 220 -5.28 5.35 21.02
CA GLU B 220 -5.45 5.44 22.47
C GLU B 220 -4.54 4.38 23.12
N VAL B 221 -3.73 4.73 24.10
CA VAL B 221 -2.92 3.74 24.79
C VAL B 221 -3.26 3.72 26.27
N SER B 222 -4.15 2.80 26.61
CA SER B 222 -4.65 2.62 27.94
C SER B 222 -3.54 2.13 28.90
N SER B 223 -3.72 2.37 30.20
CA SER B 223 -2.70 1.99 31.17
C SER B 223 -2.75 0.51 31.38
N HIS B 224 -3.86 -0.11 30.99
CA HIS B 224 -3.90 -1.55 30.96
C HIS B 224 -2.90 -2.03 29.91
N ALA B 225 -3.00 -1.49 28.70
CA ALA B 225 -2.13 -1.98 27.64
C ALA B 225 -0.61 -1.89 27.91
N LEU B 226 -0.17 -0.91 28.67
CA LEU B 226 1.23 -0.85 28.97
C LEU B 226 1.53 -1.90 30.05
N ALA B 227 0.68 -2.00 31.06
CA ALA B 227 0.82 -3.04 32.07
C ALA B 227 0.86 -4.51 31.56
N LEU B 228 0.07 -4.85 30.55
CA LEU B 228 0.06 -6.22 30.04
C LEU B 228 0.87 -6.34 28.74
N GLY B 229 1.74 -5.35 28.53
CA GLY B 229 2.57 -5.26 27.32
C GLY B 229 1.87 -5.45 25.98
N ARG B 230 0.68 -4.86 25.85
CA ARG B 230 -0.04 -4.96 24.61
C ARG B 230 0.62 -4.18 23.47
N VAL B 231 1.39 -3.13 23.78
CA VAL B 231 2.00 -2.27 22.76
C VAL B 231 3.51 -2.55 22.60
N ASP B 232 3.89 -3.78 22.89
CA ASP B 232 5.26 -4.14 23.06
C ASP B 232 6.17 -3.99 21.87
N GLY B 233 5.75 -4.40 20.70
CA GLY B 233 6.66 -4.22 19.57
C GLY B 233 6.66 -2.86 18.86
N THR B 234 5.85 -1.93 19.36
CA THR B 234 5.48 -0.70 18.68
C THR B 234 6.49 0.44 18.85
N ARG B 235 6.97 1.01 17.74
CA ARG B 235 7.68 2.32 17.78
C ARG B 235 6.75 3.53 17.75
N PHE B 236 6.72 4.33 18.82
CA PHE B 236 5.93 5.60 18.84
C PHE B 236 6.69 6.84 18.37
N ALA B 237 6.14 7.49 17.35
CA ALA B 237 6.67 8.75 16.84
C ALA B 237 6.42 9.85 17.86
N VAL B 238 5.30 9.72 18.58
CA VAL B 238 4.83 10.69 19.56
C VAL B 238 4.07 10.00 20.68
N GLY B 239 4.27 10.50 21.89
CA GLY B 239 3.54 10.06 23.07
C GLY B 239 2.93 11.30 23.70
N ALA B 240 1.62 11.26 23.90
CA ALA B 240 0.90 12.37 24.53
C ALA B 240 0.33 11.92 25.86
N PHE B 241 0.39 12.84 26.81
CA PHE B 241 -0.15 12.59 28.11
C PHE B 241 -1.16 13.68 28.33
N THR B 242 -2.42 13.31 28.49
CA THR B 242 -3.44 14.27 28.78
C THR B 242 -3.49 14.64 30.30
N ASN B 243 -3.77 13.67 31.16
CA ASN B 243 -3.97 13.94 32.59
C ASN B 243 -4.02 12.64 33.43
N LEU B 244 -4.00 12.78 34.75
CA LEU B 244 -4.23 11.63 35.56
C LEU B 244 -5.10 11.93 36.76
N SER B 245 -6.08 11.05 36.98
CA SER B 245 -6.87 11.04 38.19
C SER B 245 -7.30 9.62 38.57
N ARG B 246 -7.74 9.43 39.81
CA ARG B 246 -8.08 8.10 40.32
C ARG B 246 -8.96 7.37 39.33
N ASP B 247 -8.34 6.41 38.63
CA ASP B 247 -9.07 5.46 37.82
C ASP B 247 -8.40 4.06 37.87
N HIS B 248 -9.14 3.03 37.46
CA HIS B 248 -8.61 1.72 37.26
C HIS B 248 -7.89 1.13 38.48
N LEU B 249 -8.29 1.60 39.65
CA LEU B 249 -7.71 1.12 40.89
C LEU B 249 -8.33 -0.21 41.38
N ASP B 250 -8.68 -1.08 40.44
CA ASP B 250 -9.22 -2.40 40.72
C ASP B 250 -8.52 -3.35 39.77
N PHE B 251 -7.57 -2.77 39.04
CA PHE B 251 -6.59 -3.54 38.26
C PHE B 251 -5.19 -3.17 38.71
N HIS B 252 -4.86 -1.89 38.66
CA HIS B 252 -3.57 -1.47 39.14
C HIS B 252 -3.70 -1.56 40.62
N PRO B 253 -2.65 -2.05 41.31
CA PRO B 253 -2.78 -2.18 42.75
C PRO B 253 -2.55 -0.88 43.52
N SER B 254 -2.07 0.17 42.85
CA SER B 254 -1.85 1.47 43.47
C SER B 254 -1.74 2.57 42.42
N MET B 255 -2.05 3.79 42.85
CA MET B 255 -1.94 4.98 42.02
C MET B 255 -0.56 5.12 41.43
N ALA B 256 0.43 4.72 42.21
CA ALA B 256 1.78 4.71 41.71
C ALA B 256 1.84 3.86 40.43
N ASP B 257 1.54 2.57 40.57
CA ASP B 257 1.59 1.67 39.45
C ASP B 257 0.84 2.18 38.27
N TYR B 258 -0.32 2.77 38.52
CA TYR B 258 -1.14 3.40 37.48
C TYR B 258 -0.36 4.50 36.73
N PHE B 259 0.31 5.38 37.50
CA PHE B 259 1.20 6.35 36.89
C PHE B 259 2.32 5.62 36.17
N GLU B 260 3.03 4.77 36.92
CA GLU B 260 4.18 4.04 36.39
C GLU B 260 3.94 3.35 35.05
N ALA B 261 2.77 2.75 34.90
CA ALA B 261 2.37 2.18 33.61
C ALA B 261 2.48 3.25 32.55
N KCX B 262 1.74 4.34 32.74
CA KCX B 262 1.70 5.45 31.79
CB KCX B 262 0.68 6.49 32.25
CG KCX B 262 -0.72 5.91 32.46
CD KCX B 262 -1.79 6.99 32.35
CE KCX B 262 -3.21 6.48 32.59
NZ KCX B 262 -3.75 5.91 31.38
C KCX B 262 3.07 6.07 31.57
O KCX B 262 3.47 6.43 30.47
CX KCX B 262 -5.01 5.53 31.38
OQ1 KCX B 262 -5.51 5.00 30.35
OQ2 KCX B 262 -5.70 5.72 32.42
N ALA B 263 3.84 6.17 32.65
CA ALA B 263 5.13 6.80 32.56
C ALA B 263 6.04 6.12 31.55
N SER B 264 5.81 4.83 31.33
CA SER B 264 6.72 3.98 30.57
C SER B 264 6.70 4.35 29.08
N LEU B 265 5.82 5.27 28.72
CA LEU B 265 5.75 5.75 27.35
C LEU B 265 6.65 6.99 27.17
N PHE B 266 7.02 7.62 28.28
CA PHE B 266 7.64 8.93 28.27
C PHE B 266 9.05 8.97 28.86
N ASP B 267 9.32 7.98 29.71
CA ASP B 267 10.61 7.84 30.37
C ASP B 267 11.68 7.71 29.29
N PRO B 268 12.67 8.64 29.26
CA PRO B 268 13.71 8.68 28.21
C PRO B 268 14.38 7.31 28.03
N ASP B 269 14.68 6.67 29.14
CA ASP B 269 15.36 5.39 29.14
C ASP B 269 14.44 4.19 28.93
N SER B 270 13.13 4.39 28.95
CA SER B 270 12.20 3.27 28.77
C SER B 270 12.20 2.63 27.36
N ALA B 271 11.85 1.34 27.33
CA ALA B 271 11.69 0.62 26.07
C ALA B 271 10.66 1.27 25.15
N LEU B 272 9.47 1.53 25.67
CA LEU B 272 8.41 2.14 24.84
C LEU B 272 8.61 3.63 24.46
N ARG B 273 9.58 4.33 25.07
CA ARG B 273 9.71 5.81 24.90
C ARG B 273 9.45 6.27 23.46
N ALA B 274 8.51 7.19 23.26
CA ALA B 274 8.26 7.80 21.93
C ALA B 274 9.39 8.73 21.44
N ARG B 275 9.53 8.88 20.12
CA ARG B 275 10.52 9.78 19.54
C ARG B 275 10.32 11.19 20.12
N THR B 276 9.07 11.62 20.28
CA THR B 276 8.69 12.93 20.87
C THR B 276 7.62 12.73 21.89
N ALA B 277 7.75 13.39 23.03
CA ALA B 277 6.69 13.39 24.02
C ALA B 277 5.88 14.73 24.07
N VAL B 278 4.57 14.62 24.28
CA VAL B 278 3.73 15.81 24.51
C VAL B 278 2.89 15.65 25.78
N VAL B 279 2.93 16.65 26.62
CA VAL B 279 2.43 16.54 27.96
C VAL B 279 1.61 17.78 28.35
N CYS B 280 0.38 17.56 28.77
CA CYS B 280 -0.41 18.61 29.35
C CYS B 280 0.08 18.88 30.78
N ILE B 281 0.25 20.16 31.10
CA ILE B 281 0.81 20.59 32.38
C ILE B 281 -0.25 20.97 33.40
N ASP B 282 -1.51 20.96 32.97
CA ASP B 282 -2.57 21.50 33.80
C ASP B 282 -2.85 20.67 35.05
N ASP B 283 -2.82 19.36 34.90
CA ASP B 283 -2.88 18.39 35.97
C ASP B 283 -1.55 18.39 36.71
N ASP B 284 -1.54 17.99 37.99
CA ASP B 284 -0.29 17.77 38.71
C ASP B 284 0.47 16.59 38.15
N ALA B 285 -0.20 15.46 38.00
CA ALA B 285 0.45 14.33 37.37
C ALA B 285 1.13 14.75 36.05
N GLY B 286 0.51 15.63 35.28
CA GLY B 286 1.12 16.16 34.08
C GLY B 286 2.51 16.74 34.33
N ARG B 287 2.62 17.63 35.32
CA ARG B 287 3.90 18.24 35.67
C ARG B 287 4.89 17.12 35.89
N ALA B 288 4.44 16.09 36.61
CA ALA B 288 5.30 15.00 37.03
C ALA B 288 5.74 14.16 35.86
N MET B 289 4.88 14.02 34.85
CA MET B 289 5.27 13.34 33.60
C MET B 289 6.20 14.15 32.72
N ALA B 290 5.95 15.46 32.62
CA ALA B 290 6.82 16.34 31.86
C ALA B 290 8.24 16.28 32.37
N ALA B 291 8.37 16.29 33.70
CA ALA B 291 9.67 16.15 34.32
C ALA B 291 10.31 14.76 34.02
N ARG B 292 9.47 13.73 33.85
CA ARG B 292 9.98 12.40 33.60
C ARG B 292 10.49 12.34 32.16
N ALA B 293 9.67 12.73 31.19
CA ALA B 293 10.08 12.73 29.79
C ALA B 293 11.31 13.63 29.51
N ALA B 294 11.71 14.45 30.46
CA ALA B 294 12.91 15.30 30.30
C ALA B 294 12.82 16.41 29.24
N ASP B 295 12.64 16.02 27.98
CA ASP B 295 12.44 16.97 26.87
C ASP B 295 11.02 16.91 26.31
N ALA B 296 10.01 17.08 27.16
CA ALA B 296 8.61 17.06 26.71
C ALA B 296 8.31 18.39 26.01
N ILE B 297 7.31 18.38 25.16
CA ILE B 297 6.70 19.62 24.68
C ILE B 297 5.50 19.81 25.56
N THR B 298 5.51 20.85 26.35
CA THR B 298 4.43 21.04 27.32
C THR B 298 3.38 21.91 26.76
N VAL B 299 2.23 21.82 27.41
CA VAL B 299 0.97 22.34 26.88
C VAL B 299 0.07 22.68 28.04
N SER B 300 -0.44 23.90 28.05
CA SER B 300 -1.29 24.34 29.14
C SER B 300 -2.45 25.18 28.66
N ALA B 301 -3.66 24.82 29.04
CA ALA B 301 -4.75 25.77 28.90
C ALA B 301 -5.07 26.56 30.18
N ALA B 302 -4.27 26.37 31.23
CA ALA B 302 -4.53 26.97 32.56
C ALA B 302 -3.54 28.08 33.02
N ASP B 303 -3.22 28.98 32.09
CA ASP B 303 -2.28 30.09 32.33
C ASP B 303 -0.92 29.63 32.90
N ARG B 304 -0.67 28.32 32.92
CA ARG B 304 0.67 27.81 33.26
C ARG B 304 1.64 28.00 32.07
N PRO B 305 2.94 28.20 32.34
CA PRO B 305 3.92 28.28 31.26
C PRO B 305 4.19 26.94 30.56
N ALA B 306 3.78 26.87 29.30
CA ALA B 306 3.95 25.69 28.46
C ALA B 306 4.48 26.08 27.09
N HIS B 307 4.95 25.11 26.30
CA HIS B 307 5.38 25.44 24.94
C HIS B 307 4.17 25.86 24.15
N TRP B 308 3.05 25.20 24.38
CA TRP B 308 1.76 25.65 23.82
C TRP B 308 0.83 26.13 24.93
N ARG B 309 0.23 27.27 24.69
CA ARG B 309 -0.62 27.91 25.68
C ARG B 309 -1.87 28.43 25.02
N ALA B 310 -2.98 28.40 25.73
CA ALA B 310 -4.23 28.89 25.17
C ALA B 310 -4.71 30.04 26.03
N THR B 311 -5.40 31.00 25.38
CA THR B 311 -6.01 32.12 26.06
C THR B 311 -7.10 32.69 25.16
N ASP B 312 -7.88 33.62 25.73
CA ASP B 312 -9.00 34.28 25.06
C ASP B 312 -10.06 33.27 24.74
N VAL B 313 -10.22 32.26 25.59
CA VAL B 313 -11.23 31.21 25.45
C VAL B 313 -12.62 31.79 25.57
N ALA B 314 -13.40 31.70 24.50
CA ALA B 314 -14.71 32.31 24.43
C ALA B 314 -15.74 31.26 24.03
N PRO B 315 -16.70 30.97 24.92
CA PRO B 315 -18.00 30.41 24.54
C PRO B 315 -18.51 31.02 23.24
N THR B 316 -19.13 30.21 22.41
CA THR B 316 -19.70 30.65 21.13
C THR B 316 -21.13 30.12 20.89
N ASP B 317 -21.91 30.79 20.05
CA ASP B 317 -23.18 30.20 19.59
C ASP B 317 -22.83 28.87 18.90
N ALA B 318 -23.69 27.87 19.09
CA ALA B 318 -23.44 26.48 18.70
C ALA B 318 -22.70 25.70 19.78
N GLY B 319 -22.58 26.31 20.97
CA GLY B 319 -21.96 25.65 22.13
C GLY B 319 -20.49 25.30 21.99
N GLY B 320 -19.81 25.93 21.04
CA GLY B 320 -18.40 25.64 20.81
C GLY B 320 -17.55 26.56 21.64
N GLN B 321 -16.26 26.56 21.36
CA GLN B 321 -15.30 27.44 22.04
C GLN B 321 -14.23 27.87 21.06
N GLN B 322 -14.00 29.17 20.95
CA GLN B 322 -12.85 29.65 20.21
C GLN B 322 -11.80 30.19 21.18
N PHE B 323 -10.56 30.22 20.73
CA PHE B 323 -9.43 30.64 21.58
C PHE B 323 -8.15 30.94 20.79
N THR B 324 -7.13 31.44 21.48
CA THR B 324 -5.85 31.61 20.88
C THR B 324 -4.90 30.53 21.32
N ALA B 325 -4.37 29.81 20.34
CA ALA B 325 -3.32 28.86 20.63
C ALA B 325 -2.01 29.58 20.39
N ILE B 326 -1.20 29.73 21.43
CA ILE B 326 0.14 30.29 21.28
C ILE B 326 1.19 29.21 21.23
N ASP B 327 1.88 29.10 20.10
CA ASP B 327 2.83 28.00 19.86
C ASP B 327 4.20 28.24 20.52
N PRO B 328 5.12 27.22 20.45
CA PRO B 328 6.37 27.34 21.17
C PRO B 328 7.18 28.51 20.66
N ALA B 329 6.79 29.06 19.52
CA ALA B 329 7.53 30.15 18.90
C ALA B 329 6.84 31.44 19.20
N GLY B 330 5.81 31.39 20.06
CA GLY B 330 5.11 32.61 20.54
C GLY B 330 4.11 33.21 19.57
N VAL B 331 3.83 32.49 18.48
CA VAL B 331 2.87 32.93 17.49
C VAL B 331 1.48 32.48 17.93
N GLY B 332 0.52 33.42 17.90
CA GLY B 332 -0.90 33.12 18.14
C GLY B 332 -1.61 32.52 16.94
N HIS B 333 -2.68 31.78 17.22
CA HIS B 333 -3.48 31.11 16.20
C HIS B 333 -4.91 31.09 16.68
N HIS B 334 -5.81 31.66 15.91
CA HIS B 334 -7.21 31.64 16.25
C HIS B 334 -7.86 30.33 15.88
N ILE B 335 -8.18 29.55 16.91
CA ILE B 335 -8.68 28.18 16.79
C ILE B 335 -10.14 28.20 17.20
N GLY B 336 -10.90 27.27 16.63
CA GLY B 336 -12.30 27.10 16.97
C GLY B 336 -12.63 25.63 17.11
N ILE B 337 -13.13 25.25 18.29
CA ILE B 337 -13.51 23.88 18.59
C ILE B 337 -15.04 23.71 18.86
N ARG B 338 -15.62 22.61 18.37
CA ARG B 338 -17.04 22.38 18.45
C ARG B 338 -17.44 21.82 19.81
N LEU B 339 -16.47 21.60 20.68
CA LEU B 339 -16.75 21.01 21.99
C LEU B 339 -16.73 21.99 23.18
N PRO B 340 -17.70 21.87 24.11
CA PRO B 340 -17.71 22.70 25.32
C PRO B 340 -16.81 22.11 26.39
N GLY B 341 -16.49 22.88 27.42
CA GLY B 341 -15.68 22.40 28.54
C GLY B 341 -14.22 22.78 28.46
N ARG B 342 -13.75 23.48 29.48
CA ARG B 342 -12.39 24.05 29.52
C ARG B 342 -11.29 23.05 29.17
N TYR B 343 -11.45 21.82 29.62
CA TYR B 343 -10.40 20.83 29.38
C TYR B 343 -10.37 20.33 27.92
N ASN B 344 -11.39 20.69 27.15
CA ASN B 344 -11.38 20.36 25.74
C ASN B 344 -10.53 21.32 24.96
N VAL B 345 -10.33 22.50 25.52
CA VAL B 345 -9.31 23.37 25.03
C VAL B 345 -7.97 22.63 25.21
N ALA B 346 -7.78 22.07 26.40
CA ALA B 346 -6.54 21.38 26.67
C ALA B 346 -6.36 20.23 25.72
N ASN B 347 -7.42 19.43 25.54
CA ASN B 347 -7.35 18.31 24.58
C ASN B 347 -6.93 18.83 23.21
N CYS B 348 -7.53 19.95 22.83
CA CYS B 348 -7.21 20.60 21.56
C CYS B 348 -5.78 21.08 21.37
N LEU B 349 -5.21 21.61 22.46
CA LEU B 349 -3.78 21.96 22.48
C LEU B 349 -2.91 20.73 22.35
N VAL B 350 -3.25 19.66 23.07
CA VAL B 350 -2.42 18.45 22.95
C VAL B 350 -2.38 18.00 21.50
N ALA B 351 -3.57 17.84 20.91
CA ALA B 351 -3.75 17.61 19.46
C ALA B 351 -2.98 18.61 18.59
N LEU B 352 -3.12 19.89 18.88
CA LEU B 352 -2.45 20.89 18.08
C LEU B 352 -0.95 20.68 18.09
N ALA B 353 -0.35 20.43 19.26
CA ALA B 353 1.07 20.19 19.35
C ALA B 353 1.38 18.83 18.66
N ILE B 354 0.57 17.81 18.87
CA ILE B 354 0.83 16.54 18.25
C ILE B 354 0.98 16.78 16.74
N LEU B 355 0.04 17.53 16.16
CA LEU B 355 0.00 17.74 14.68
C LEU B 355 1.27 18.42 14.21
N ASP B 356 1.64 19.46 14.94
CA ASP B 356 2.80 20.27 14.67
C ASP B 356 4.11 19.47 14.67
N THR B 357 4.36 18.61 15.67
CA THR B 357 5.55 17.75 15.63
C THR B 357 5.51 16.73 14.48
N VAL B 358 4.32 16.25 14.17
CA VAL B 358 4.14 15.31 13.08
C VAL B 358 4.07 16.10 11.75
N GLY B 359 4.43 17.38 11.83
CA GLY B 359 4.57 18.23 10.65
C GLY B 359 3.27 18.68 10.03
N VAL B 360 2.30 19.06 10.87
CA VAL B 360 1.06 19.71 10.41
C VAL B 360 0.86 20.99 11.23
N SER B 361 0.84 22.12 10.54
CA SER B 361 0.69 23.42 11.19
C SER B 361 -0.77 23.63 11.60
N PRO B 362 -1.02 24.60 12.51
CA PRO B 362 -2.40 24.93 12.94
C PRO B 362 -3.28 25.53 11.86
N GLU B 363 -2.67 26.16 10.87
CA GLU B 363 -3.38 26.65 9.69
C GLU B 363 -4.03 25.49 8.94
N GLN B 364 -3.26 24.45 8.68
CA GLN B 364 -3.73 23.27 7.98
C GLN B 364 -4.83 22.53 8.75
N ALA B 365 -4.74 22.54 10.06
CA ALA B 365 -5.60 21.69 10.91
C ALA B 365 -6.88 22.42 11.32
N VAL B 366 -6.79 23.71 11.38
CA VAL B 366 -7.85 24.44 12.00
C VAL B 366 -9.18 24.21 11.32
N PRO B 367 -9.18 23.95 9.97
CA PRO B 367 -10.51 23.72 9.37
C PRO B 367 -11.10 22.41 9.88
N GLY B 368 -10.28 21.38 10.04
CA GLY B 368 -10.75 20.11 10.57
C GLY B 368 -11.24 20.22 12.00
N LEU B 369 -10.44 20.82 12.86
CA LEU B 369 -10.79 20.96 14.26
C LEU B 369 -12.11 21.68 14.39
N ARG B 370 -12.30 22.70 13.56
CA ARG B 370 -13.51 23.55 13.63
C ARG B 370 -14.79 22.72 13.53
N GLU B 371 -14.75 21.69 12.68
CA GLU B 371 -15.93 20.88 12.43
C GLU B 371 -16.02 19.65 13.34
N ILE B 372 -14.91 19.01 13.67
CA ILE B 372 -14.98 17.68 14.34
C ILE B 372 -15.83 17.62 15.59
N ARG B 373 -16.73 16.64 15.56
CA ARG B 373 -17.61 16.27 16.66
C ARG B 373 -17.24 14.84 17.00
N VAL B 374 -16.65 14.65 18.18
CA VAL B 374 -16.29 13.31 18.66
C VAL B 374 -17.45 12.70 19.44
N PRO B 375 -17.84 11.46 19.07
CA PRO B 375 -19.11 10.87 19.49
C PRO B 375 -19.15 10.43 20.96
N GLY B 376 -20.26 10.73 21.62
CA GLY B 376 -20.42 10.41 23.05
C GLY B 376 -19.49 11.20 24.00
N ARG B 377 -18.73 12.14 23.44
CA ARG B 377 -17.97 13.09 24.22
C ARG B 377 -18.48 14.52 24.06
N LEU B 378 -19.17 15.00 25.09
CA LEU B 378 -19.88 16.25 25.01
C LEU B 378 -20.47 16.40 23.59
N GLU B 379 -20.96 15.26 23.06
CA GLU B 379 -21.61 15.21 21.77
C GLU B 379 -22.96 15.91 21.93
N GLN B 380 -23.05 17.08 21.33
CA GLN B 380 -24.28 17.83 21.39
C GLN B 380 -25.23 17.50 20.25
N ILE B 381 -26.45 17.12 20.62
CA ILE B 381 -27.52 16.92 19.65
C ILE B 381 -28.36 18.19 19.60
N ASP B 382 -28.57 18.76 18.41
CA ASP B 382 -29.30 20.06 18.31
C ASP B 382 -30.42 20.15 17.25
N ARG B 383 -30.92 19.02 16.79
CA ARG B 383 -32.22 18.97 16.14
C ARG B 383 -33.15 19.88 16.93
N GLY B 384 -33.69 20.88 16.25
CA GLY B 384 -34.47 21.94 16.92
C GLY B 384 -33.60 23.07 17.48
N GLN B 385 -34.00 23.60 18.64
CA GLN B 385 -33.27 24.66 19.33
C GLN B 385 -33.56 24.69 20.83
N GLY B 386 -32.94 25.65 21.53
CA GLY B 386 -33.31 26.01 22.89
C GLY B 386 -32.20 25.84 23.90
N PHE B 387 -32.05 24.61 24.36
CA PHE B 387 -31.11 24.28 25.40
C PHE B 387 -30.03 23.32 24.90
N LEU B 388 -28.98 23.16 25.70
CA LEU B 388 -27.86 22.33 25.33
C LEU B 388 -28.18 20.87 25.69
N ALA B 389 -28.22 20.02 24.68
CA ALA B 389 -28.49 18.60 24.88
C ALA B 389 -27.24 17.82 24.55
N LEU B 390 -26.73 17.08 25.53
CA LEU B 390 -25.45 16.41 25.35
C LEU B 390 -25.55 14.93 25.62
N VAL B 391 -24.72 14.16 24.91
CA VAL B 391 -24.44 12.75 25.28
C VAL B 391 -23.00 12.60 25.76
N ASP B 392 -22.81 11.94 26.89
CA ASP B 392 -21.47 11.71 27.42
C ASP B 392 -21.25 10.36 28.04
N TYR B 393 -20.01 9.89 27.92
CA TYR B 393 -19.60 8.57 28.31
C TYR B 393 -19.31 8.43 29.79
N ALA B 394 -19.10 9.55 30.47
CA ALA B 394 -18.69 9.55 31.88
C ALA B 394 -19.48 8.54 32.72
N HIS B 395 -18.79 7.47 33.12
CA HIS B 395 -19.41 6.32 33.78
C HIS B 395 -18.76 5.95 35.11
N LYS B 396 -17.83 6.78 35.56
CA LYS B 396 -17.15 6.52 36.83
C LYS B 396 -17.23 7.79 37.67
N PRO B 397 -17.23 7.66 39.01
CA PRO B 397 -17.46 8.84 39.85
C PRO B 397 -16.54 10.01 39.48
N GLU B 398 -15.25 9.73 39.23
CA GLU B 398 -14.32 10.80 38.89
C GLU B 398 -14.76 11.41 37.56
N ALA B 399 -15.02 10.55 36.60
CA ALA B 399 -15.50 10.99 35.29
C ALA B 399 -16.67 11.94 35.42
N LEU B 400 -17.65 11.57 36.23
CA LEU B 400 -18.89 12.34 36.37
C LEU B 400 -18.70 13.71 37.00
N ARG B 401 -17.94 13.76 38.09
CA ARG B 401 -17.65 15.02 38.77
C ARG B 401 -17.09 16.05 37.81
N SER B 402 -16.08 15.68 37.04
CA SER B 402 -15.40 16.68 36.22
C SER B 402 -16.34 17.24 35.15
N VAL B 403 -17.05 16.35 34.47
CA VAL B 403 -18.01 16.80 33.47
C VAL B 403 -19.08 17.74 34.03
N LEU B 404 -19.74 17.34 35.12
CA LEU B 404 -20.83 18.13 35.66
C LEU B 404 -20.34 19.52 36.03
N THR B 405 -19.08 19.63 36.44
CA THR B 405 -18.51 20.92 36.87
C THR B 405 -18.28 21.84 35.65
N THR B 406 -17.68 21.27 34.59
CA THR B 406 -17.40 22.05 33.36
C THR B 406 -18.69 22.50 32.70
N LEU B 407 -19.78 21.93 33.13
CA LEU B 407 -21.04 22.20 32.52
C LEU B 407 -21.91 23.05 33.42
N ALA B 408 -21.45 23.27 34.64
CA ALA B 408 -22.25 24.00 35.59
C ALA B 408 -21.95 25.49 35.48
N HIS B 409 -23.01 26.29 35.37
CA HIS B 409 -22.90 27.76 35.38
C HIS B 409 -24.09 28.28 36.17
N PRO B 410 -23.83 29.19 37.13
CA PRO B 410 -24.97 29.78 37.84
C PRO B 410 -25.85 30.50 36.84
N ASP B 411 -27.14 30.67 37.15
CA ASP B 411 -28.07 31.22 36.18
C ASP B 411 -28.36 30.27 35.00
N ARG B 412 -28.12 28.97 35.20
CA ARG B 412 -28.39 27.94 34.20
C ARG B 412 -28.66 26.62 34.89
N ARG B 413 -29.70 25.91 34.47
CA ARG B 413 -30.07 24.63 35.07
C ARG B 413 -29.39 23.47 34.38
N LEU B 414 -29.06 22.44 35.15
CA LEU B 414 -28.37 21.28 34.58
C LEU B 414 -29.07 19.99 34.96
N ALA B 415 -29.64 19.28 33.98
CA ALA B 415 -30.16 17.95 34.23
C ALA B 415 -29.15 16.88 33.83
N VAL B 416 -29.02 15.85 34.65
CA VAL B 416 -28.17 14.69 34.30
C VAL B 416 -28.96 13.42 34.37
N VAL B 417 -28.94 12.67 33.28
CA VAL B 417 -29.54 11.34 33.34
C VAL B 417 -28.51 10.29 33.07
N PHE B 418 -28.47 9.31 33.98
CA PHE B 418 -27.54 8.18 33.90
C PHE B 418 -27.97 7.06 34.80
N GLY B 419 -27.26 5.93 34.69
CA GLY B 419 -27.48 4.73 35.52
C GLY B 419 -26.20 3.88 35.58
N ALA B 420 -26.24 2.75 36.27
CA ALA B 420 -25.06 1.95 36.42
C ALA B 420 -25.24 0.52 35.92
N GLY B 421 -24.12 -0.10 35.54
CA GLY B 421 -24.10 -1.44 34.91
C GLY B 421 -24.05 -2.58 35.90
N GLY B 422 -24.84 -3.62 35.65
CA GLY B 422 -24.87 -4.82 36.47
C GLY B 422 -23.57 -5.59 36.36
N ASP B 423 -23.36 -6.51 37.32
CA ASP B 423 -22.13 -7.33 37.49
C ASP B 423 -20.82 -6.60 37.24
N ARG B 424 -20.87 -5.26 37.25
CA ARG B 424 -19.70 -4.41 36.95
C ARG B 424 -18.89 -3.98 38.18
N ASP B 425 -18.60 -2.68 38.30
CA ASP B 425 -17.84 -2.17 39.45
C ASP B 425 -18.76 -2.04 40.68
N PRO B 426 -18.79 -3.11 41.52
CA PRO B 426 -19.82 -3.27 42.58
C PRO B 426 -20.35 -1.97 43.23
N GLY B 427 -19.46 -1.14 43.78
CA GLY B 427 -19.88 0.01 44.57
C GLY B 427 -19.39 1.39 44.21
N LYS B 428 -19.22 1.63 42.90
CA LYS B 428 -19.11 3.00 42.33
C LYS B 428 -20.47 3.75 42.34
N ARG B 429 -21.54 3.00 42.58
CA ARG B 429 -22.91 3.48 42.39
C ARG B 429 -23.32 4.61 43.32
N ALA B 430 -23.33 4.30 44.61
CA ALA B 430 -23.68 5.23 45.65
C ALA B 430 -22.86 6.52 45.57
N PRO B 431 -21.53 6.44 45.27
CA PRO B 431 -20.77 7.69 45.09
C PRO B 431 -21.35 8.57 43.99
N MET B 432 -21.61 7.97 42.84
CA MET B 432 -22.09 8.77 41.71
C MET B 432 -23.38 9.58 41.97
N GLY B 433 -24.37 8.93 42.57
CA GLY B 433 -25.58 9.60 43.02
C GLY B 433 -25.26 10.82 43.84
N ARG B 434 -24.30 10.70 44.76
CA ARG B 434 -23.89 11.83 45.58
C ARG B 434 -23.35 12.97 44.71
N ILE B 435 -22.36 12.65 43.88
CA ILE B 435 -21.75 13.61 42.95
C ILE B 435 -22.79 14.29 42.06
N ALA B 436 -23.72 13.49 41.56
CA ALA B 436 -24.83 14.00 40.76
C ALA B 436 -25.71 14.96 41.54
N ALA B 437 -26.06 14.58 42.77
CA ALA B 437 -26.94 15.36 43.62
C ALA B 437 -26.32 16.73 43.86
N GLN B 438 -24.99 16.75 43.96
CA GLN B 438 -24.25 17.94 44.38
C GLN B 438 -24.15 18.94 43.26
N LEU B 439 -24.08 18.43 42.03
CA LEU B 439 -23.67 19.25 40.89
C LEU B 439 -24.76 19.46 39.86
N ALA B 440 -25.86 18.72 39.97
CA ALA B 440 -26.93 18.90 39.02
C ALA B 440 -28.16 19.49 39.68
N ASP B 441 -29.04 20.07 38.86
CA ASP B 441 -30.33 20.58 39.32
C ASP B 441 -31.43 19.50 39.23
N LEU B 442 -31.39 18.70 38.17
CA LEU B 442 -32.18 17.48 38.12
C LEU B 442 -31.26 16.32 37.87
N VAL B 443 -31.34 15.29 38.71
CA VAL B 443 -30.76 13.98 38.32
C VAL B 443 -31.85 12.93 38.06
N VAL B 444 -31.69 12.18 36.98
CA VAL B 444 -32.62 11.12 36.68
C VAL B 444 -31.89 9.79 36.70
N VAL B 445 -32.33 8.89 37.56
CA VAL B 445 -31.64 7.61 37.73
C VAL B 445 -32.36 6.53 36.94
N THR B 446 -31.62 5.84 36.06
CA THR B 446 -32.18 4.90 35.08
C THR B 446 -31.34 3.65 34.94
N ASP B 447 -31.77 2.80 34.02
CA ASP B 447 -31.02 1.60 33.74
C ASP B 447 -29.89 1.87 32.74
N ASP B 448 -28.71 1.31 33.01
CA ASP B 448 -27.63 1.26 32.03
C ASP B 448 -26.98 -0.10 32.15
N ASN B 449 -27.46 -1.06 31.35
CA ASN B 449 -27.01 -2.46 31.37
C ASN B 449 -27.09 -3.17 32.72
N PRO B 450 -28.31 -3.33 33.27
CA PRO B 450 -28.50 -4.04 34.51
C PRO B 450 -28.04 -5.51 34.49
N ARG B 451 -27.89 -6.09 33.29
CA ARG B 451 -27.35 -7.45 33.14
C ARG B 451 -28.19 -8.53 33.82
N ASP B 452 -27.57 -9.39 34.63
CA ASP B 452 -28.34 -10.34 35.44
C ASP B 452 -28.55 -9.85 36.87
N GLU B 453 -28.37 -8.54 37.05
CA GLU B 453 -28.70 -7.89 38.32
C GLU B 453 -30.16 -7.40 38.36
N ASP B 454 -30.59 -7.00 39.56
CA ASP B 454 -31.97 -6.66 39.82
C ASP B 454 -32.09 -5.15 39.68
N PRO B 455 -32.54 -4.68 38.49
CA PRO B 455 -32.31 -3.28 38.11
C PRO B 455 -32.67 -2.26 39.19
N THR B 456 -33.66 -2.58 40.02
CA THR B 456 -34.15 -1.66 41.06
C THR B 456 -33.19 -1.60 42.23
N ALA B 457 -32.43 -2.67 42.39
CA ALA B 457 -31.33 -2.66 43.34
C ALA B 457 -30.36 -1.58 42.88
N ILE B 458 -29.85 -1.72 41.66
CA ILE B 458 -28.86 -0.81 41.14
C ILE B 458 -29.26 0.65 41.34
N ARG B 459 -30.45 1.00 40.86
CA ARG B 459 -30.95 2.36 40.96
C ARG B 459 -31.08 2.79 42.42
N ARG B 460 -31.51 1.86 43.28
CA ARG B 460 -31.71 2.14 44.72
C ARG B 460 -30.39 2.46 45.43
N GLU B 461 -29.30 1.94 44.89
CA GLU B 461 -27.98 2.27 45.42
C GLU B 461 -27.50 3.66 45.01
N ILE B 462 -27.72 4.03 43.75
CA ILE B 462 -27.43 5.40 43.31
C ILE B 462 -28.25 6.45 44.11
N LEU B 463 -29.55 6.20 44.23
CA LEU B 463 -30.47 7.05 45.01
C LEU B 463 -30.13 7.11 46.50
N ALA B 464 -29.43 6.10 47.02
CA ALA B 464 -28.85 6.17 48.37
C ALA B 464 -27.85 7.34 48.41
N GLY B 465 -26.99 7.44 47.38
CA GLY B 465 -26.04 8.54 47.23
C GLY B 465 -26.70 9.90 47.08
N ALA B 466 -27.91 9.89 46.55
CA ALA B 466 -28.71 11.11 46.44
C ALA B 466 -29.12 11.67 47.80
N ALA B 467 -29.21 10.80 48.81
CA ALA B 467 -29.73 11.12 50.14
C ALA B 467 -29.31 12.50 50.70
N GLU B 468 -28.03 12.83 50.69
CA GLU B 468 -27.67 14.18 51.09
C GLU B 468 -28.28 15.26 50.12
N VAL B 469 -29.56 15.06 49.78
CA VAL B 469 -30.41 15.99 49.00
C VAL B 469 -30.56 17.30 49.81
N GLY B 470 -29.45 17.72 50.44
CA GLY B 470 -29.43 18.87 51.36
C GLY B 470 -30.14 20.13 50.90
N GLY B 471 -30.40 20.21 49.59
CA GLY B 471 -31.07 21.35 49.01
C GLY B 471 -31.08 21.32 47.50
N ASP B 472 -29.95 21.72 46.91
CA ASP B 472 -29.84 22.06 45.49
C ASP B 472 -30.56 21.10 44.51
N ALA B 473 -30.12 19.84 44.46
CA ALA B 473 -30.64 18.88 43.49
C ALA B 473 -32.12 18.54 43.66
N GLN B 474 -32.60 17.74 42.73
CA GLN B 474 -33.99 17.36 42.61
C GLN B 474 -33.89 16.06 41.83
N VAL B 475 -34.14 14.94 42.51
CA VAL B 475 -33.81 13.63 41.94
C VAL B 475 -35.04 12.78 41.76
N VAL B 476 -35.06 12.01 40.68
CA VAL B 476 -36.19 11.11 40.42
C VAL B 476 -35.72 9.85 39.70
N GLU B 477 -36.45 8.77 39.92
CA GLU B 477 -36.08 7.46 39.39
C GLU B 477 -37.01 7.11 38.24
N ILE B 478 -36.44 7.01 37.03
CA ILE B 478 -37.18 6.51 35.88
C ILE B 478 -36.40 5.33 35.29
N ALA B 479 -36.92 4.11 35.53
CA ALA B 479 -36.23 2.87 35.16
C ALA B 479 -36.01 2.78 33.66
N ASP B 480 -37.00 3.19 32.87
CA ASP B 480 -36.91 3.09 31.42
C ASP B 480 -35.99 4.20 30.90
N ARG B 481 -34.95 3.81 30.18
CA ARG B 481 -34.00 4.81 29.70
C ARG B 481 -34.60 5.83 28.71
N ARG B 482 -35.42 5.40 27.74
CA ARG B 482 -36.02 6.38 26.87
C ARG B 482 -36.93 7.35 27.64
N ASP B 483 -37.71 6.83 28.58
CA ASP B 483 -38.58 7.69 29.37
C ASP B 483 -37.78 8.64 30.24
N ALA B 484 -36.61 8.20 30.66
CA ALA B 484 -35.71 9.06 31.42
C ALA B 484 -35.28 10.21 30.52
N ILE B 485 -34.85 9.88 29.32
CA ILE B 485 -34.39 10.92 28.40
C ILE B 485 -35.53 11.93 28.10
N ARG B 486 -36.75 11.43 27.97
CA ARG B 486 -37.83 12.28 27.53
C ARG B 486 -38.27 13.18 28.64
N HIS B 487 -38.20 12.71 29.87
CA HIS B 487 -38.59 13.52 30.99
C HIS B 487 -37.67 14.72 31.07
N ALA B 488 -36.37 14.46 31.00
CA ALA B 488 -35.34 15.49 31.14
C ALA B 488 -35.47 16.54 30.04
N VAL B 489 -35.75 16.09 28.82
CA VAL B 489 -35.90 16.99 27.71
C VAL B 489 -37.09 17.94 27.92
N ALA B 490 -38.20 17.40 28.43
CA ALA B 490 -39.39 18.18 28.71
C ALA B 490 -39.23 19.03 30.00
N TRP B 491 -38.16 18.83 30.74
CA TRP B 491 -37.99 19.58 31.96
C TRP B 491 -37.11 20.80 31.69
N ALA B 492 -36.35 20.76 30.59
CA ALA B 492 -35.42 21.82 30.28
C ALA B 492 -36.17 23.03 29.83
N ARG B 493 -35.66 24.19 30.23
CA ARG B 493 -36.12 25.49 29.74
C ARG B 493 -34.96 26.02 28.89
N PRO B 494 -35.25 26.90 27.92
CA PRO B 494 -34.24 27.59 27.13
C PRO B 494 -32.98 27.95 27.92
N GLY B 495 -31.83 27.47 27.47
CA GLY B 495 -30.57 27.85 28.08
C GLY B 495 -30.03 26.89 29.12
N ASP B 496 -30.90 25.98 29.58
CA ASP B 496 -30.45 24.90 30.47
C ASP B 496 -29.58 23.88 29.72
N VAL B 497 -29.01 22.92 30.44
CA VAL B 497 -28.31 21.82 29.77
C VAL B 497 -28.80 20.41 30.19
N VAL B 498 -28.96 19.54 29.21
CA VAL B 498 -29.29 18.16 29.52
C VAL B 498 -28.19 17.27 29.06
N LEU B 499 -27.69 16.49 30.02
CA LEU B 499 -26.62 15.55 29.76
C LEU B 499 -27.09 14.14 29.96
N ILE B 500 -26.94 13.32 28.92
CA ILE B 500 -27.26 11.90 29.03
C ILE B 500 -25.98 11.12 29.31
N ALA B 501 -25.77 10.69 30.53
CA ALA B 501 -24.46 10.15 30.89
C ALA B 501 -24.35 8.61 30.91
N GLY B 502 -23.13 8.12 30.82
CA GLY B 502 -22.81 6.74 31.15
C GLY B 502 -22.92 5.68 30.07
N LYS B 503 -23.34 6.11 28.88
CA LYS B 503 -23.30 5.25 27.71
C LYS B 503 -22.33 5.77 26.65
N GLY B 504 -22.40 7.07 26.37
CA GLY B 504 -21.51 7.66 25.39
C GLY B 504 -21.79 7.05 24.04
N HIS B 505 -20.77 6.47 23.43
CA HIS B 505 -20.85 5.89 22.10
C HIS B 505 -21.46 4.49 22.17
N GLU B 506 -21.46 3.90 23.37
CA GLU B 506 -21.85 2.51 23.57
C GLU B 506 -23.33 2.37 23.20
N THR B 507 -23.78 1.17 22.81
CA THR B 507 -25.19 0.99 22.41
C THR B 507 -25.79 -0.25 23.04
N GLY B 508 -27.10 -0.42 22.87
CA GLY B 508 -27.83 -1.49 23.52
C GLY B 508 -28.06 -1.38 25.01
N GLN B 509 -29.16 -1.96 25.50
CA GLN B 509 -29.38 -2.20 26.91
C GLN B 509 -29.29 -3.69 27.15
N ARG B 510 -28.34 -4.13 27.97
CA ARG B 510 -28.22 -5.57 28.31
C ARG B 510 -28.96 -5.91 29.58
N GLY B 511 -29.88 -6.87 29.48
CA GLY B 511 -30.66 -7.31 30.62
C GLY B 511 -31.01 -8.81 30.60
N GLY B 512 -30.02 -9.69 30.81
CA GLY B 512 -30.28 -11.13 30.98
C GLY B 512 -30.47 -11.93 29.70
N GLY B 513 -31.67 -11.83 29.10
CA GLY B 513 -32.04 -12.61 27.90
C GLY B 513 -32.41 -11.80 26.67
N ARG B 514 -31.62 -10.75 26.44
CA ARG B 514 -31.77 -9.79 25.33
C ARG B 514 -30.87 -8.57 25.61
N VAL B 515 -29.82 -8.40 24.80
CA VAL B 515 -29.27 -7.06 24.61
C VAL B 515 -30.35 -6.37 23.81
N ARG B 516 -31.12 -5.50 24.47
CA ARG B 516 -32.13 -4.69 23.79
C ARG B 516 -31.50 -3.50 23.11
N PRO B 517 -31.89 -3.19 21.87
CA PRO B 517 -31.22 -2.13 21.14
C PRO B 517 -31.46 -0.78 21.74
N PHE B 518 -30.41 0.02 21.82
CA PHE B 518 -30.47 1.36 22.40
C PHE B 518 -29.32 2.27 21.94
N ASP B 519 -29.63 3.52 21.58
CA ASP B 519 -28.61 4.51 21.27
C ASP B 519 -29.05 5.82 21.87
N ASP B 520 -28.24 6.34 22.78
CA ASP B 520 -28.56 7.61 23.41
C ASP B 520 -28.61 8.82 22.47
N ARG B 521 -27.74 8.90 21.46
CA ARG B 521 -27.82 9.98 20.45
C ARG B 521 -29.19 9.98 19.77
N VAL B 522 -29.64 8.76 19.43
CA VAL B 522 -30.89 8.58 18.68
C VAL B 522 -32.09 8.86 19.58
N GLU B 523 -32.03 8.35 20.80
CA GLU B 523 -33.08 8.58 21.78
C GLU B 523 -33.24 10.06 22.10
N LEU B 524 -32.09 10.67 22.44
CA LEU B 524 -32.03 12.09 22.68
C LEU B 524 -32.59 12.87 21.51
N ALA B 525 -32.15 12.58 20.29
CA ALA B 525 -32.61 13.31 19.12
C ALA B 525 -34.09 13.14 18.93
N ALA B 526 -34.59 11.92 19.11
CA ALA B 526 -36.02 11.66 18.97
C ALA B 526 -36.84 12.44 20.00
N ALA B 527 -36.37 12.52 21.26
CA ALA B 527 -37.02 13.35 22.29
C ALA B 527 -37.08 14.82 21.91
N LEU B 528 -35.99 15.36 21.39
CA LEU B 528 -36.00 16.74 20.94
C LEU B 528 -37.01 17.02 19.83
N GLU B 529 -37.19 16.09 18.88
CA GLU B 529 -38.21 16.25 17.85
C GLU B 529 -39.66 16.25 18.43
N ALA B 530 -39.89 15.36 19.41
CA ALA B 530 -41.15 15.24 20.10
C ALA B 530 -41.50 16.52 20.87
N LEU B 531 -40.51 17.38 21.09
CA LEU B 531 -40.76 18.74 21.56
C LEU B 531 -41.18 19.62 20.37
N GLU B 532 -42.49 19.67 20.13
CA GLU B 532 -43.09 20.30 18.95
C GLU B 532 -42.76 19.56 17.66
N ARG C 27 17.36 15.03 -18.52
CA ARG C 27 17.13 16.30 -19.27
C ARG C 27 18.48 16.96 -19.56
N PRO C 28 18.58 17.78 -20.63
CA PRO C 28 19.86 18.42 -20.89
C PRO C 28 20.03 19.71 -20.09
N ASN C 29 21.23 19.93 -19.60
CA ASN C 29 21.54 21.07 -18.75
C ASN C 29 21.44 22.41 -19.46
N ALA C 30 21.90 22.48 -20.70
CA ALA C 30 22.01 23.74 -21.42
C ALA C 30 21.16 23.79 -22.68
N VAL C 31 19.90 24.18 -22.54
CA VAL C 31 19.06 24.41 -23.72
C VAL C 31 18.77 25.90 -23.92
N VAL C 32 19.04 26.41 -25.11
CA VAL C 32 18.53 27.73 -25.51
C VAL C 32 17.11 27.55 -25.97
N GLY C 33 16.24 28.44 -25.47
CA GLY C 33 14.81 28.28 -25.63
C GLY C 33 14.30 28.63 -27.02
N VAL C 34 13.01 28.44 -27.22
CA VAL C 34 12.34 28.86 -28.43
C VAL C 34 11.24 29.81 -28.00
N ARG C 35 11.19 31.02 -28.58
CA ARG C 35 10.09 31.94 -28.32
C ARG C 35 8.79 31.18 -28.55
N LEU C 36 7.79 31.40 -27.71
CA LEU C 36 6.58 30.62 -27.82
C LEU C 36 5.84 30.87 -29.15
N ALA C 37 5.91 32.11 -29.64
CA ALA C 37 5.41 32.48 -30.95
C ALA C 37 5.91 31.54 -32.05
N ALA C 38 7.21 31.28 -32.10
CA ALA C 38 7.80 30.40 -33.12
C ALA C 38 7.27 28.99 -33.03
N LEU C 39 7.17 28.47 -31.82
CA LEU C 39 6.56 27.16 -31.67
C LEU C 39 5.14 27.18 -32.25
N ALA C 40 4.40 28.25 -31.98
CA ALA C 40 3.02 28.29 -32.42
C ALA C 40 2.95 28.30 -33.92
N ASP C 41 3.64 29.23 -34.56
CA ASP C 41 3.59 29.34 -36.00
C ASP C 41 4.06 28.08 -36.73
N GLN C 42 5.01 27.36 -36.15
CA GLN C 42 5.54 26.13 -36.75
C GLN C 42 4.47 25.05 -36.86
N VAL C 43 3.99 24.57 -35.71
CA VAL C 43 2.83 23.70 -35.62
C VAL C 43 1.52 24.31 -36.19
N GLY C 44 1.44 25.64 -36.29
CA GLY C 44 0.21 26.35 -36.64
C GLY C 44 -0.92 26.16 -35.63
N ALA C 45 -0.62 26.28 -34.33
CA ALA C 45 -1.63 26.28 -33.27
C ALA C 45 -2.34 27.62 -33.18
N ALA C 46 -3.46 27.64 -32.48
CA ALA C 46 -4.22 28.86 -32.22
C ALA C 46 -4.15 29.15 -30.72
N LEU C 47 -4.64 30.32 -30.30
CA LEU C 47 -4.55 30.74 -28.91
C LEU C 47 -5.88 30.59 -28.18
N VAL C 56 1.92 38.44 -25.95
CA VAL C 56 2.74 37.93 -24.86
C VAL C 56 3.36 36.59 -25.23
N THR C 57 2.83 35.95 -26.26
CA THR C 57 3.40 34.72 -26.81
C THR C 57 4.72 35.04 -27.53
N GLU C 58 4.74 36.19 -28.21
CA GLU C 58 5.96 36.72 -28.81
C GLU C 58 7.06 36.88 -27.75
N ASP C 59 6.67 36.77 -26.47
CA ASP C 59 7.56 37.05 -25.34
C ASP C 59 8.11 35.82 -24.59
N ARG C 60 7.26 34.84 -24.28
CA ARG C 60 7.71 33.66 -23.51
C ARG C 60 8.71 32.80 -24.30
N THR C 61 9.69 32.26 -23.58
CA THR C 61 10.67 31.32 -24.11
C THR C 61 10.31 29.98 -23.54
N VAL C 62 10.23 28.99 -24.41
CA VAL C 62 10.01 27.62 -24.01
C VAL C 62 11.37 26.91 -23.95
N THR C 63 11.70 26.29 -22.82
CA THR C 63 12.96 25.54 -22.68
C THR C 63 12.79 24.08 -22.28
N GLY C 64 11.57 23.62 -22.26
CA GLY C 64 11.29 22.24 -21.95
C GLY C 64 9.95 21.82 -22.50
N VAL C 65 9.72 20.53 -22.60
CA VAL C 65 8.41 20.04 -23.01
C VAL C 65 8.10 18.79 -22.21
N THR C 66 6.92 18.78 -21.62
CA THR C 66 6.49 17.57 -20.98
C THR C 66 5.01 17.37 -21.22
N LEU C 67 4.62 16.10 -21.19
CA LEU C 67 3.24 15.76 -21.34
C LEU C 67 2.70 15.09 -20.05
N ARG C 68 3.45 15.25 -18.95
CA ARG C 68 3.03 14.78 -17.63
C ARG C 68 3.20 15.93 -16.63
N ALA C 69 2.08 16.53 -16.28
CA ALA C 69 2.05 17.72 -15.44
C ALA C 69 3.03 17.68 -14.26
N GLN C 70 3.08 16.57 -13.54
CA GLN C 70 3.96 16.46 -12.40
C GLN C 70 5.41 16.70 -12.79
N ASP C 71 5.71 16.46 -14.06
CA ASP C 71 7.09 16.48 -14.56
C ASP C 71 7.58 17.85 -15.01
N VAL C 72 6.72 18.85 -15.01
CA VAL C 72 7.13 20.14 -15.57
C VAL C 72 8.17 20.85 -14.74
N SER C 73 9.24 21.24 -15.42
CA SER C 73 10.19 22.23 -14.91
C SER C 73 9.69 23.60 -15.31
N PRO C 74 10.18 24.66 -14.65
CA PRO C 74 9.85 26.02 -15.09
C PRO C 74 10.26 26.24 -16.53
N GLY C 75 9.47 26.98 -17.30
CA GLY C 75 9.77 27.29 -18.70
C GLY C 75 9.35 26.23 -19.69
N ASP C 76 8.85 25.11 -19.18
CA ASP C 76 8.38 24.01 -20.01
C ASP C 76 7.04 24.36 -20.60
N LEU C 77 6.81 23.81 -21.79
CA LEU C 77 5.50 23.74 -22.42
C LEU C 77 4.83 22.43 -21.96
N PHE C 78 3.69 22.56 -21.29
CA PHE C 78 2.91 21.44 -20.91
C PHE C 78 2.05 21.01 -22.07
N ALA C 79 2.25 19.77 -22.52
CA ALA C 79 1.36 19.16 -23.49
C ALA C 79 0.24 18.42 -22.74
N ALA C 80 -0.95 19.01 -22.76
CA ALA C 80 -2.13 18.39 -22.17
C ALA C 80 -2.87 17.59 -23.22
N LEU C 81 -2.62 16.28 -23.26
CA LEU C 81 -3.26 15.41 -24.26
C LEU C 81 -4.41 14.61 -23.70
N THR C 82 -5.30 14.16 -24.59
CA THR C 82 -6.32 13.16 -24.21
C THR C 82 -5.73 11.72 -24.27
N GLY C 83 -6.19 10.86 -23.40
CA GLY C 83 -5.70 9.53 -23.37
C GLY C 83 -6.83 8.62 -22.97
N SER C 84 -6.56 7.32 -22.97
CA SER C 84 -7.56 6.36 -22.68
C SER C 84 -8.08 6.40 -21.26
N THR C 85 -7.31 6.96 -20.33
CA THR C 85 -7.75 7.01 -18.94
C THR C 85 -8.25 8.39 -18.50
N THR C 86 -7.61 9.44 -19.00
CA THR C 86 -7.99 10.78 -18.63
C THR C 86 -7.58 11.73 -19.72
N HIS C 87 -7.64 13.04 -19.41
CA HIS C 87 -7.15 14.11 -20.28
C HIS C 87 -6.25 14.97 -19.41
N GLY C 88 -5.07 15.23 -19.94
CA GLY C 88 -4.06 16.03 -19.25
C GLY C 88 -4.46 17.47 -19.06
N ALA C 89 -5.52 17.88 -19.77
CA ALA C 89 -6.13 19.18 -19.59
C ALA C 89 -6.61 19.39 -18.14
N ARG C 90 -6.86 18.30 -17.43
CA ARG C 90 -7.32 18.38 -16.07
C ARG C 90 -6.17 18.41 -15.09
N HIS C 91 -4.97 18.71 -15.58
CA HIS C 91 -3.82 18.82 -14.72
C HIS C 91 -3.06 20.07 -15.04
N VAL C 92 -3.73 20.96 -15.76
CA VAL C 92 -3.23 22.30 -16.04
C VAL C 92 -2.88 23.11 -14.77
N GLY C 93 -3.76 23.12 -13.79
CA GLY C 93 -3.47 23.78 -12.52
C GLY C 93 -2.12 23.38 -12.00
N ASP C 94 -1.89 22.08 -11.87
CA ASP C 94 -0.63 21.53 -11.35
C ASP C 94 0.58 21.91 -12.19
N ALA C 95 0.40 21.86 -13.51
CA ALA C 95 1.46 22.20 -14.46
C ALA C 95 1.83 23.67 -14.38
N ILE C 96 0.80 24.51 -14.40
CA ILE C 96 0.98 25.93 -14.17
C ILE C 96 1.69 26.22 -12.86
N ALA C 97 1.21 25.62 -11.76
CA ALA C 97 1.81 25.79 -10.41
C ALA C 97 3.25 25.29 -10.33
N ARG C 98 3.61 24.33 -11.21
CA ARG C 98 5.01 23.91 -11.43
C ARG C 98 5.81 24.77 -12.44
N GLY C 99 5.24 25.87 -12.89
CA GLY C 99 6.01 26.87 -13.61
C GLY C 99 5.97 26.73 -15.11
N ALA C 100 5.00 26.00 -15.60
CA ALA C 100 4.78 25.89 -17.04
C ALA C 100 4.51 27.27 -17.63
N VAL C 101 5.04 27.53 -18.81
CA VAL C 101 4.89 28.85 -19.42
C VAL C 101 3.88 28.86 -20.54
N ALA C 102 3.22 27.73 -20.78
CA ALA C 102 2.23 27.63 -21.85
C ALA C 102 1.65 26.23 -21.91
N VAL C 103 0.42 26.12 -22.39
CA VAL C 103 -0.22 24.83 -22.53
C VAL C 103 -0.52 24.53 -24.00
N LEU C 104 -0.22 23.32 -24.46
CA LEU C 104 -0.56 22.94 -25.83
C LEU C 104 -1.58 21.84 -25.76
N THR C 105 -2.81 22.14 -26.15
CA THR C 105 -3.90 21.15 -26.03
C THR C 105 -4.84 21.08 -27.24
N ASP C 106 -5.66 20.02 -27.30
CA ASP C 106 -6.72 19.92 -28.31
C ASP C 106 -7.99 20.69 -27.92
N PRO C 107 -8.99 20.75 -28.82
CA PRO C 107 -10.23 21.48 -28.44
C PRO C 107 -11.07 20.81 -27.35
N ALA C 108 -10.89 19.50 -27.16
CA ALA C 108 -11.49 18.77 -26.04
C ALA C 108 -10.85 19.28 -24.76
N GLY C 109 -9.59 19.70 -24.90
CA GLY C 109 -8.80 20.23 -23.80
C GLY C 109 -9.29 21.58 -23.39
N VAL C 110 -9.37 22.53 -24.34
CA VAL C 110 -9.77 23.91 -23.97
C VAL C 110 -11.12 23.95 -23.26
N ALA C 111 -12.00 23.00 -23.64
CA ALA C 111 -13.28 22.78 -22.96
C ALA C 111 -13.07 22.44 -21.50
N GLU C 112 -12.12 21.54 -21.20
CA GLU C 112 -11.74 21.23 -19.81
C GLU C 112 -11.27 22.47 -19.04
N ILE C 113 -10.23 23.13 -19.53
CA ILE C 113 -9.76 24.35 -18.90
C ILE C 113 -10.92 25.34 -18.62
N ALA C 114 -11.85 25.44 -19.56
CA ALA C 114 -12.87 26.51 -19.59
C ALA C 114 -12.15 27.85 -19.54
N GLY C 115 -12.59 28.73 -18.65
CA GLY C 115 -11.91 30.00 -18.42
C GLY C 115 -10.49 29.85 -17.91
N ARG C 116 -9.79 30.98 -17.98
CA ARG C 116 -8.45 31.20 -17.40
C ARG C 116 -7.54 30.01 -17.04
N ALA C 117 -6.39 30.02 -17.67
CA ALA C 117 -5.19 29.62 -17.04
C ALA C 117 -4.39 30.93 -17.05
N ALA C 118 -3.50 31.09 -16.09
CA ALA C 118 -2.58 32.22 -16.09
C ALA C 118 -1.72 32.23 -17.38
N VAL C 119 -1.24 31.07 -17.80
CA VAL C 119 -0.44 30.99 -19.00
C VAL C 119 -1.30 30.88 -20.27
N PRO C 120 -0.69 31.14 -21.45
CA PRO C 120 -1.23 30.95 -22.79
C PRO C 120 -1.57 29.50 -23.20
N VAL C 121 -2.69 29.35 -23.90
CA VAL C 121 -3.20 28.04 -24.34
C VAL C 121 -3.22 27.87 -25.88
N LEU C 122 -2.18 27.20 -26.39
CA LEU C 122 -2.07 26.86 -27.79
C LEU C 122 -2.99 25.68 -28.07
N VAL C 123 -3.76 25.79 -29.15
CA VAL C 123 -4.74 24.78 -29.51
C VAL C 123 -4.39 24.17 -30.84
N HIS C 124 -4.31 22.84 -30.86
CA HIS C 124 -4.02 22.12 -32.07
C HIS C 124 -5.03 20.98 -32.10
N PRO C 125 -5.53 20.63 -33.30
CA PRO C 125 -6.13 19.28 -33.32
C PRO C 125 -4.96 18.35 -33.27
N ALA C 126 -5.17 17.08 -32.97
CA ALA C 126 -4.00 16.17 -33.02
C ALA C 126 -2.66 16.76 -32.49
N PRO C 127 -2.62 17.20 -31.22
CA PRO C 127 -1.30 17.59 -30.69
C PRO C 127 -0.26 16.43 -30.65
N ARG C 128 -0.67 15.24 -30.20
CA ARG C 128 0.25 14.16 -30.03
C ARG C 128 1.01 13.97 -31.31
N GLY C 129 0.40 14.43 -32.39
CA GLY C 129 0.99 14.19 -33.70
C GLY C 129 1.95 15.26 -34.15
N VAL C 130 2.34 16.13 -33.25
CA VAL C 130 3.14 17.30 -33.58
C VAL C 130 4.04 17.66 -32.36
N LEU C 131 3.77 16.98 -31.27
CA LEU C 131 4.60 17.05 -30.11
C LEU C 131 6.07 16.67 -30.37
N GLY C 132 6.30 15.66 -31.20
CA GLY C 132 7.66 15.18 -31.48
C GLY C 132 8.53 16.30 -32.06
N GLY C 133 8.08 16.84 -33.20
CA GLY C 133 8.72 17.98 -33.85
C GLY C 133 8.80 19.21 -32.96
N LEU C 134 7.85 19.37 -32.05
CA LEU C 134 7.97 20.49 -31.13
C LEU C 134 9.12 20.27 -30.17
N ALA C 135 9.14 19.11 -29.51
CA ALA C 135 10.17 18.78 -28.54
C ALA C 135 11.57 18.82 -29.21
N ALA C 136 11.60 18.37 -30.46
CA ALA C 136 12.84 18.22 -31.22
C ALA C 136 13.37 19.58 -31.49
N THR C 137 12.48 20.56 -31.69
CA THR C 137 12.89 21.96 -31.87
C THR C 137 13.39 22.60 -30.58
N VAL C 138 12.58 22.54 -29.52
CA VAL C 138 13.04 23.11 -28.27
C VAL C 138 14.32 22.46 -27.75
N TYR C 139 14.58 21.21 -28.10
CA TYR C 139 15.82 20.60 -27.63
C TYR C 139 16.89 20.69 -28.67
N GLY C 140 16.62 21.47 -29.72
CA GLY C 140 17.60 21.81 -30.74
C GLY C 140 17.98 20.67 -31.65
N HIS C 141 17.07 19.76 -31.90
CA HIS C 141 17.27 18.75 -32.94
C HIS C 141 18.36 17.75 -32.68
N PRO C 142 18.33 17.10 -31.49
CA PRO C 142 19.46 16.28 -31.07
C PRO C 142 19.74 15.07 -31.95
N SER C 143 18.77 14.61 -32.73
CA SER C 143 19.01 13.47 -33.60
C SER C 143 19.78 13.86 -34.84
N GLU C 144 19.93 15.16 -35.12
CA GLU C 144 20.73 15.59 -36.27
C GLU C 144 22.24 15.63 -35.93
N ARG C 145 22.56 15.32 -34.66
CA ARG C 145 23.92 15.38 -34.10
C ARG C 145 24.34 14.00 -33.66
N LEU C 146 23.44 13.04 -33.78
CA LEU C 146 23.68 11.66 -33.36
C LEU C 146 23.35 10.69 -34.51
N THR C 147 24.10 9.62 -34.64
CA THR C 147 23.64 8.50 -35.45
C THR C 147 22.63 7.70 -34.60
N VAL C 148 21.35 7.78 -34.94
CA VAL C 148 20.32 7.06 -34.19
C VAL C 148 19.89 5.82 -34.97
N ILE C 149 20.01 4.67 -34.33
CA ILE C 149 19.57 3.44 -34.95
C ILE C 149 18.24 3.04 -34.31
N GLY C 150 17.22 2.78 -35.13
CA GLY C 150 15.97 2.26 -34.62
C GLY C 150 15.73 0.79 -34.95
N ILE C 151 15.43 -0.01 -33.94
CA ILE C 151 15.11 -1.44 -34.18
C ILE C 151 13.68 -1.82 -33.75
N THR C 152 12.86 -2.16 -34.75
CA THR C 152 11.47 -2.53 -34.53
C THR C 152 11.28 -4.04 -34.80
N GLY C 153 10.12 -4.56 -34.46
CA GLY C 153 9.83 -5.93 -34.76
C GLY C 153 9.06 -6.52 -33.61
N THR C 154 8.33 -7.59 -33.89
CA THR C 154 7.62 -8.28 -32.80
C THR C 154 8.58 -8.78 -31.72
N SER C 155 9.61 -9.53 -32.08
CA SER C 155 10.60 -9.99 -31.10
C SER C 155 12.01 -9.69 -31.55
N GLY C 156 12.90 -9.56 -30.55
CA GLY C 156 14.32 -9.47 -30.79
C GLY C 156 14.87 -8.07 -30.85
N LYS C 157 14.03 -7.09 -30.57
CA LYS C 157 14.48 -5.73 -30.50
C LYS C 157 15.48 -5.53 -29.35
N THR C 158 15.11 -5.96 -28.15
CA THR C 158 16.01 -5.83 -27.00
C THR C 158 17.35 -6.54 -27.25
N THR C 159 17.31 -7.78 -27.73
CA THR C 159 18.54 -8.56 -27.98
C THR C 159 19.37 -7.90 -29.08
N THR C 160 18.76 -7.65 -30.24
CA THR C 160 19.46 -6.90 -31.29
C THR C 160 20.06 -5.54 -30.84
N THR C 161 19.40 -4.84 -29.91
CA THR C 161 19.96 -3.56 -29.55
C THR C 161 21.24 -3.81 -28.74
N TYR C 162 21.23 -4.78 -27.85
CA TYR C 162 22.42 -5.07 -27.08
C TYR C 162 23.58 -5.54 -27.93
N LEU C 163 23.27 -6.33 -28.94
CA LEU C 163 24.29 -6.84 -29.84
C LEU C 163 24.92 -5.71 -30.63
N VAL C 164 24.07 -4.83 -31.19
CA VAL C 164 24.56 -3.57 -31.77
C VAL C 164 25.38 -2.73 -30.79
N GLU C 165 24.87 -2.56 -29.57
CA GLU C 165 25.55 -1.77 -28.56
C GLU C 165 26.90 -2.35 -28.19
N ALA C 166 27.02 -3.66 -28.28
CA ALA C 166 28.22 -4.36 -27.83
C ALA C 166 29.29 -4.31 -28.87
N GLY C 167 28.85 -4.34 -30.13
CA GLY C 167 29.75 -4.17 -31.26
C GLY C 167 30.29 -2.76 -31.22
N LEU C 168 29.37 -1.79 -31.09
CA LEU C 168 29.70 -0.36 -30.93
C LEU C 168 30.82 -0.10 -29.90
N ARG C 169 30.66 -0.68 -28.73
CA ARG C 169 31.62 -0.49 -27.71
C ARG C 169 32.94 -1.24 -28.02
N ALA C 170 32.85 -2.45 -28.57
CA ALA C 170 34.07 -3.16 -28.95
C ALA C 170 34.89 -2.36 -29.95
N ALA C 171 34.22 -1.58 -30.79
CA ALA C 171 34.91 -0.80 -31.80
C ALA C 171 35.24 0.59 -31.27
N GLY C 172 35.20 0.74 -29.95
CA GLY C 172 35.49 2.01 -29.29
C GLY C 172 34.62 3.18 -29.71
N ARG C 173 33.30 3.00 -29.73
CA ARG C 173 32.42 4.12 -29.99
C ARG C 173 31.61 4.30 -28.73
N VAL C 174 31.35 5.55 -28.35
CA VAL C 174 30.41 5.86 -27.27
C VAL C 174 28.99 5.68 -27.77
N ALA C 175 28.23 4.87 -27.03
CA ALA C 175 26.88 4.45 -27.44
C ALA C 175 25.85 4.62 -26.35
N GLY C 176 24.67 5.09 -26.72
CA GLY C 176 23.55 5.09 -25.83
C GLY C 176 22.63 3.99 -26.27
N LEU C 177 21.89 3.41 -25.32
CA LEU C 177 20.90 2.39 -25.63
C LEU C 177 19.64 2.88 -25.01
N ILE C 178 18.48 2.50 -25.57
CA ILE C 178 17.17 2.91 -25.01
C ILE C 178 16.23 1.76 -25.30
N GLY C 179 15.65 1.18 -24.26
CA GLY C 179 14.86 -0.01 -24.50
C GLY C 179 14.23 -0.63 -23.28
N THR C 180 13.70 -1.83 -23.46
CA THR C 180 12.84 -2.44 -22.46
C THR C 180 13.53 -2.44 -21.08
N ILE C 181 14.72 -3.02 -21.05
CA ILE C 181 15.57 -3.16 -19.85
C ILE C 181 15.91 -1.82 -19.18
N GLY C 182 16.19 -0.75 -19.94
CA GLY C 182 16.51 0.56 -19.37
C GLY C 182 17.01 1.58 -20.35
N ILE C 183 17.85 2.50 -19.86
CA ILE C 183 18.55 3.48 -20.69
C ILE C 183 20.02 3.45 -20.32
N ARG C 184 20.89 3.39 -21.32
CA ARG C 184 22.33 3.50 -21.04
C ARG C 184 22.94 4.72 -21.69
N VAL C 185 23.46 5.63 -20.87
CA VAL C 185 24.11 6.83 -21.38
C VAL C 185 25.57 6.54 -21.28
N GLY C 186 26.11 5.87 -22.30
CA GLY C 186 27.47 5.32 -22.23
C GLY C 186 27.58 4.28 -21.11
N GLY C 187 28.08 4.70 -19.95
CA GLY C 187 28.27 3.84 -18.75
C GLY C 187 27.14 3.91 -17.73
N ALA C 188 26.49 5.07 -17.65
CA ALA C 188 25.25 5.29 -16.87
C ALA C 188 24.17 4.26 -17.21
N ASP C 189 23.20 4.09 -16.32
CA ASP C 189 22.26 2.97 -16.41
C ASP C 189 20.88 3.23 -15.85
N LEU C 190 20.18 4.23 -16.41
CA LEU C 190 18.83 4.59 -15.95
C LEU C 190 17.79 3.51 -16.24
N PRO C 191 16.68 3.50 -15.48
CA PRO C 191 15.64 2.58 -15.89
C PRO C 191 14.60 3.29 -16.75
N SER C 192 13.94 2.54 -17.62
CA SER C 192 12.95 3.08 -18.50
C SER C 192 11.60 2.60 -18.03
N ALA C 193 10.63 3.52 -18.00
CA ALA C 193 9.21 3.18 -17.79
C ALA C 193 8.64 2.41 -18.99
N LEU C 194 8.80 3.00 -20.19
CA LEU C 194 8.37 2.43 -21.44
C LEU C 194 9.57 1.92 -22.29
N THR C 195 9.32 1.12 -23.34
CA THR C 195 10.39 0.62 -24.23
C THR C 195 10.82 1.76 -25.13
N THR C 196 9.84 2.52 -25.60
CA THR C 196 10.12 3.78 -26.31
C THR C 196 9.37 4.92 -25.61
N PRO C 197 10.13 5.89 -25.10
CA PRO C 197 9.56 6.96 -24.28
C PRO C 197 8.73 7.95 -25.08
N GLU C 198 7.84 8.64 -24.38
CA GLU C 198 7.06 9.69 -24.99
C GLU C 198 8.00 10.76 -25.63
N ALA C 199 7.57 11.35 -26.75
CA ALA C 199 8.39 12.23 -27.56
C ALA C 199 9.21 13.26 -26.83
N PRO C 200 8.58 14.02 -25.88
CA PRO C 200 9.44 14.99 -25.18
C PRO C 200 10.59 14.29 -24.41
N THR C 201 10.33 13.14 -23.78
CA THR C 201 11.37 12.45 -23.04
C THR C 201 12.46 11.98 -23.96
N LEU C 202 12.05 11.39 -25.08
CA LEU C 202 13.01 10.90 -26.06
C LEU C 202 13.92 12.02 -26.55
N GLN C 203 13.31 13.13 -26.99
CA GLN C 203 14.09 14.25 -27.50
C GLN C 203 15.06 14.77 -26.47
N ALA C 204 14.58 14.93 -25.23
CA ALA C 204 15.38 15.44 -24.11
C ALA C 204 16.47 14.45 -23.75
N MET C 205 16.18 13.15 -23.78
CA MET C 205 17.21 12.12 -23.57
C MET C 205 18.30 12.20 -24.62
N LEU C 206 17.88 12.32 -25.87
CA LEU C 206 18.78 12.49 -26.99
C LEU C 206 19.66 13.72 -26.82
N ALA C 207 19.02 14.83 -26.47
CA ALA C 207 19.71 16.08 -26.23
C ALA C 207 20.79 15.89 -25.18
N ALA C 208 20.45 15.17 -24.11
CA ALA C 208 21.35 14.97 -22.98
C ALA C 208 22.54 14.08 -23.38
N MET C 209 22.27 13.08 -24.22
CA MET C 209 23.33 12.25 -24.78
C MET C 209 24.29 13.04 -25.69
N VAL C 210 23.77 14.05 -26.40
CA VAL C 210 24.68 14.94 -27.14
C VAL C 210 25.59 15.62 -26.15
N GLU C 211 25.05 16.19 -25.09
CA GLU C 211 25.86 16.90 -24.11
C GLU C 211 26.87 15.95 -23.51
N ARG C 212 26.43 14.70 -23.29
CA ARG C 212 27.28 13.65 -22.68
C ARG C 212 28.33 13.06 -23.61
N GLY C 213 28.48 13.60 -24.81
CA GLY C 213 29.48 13.11 -25.76
C GLY C 213 29.15 11.85 -26.56
N VAL C 214 27.96 11.28 -26.36
CA VAL C 214 27.51 10.09 -27.10
C VAL C 214 27.48 10.35 -28.61
N ASP C 215 27.99 9.42 -29.41
CA ASP C 215 27.97 9.64 -30.84
C ASP C 215 26.91 8.84 -31.55
N THR C 216 26.62 7.64 -31.07
CA THR C 216 25.68 6.76 -31.72
C THR C 216 24.70 6.27 -30.68
N VAL C 217 23.41 6.18 -31.07
CA VAL C 217 22.37 5.68 -30.17
C VAL C 217 21.54 4.56 -30.81
N VAL C 218 21.43 3.43 -30.11
CA VAL C 218 20.66 2.31 -30.60
C VAL C 218 19.38 2.19 -29.75
N MET C 219 18.23 2.11 -30.39
CA MET C 219 16.90 2.29 -29.74
C MET C 219 16.03 1.16 -30.12
N GLU C 220 15.23 0.73 -29.17
CA GLU C 220 14.10 -0.13 -29.48
C GLU C 220 12.96 0.79 -29.95
N VAL C 221 12.33 0.48 -31.07
CA VAL C 221 11.20 1.28 -31.52
C VAL C 221 9.92 0.44 -31.62
N SER C 222 9.15 0.43 -30.53
CA SER C 222 7.90 -0.32 -30.40
C SER C 222 6.86 0.16 -31.37
N SER C 223 5.88 -0.69 -31.67
CA SER C 223 4.87 -0.32 -32.67
C SER C 223 3.88 0.63 -32.04
N HIS C 224 3.83 0.67 -30.72
CA HIS C 224 3.06 1.68 -30.06
C HIS C 224 3.67 3.06 -30.35
N ALA C 225 4.99 3.16 -30.17
CA ALA C 225 5.67 4.44 -30.33
C ALA C 225 5.50 5.02 -31.76
N LEU C 226 5.40 4.18 -32.77
CA LEU C 226 5.14 4.74 -34.07
C LEU C 226 3.69 5.16 -34.13
N ALA C 227 2.81 4.40 -33.49
CA ALA C 227 1.39 4.70 -33.59
C ALA C 227 1.01 6.00 -32.86
N LEU C 228 1.67 6.28 -31.72
CA LEU C 228 1.34 7.49 -30.93
C LEU C 228 2.34 8.63 -31.13
N GLY C 229 3.03 8.54 -32.27
CA GLY C 229 4.09 9.46 -32.67
C GLY C 229 5.17 9.77 -31.63
N ARG C 230 5.51 8.80 -30.81
CA ARG C 230 6.59 9.09 -29.89
C ARG C 230 7.98 9.42 -30.53
N VAL C 231 8.22 8.97 -31.75
CA VAL C 231 9.55 9.12 -32.33
C VAL C 231 9.54 10.21 -33.41
N ASP C 232 8.62 11.16 -33.28
CA ASP C 232 8.26 12.04 -34.37
C ASP C 232 9.37 12.97 -34.85
N GLY C 233 10.13 13.54 -33.96
CA GLY C 233 11.14 14.48 -34.50
C GLY C 233 12.47 13.88 -34.88
N THR C 234 12.57 12.55 -34.78
CA THR C 234 13.81 11.83 -34.81
C THR C 234 14.22 11.48 -36.23
N ARG C 235 15.48 11.78 -36.58
CA ARG C 235 16.15 11.30 -37.83
C ARG C 235 16.81 9.93 -37.53
N PHE C 236 16.42 8.88 -38.25
CA PHE C 236 17.07 7.56 -38.09
C PHE C 236 18.14 7.28 -39.15
N ALA C 237 19.36 7.03 -38.70
CA ALA C 237 20.44 6.62 -39.63
C ALA C 237 20.13 5.24 -40.20
N VAL C 238 19.45 4.42 -39.41
CA VAL C 238 19.19 3.04 -39.74
C VAL C 238 17.89 2.64 -39.08
N GLY C 239 17.07 1.88 -39.82
CA GLY C 239 15.90 1.22 -39.28
C GLY C 239 16.09 -0.25 -39.50
N ALA C 240 15.92 -1.04 -38.44
CA ALA C 240 15.97 -2.47 -38.61
C ALA C 240 14.62 -3.12 -38.31
N PHE C 241 14.33 -4.18 -39.04
CA PHE C 241 13.16 -4.97 -38.82
C PHE C 241 13.58 -6.39 -38.49
N THR C 242 13.30 -6.82 -37.26
CA THR C 242 13.54 -8.20 -36.91
C THR C 242 12.47 -9.17 -37.48
N ASN C 243 11.23 -9.05 -37.02
CA ASN C 243 10.23 -10.00 -37.43
C ASN C 243 8.85 -9.51 -37.06
N LEU C 244 7.80 -10.23 -37.46
CA LEU C 244 6.44 -9.93 -37.01
C LEU C 244 5.59 -11.16 -36.77
N SER C 245 5.00 -11.20 -35.59
CA SER C 245 3.96 -12.17 -35.28
C SER C 245 2.88 -11.55 -34.35
N ARG C 246 1.74 -12.21 -34.22
CA ARG C 246 0.57 -11.73 -33.48
C ARG C 246 0.94 -11.23 -32.10
N ASP C 247 1.02 -9.92 -31.98
CA ASP C 247 1.20 -9.23 -30.71
C ASP C 247 0.42 -7.90 -30.71
N HIS C 248 0.22 -7.38 -29.51
CA HIS C 248 -0.33 -6.03 -29.31
C HIS C 248 -1.72 -5.83 -29.95
N LEU C 249 -2.41 -6.94 -30.19
CA LEU C 249 -3.71 -6.90 -30.81
C LEU C 249 -4.78 -6.59 -29.81
N ASP C 250 -4.43 -5.73 -28.84
CA ASP C 250 -5.41 -5.18 -27.88
C ASP C 250 -5.14 -3.70 -27.77
N PHE C 251 -4.21 -3.25 -28.61
CA PHE C 251 -3.97 -1.85 -28.86
C PHE C 251 -4.22 -1.54 -30.33
N HIS C 252 -3.51 -2.24 -31.21
CA HIS C 252 -3.67 -2.06 -32.63
C HIS C 252 -4.94 -2.78 -32.93
N PRO C 253 -5.83 -2.17 -33.75
CA PRO C 253 -7.12 -2.80 -33.99
C PRO C 253 -7.06 -3.97 -34.97
N SER C 254 -5.94 -4.10 -35.69
CA SER C 254 -5.72 -5.18 -36.65
C SER C 254 -4.26 -5.44 -36.94
N MET C 255 -3.97 -6.66 -37.35
CA MET C 255 -2.61 -7.08 -37.72
C MET C 255 -2.05 -6.17 -38.78
N ALA C 256 -2.95 -5.67 -39.63
CA ALA C 256 -2.58 -4.71 -40.64
C ALA C 256 -1.98 -3.50 -39.95
N ASP C 257 -2.78 -2.86 -39.12
CA ASP C 257 -2.34 -1.63 -38.46
C ASP C 257 -1.07 -1.83 -37.72
N TYR C 258 -0.94 -3.02 -37.13
CA TYR C 258 0.28 -3.40 -36.42
C TYR C 258 1.49 -3.36 -37.40
N PHE C 259 1.33 -3.99 -38.57
CA PHE C 259 2.38 -3.96 -39.58
C PHE C 259 2.59 -2.52 -39.98
N GLU C 260 1.51 -1.88 -40.46
CA GLU C 260 1.53 -0.48 -40.94
C GLU C 260 2.26 0.51 -40.03
N ALA C 261 2.02 0.42 -38.72
CA ALA C 261 2.78 1.18 -37.76
C ALA C 261 4.26 0.95 -38.05
N KCX C 262 4.74 -0.27 -37.84
CA KCX C 262 6.13 -0.66 -38.10
CB KCX C 262 6.30 -2.15 -37.87
CG KCX C 262 5.85 -2.60 -36.53
CD KCX C 262 6.56 -3.91 -36.12
CE KCX C 262 6.11 -4.41 -34.73
NZ KCX C 262 6.77 -3.72 -33.60
C KCX C 262 6.61 -0.26 -39.51
O KCX C 262 7.70 0.27 -39.66
CX KCX C 262 6.68 -4.18 -32.36
OQ1 KCX C 262 7.25 -3.56 -31.44
OQ2 KCX C 262 6.02 -5.23 -32.16
N ALA C 263 5.78 -0.46 -40.52
CA ALA C 263 6.16 -0.07 -41.88
C ALA C 263 6.61 1.39 -42.02
N SER C 264 6.12 2.24 -41.13
CA SER C 264 6.30 3.64 -41.34
C SER C 264 7.75 4.04 -41.07
N LEU C 265 8.58 3.07 -40.74
CA LEU C 265 9.95 3.34 -40.42
C LEU C 265 10.81 3.05 -41.65
N PHE C 266 10.21 2.34 -42.61
CA PHE C 266 10.95 1.77 -43.74
C PHE C 266 10.43 2.24 -45.06
N ASP C 267 9.16 2.62 -45.08
CA ASP C 267 8.54 3.14 -46.30
C ASP C 267 9.37 4.28 -46.90
N PRO C 268 9.88 4.13 -48.15
CA PRO C 268 10.76 5.16 -48.72
C PRO C 268 10.14 6.53 -48.61
N ASP C 269 8.85 6.61 -48.92
CA ASP C 269 8.14 7.89 -48.92
C ASP C 269 7.67 8.37 -47.54
N SER C 270 7.83 7.55 -46.50
CA SER C 270 7.37 7.91 -45.14
C SER C 270 8.16 9.02 -44.49
N ALA C 271 7.50 9.81 -43.65
CA ALA C 271 8.17 10.85 -42.85
C ALA C 271 9.33 10.30 -41.96
N LEU C 272 9.08 9.19 -41.23
CA LEU C 272 10.12 8.56 -40.37
C LEU C 272 11.21 7.78 -41.13
N ARG C 273 11.01 7.46 -42.41
CA ARG C 273 11.96 6.61 -43.12
C ARG C 273 13.42 6.82 -42.72
N ALA C 274 14.11 5.76 -42.27
CA ALA C 274 15.57 5.82 -41.99
C ALA C 274 16.46 6.00 -43.24
N ARG C 275 17.64 6.61 -43.06
CA ARG C 275 18.60 6.72 -44.16
C ARG C 275 18.99 5.34 -44.75
N THR C 276 19.08 4.31 -43.94
CA THR C 276 19.28 2.95 -44.38
C THR C 276 18.24 2.08 -43.68
N ALA C 277 17.70 1.10 -44.40
CA ALA C 277 16.87 0.06 -43.78
C ALA C 277 17.58 -1.28 -43.77
N VAL C 278 17.46 -2.00 -42.63
CA VAL C 278 17.91 -3.39 -42.52
C VAL C 278 16.76 -4.30 -42.16
N VAL C 279 16.49 -5.32 -42.97
CA VAL C 279 15.34 -6.18 -42.74
C VAL C 279 15.69 -7.66 -42.75
N CYS C 280 15.20 -8.38 -41.75
CA CYS C 280 15.34 -9.84 -41.72
C CYS C 280 14.26 -10.52 -42.58
N ILE C 281 14.71 -11.43 -43.43
CA ILE C 281 13.85 -12.02 -44.47
C ILE C 281 13.22 -13.36 -44.07
N ASP C 282 13.63 -13.89 -42.93
CA ASP C 282 13.26 -15.22 -42.51
C ASP C 282 11.77 -15.34 -42.24
N ASP C 283 11.19 -14.30 -41.64
CA ASP C 283 9.75 -14.14 -41.41
C ASP C 283 9.10 -13.78 -42.74
N ASP C 284 7.85 -14.16 -42.96
CA ASP C 284 7.07 -13.61 -44.10
C ASP C 284 6.86 -12.09 -44.04
N ALA C 285 6.29 -11.58 -42.95
CA ALA C 285 6.25 -10.14 -42.72
C ALA C 285 7.56 -9.46 -43.10
N GLY C 286 8.71 -10.07 -42.79
CA GLY C 286 10.01 -9.54 -43.19
C GLY C 286 10.09 -9.34 -44.71
N ARG C 287 9.74 -10.37 -45.45
CA ARG C 287 9.84 -10.30 -46.90
C ARG C 287 9.03 -9.09 -47.29
N ALA C 288 7.86 -8.94 -46.65
CA ALA C 288 6.90 -7.92 -46.99
C ALA C 288 7.45 -6.54 -46.71
N MET C 289 8.20 -6.37 -45.61
CA MET C 289 8.85 -5.11 -45.29
C MET C 289 10.05 -4.79 -46.16
N ALA C 290 10.81 -5.80 -46.58
CA ALA C 290 11.95 -5.56 -47.46
C ALA C 290 11.49 -5.02 -48.82
N ALA C 291 10.34 -5.54 -49.28
CA ALA C 291 9.70 -5.03 -50.49
C ALA C 291 9.19 -3.61 -50.29
N ARG C 292 8.74 -3.29 -49.09
CA ARG C 292 8.31 -1.95 -48.80
C ARG C 292 9.47 -0.98 -48.83
N ALA C 293 10.50 -1.23 -48.04
CA ALA C 293 11.64 -0.34 -48.00
C ALA C 293 12.34 -0.18 -49.34
N ALA C 294 12.05 -1.07 -50.29
CA ALA C 294 12.63 -0.96 -51.63
C ALA C 294 14.14 -1.26 -51.71
N ASP C 295 14.97 -0.49 -51.01
CA ASP C 295 16.39 -0.70 -50.99
C ASP C 295 16.83 -1.14 -49.58
N ALA C 296 16.19 -2.18 -49.08
CA ALA C 296 16.61 -2.74 -47.82
C ALA C 296 17.93 -3.51 -47.97
N ILE C 297 18.69 -3.54 -46.89
CA ILE C 297 19.74 -4.52 -46.78
C ILE C 297 19.05 -5.69 -46.12
N THR C 298 19.08 -6.84 -46.79
CA THR C 298 18.35 -8.02 -46.31
C THR C 298 19.26 -8.95 -45.59
N VAL C 299 18.64 -9.77 -44.75
CA VAL C 299 19.34 -10.60 -43.78
C VAL C 299 18.58 -11.92 -43.57
N SER C 300 19.31 -13.05 -43.63
CA SER C 300 18.71 -14.37 -43.48
C SER C 300 19.63 -15.33 -42.79
N ALA C 301 19.13 -15.93 -41.72
CA ALA C 301 19.77 -17.10 -41.14
C ALA C 301 19.06 -18.41 -41.51
N ALA C 302 18.09 -18.34 -42.42
CA ALA C 302 17.34 -19.53 -42.86
C ALA C 302 17.54 -19.94 -44.34
N ASP C 303 18.80 -19.92 -44.78
CA ASP C 303 19.19 -20.33 -46.14
C ASP C 303 18.46 -19.54 -47.25
N ARG C 304 17.74 -18.47 -46.88
CA ARG C 304 17.12 -17.56 -47.88
C ARG C 304 18.15 -16.60 -48.45
N PRO C 305 17.97 -16.16 -49.73
CA PRO C 305 18.93 -15.22 -50.30
C PRO C 305 18.78 -13.85 -49.69
N ALA C 306 19.83 -13.39 -49.01
CA ALA C 306 19.88 -12.07 -48.42
C ALA C 306 21.26 -11.49 -48.70
N HIS C 307 21.42 -10.19 -48.46
CA HIS C 307 22.75 -9.57 -48.49
C HIS C 307 23.65 -10.15 -47.39
N TRP C 308 23.07 -10.31 -46.20
CA TRP C 308 23.76 -11.04 -45.13
C TRP C 308 23.14 -12.41 -44.87
N ARG C 309 23.98 -13.45 -44.82
CA ARG C 309 23.52 -14.82 -44.68
C ARG C 309 24.39 -15.52 -43.67
N ALA C 310 23.77 -16.44 -42.93
CA ALA C 310 24.50 -17.23 -41.97
C ALA C 310 24.52 -18.71 -42.36
N THR C 311 25.61 -19.41 -42.06
CA THR C 311 25.66 -20.88 -42.22
C THR C 311 26.74 -21.47 -41.32
N ASP C 312 26.75 -22.80 -41.22
CA ASP C 312 27.67 -23.51 -40.34
C ASP C 312 27.39 -23.18 -38.88
N VAL C 313 26.12 -22.99 -38.55
CA VAL C 313 25.69 -22.79 -37.16
C VAL C 313 25.98 -24.01 -36.32
N ALA C 314 26.83 -23.81 -35.32
CA ALA C 314 27.24 -24.90 -34.44
C ALA C 314 26.98 -24.53 -32.97
N PRO C 315 26.09 -25.30 -32.29
CA PRO C 315 26.12 -25.41 -30.84
C PRO C 315 27.54 -25.52 -30.34
N THR C 316 27.82 -24.92 -29.19
CA THR C 316 29.15 -24.96 -28.56
C THR C 316 29.04 -25.22 -27.06
N ASP C 317 30.13 -25.70 -26.45
CA ASP C 317 30.24 -25.74 -24.98
C ASP C 317 30.09 -24.30 -24.45
N ALA C 318 29.36 -24.15 -23.35
CA ALA C 318 28.91 -22.84 -22.81
C ALA C 318 27.61 -22.38 -23.45
N GLY C 319 26.92 -23.28 -24.13
CA GLY C 319 25.59 -23.01 -24.67
C GLY C 319 25.54 -21.90 -25.70
N GLY C 320 26.69 -21.56 -26.26
CA GLY C 320 26.75 -20.53 -27.26
C GLY C 320 26.54 -21.13 -28.64
N GLN C 321 26.71 -20.28 -29.65
CA GLN C 321 26.57 -20.67 -31.04
C GLN C 321 27.65 -19.96 -31.81
N GLN C 322 28.41 -20.73 -32.60
CA GLN C 322 29.30 -20.12 -33.60
C GLN C 322 28.79 -20.39 -34.99
N PHE C 323 29.07 -19.48 -35.92
CA PHE C 323 28.58 -19.58 -37.32
C PHE C 323 29.39 -18.71 -38.31
N THR C 324 29.09 -18.85 -39.60
CA THR C 324 29.70 -17.96 -40.59
C THR C 324 28.68 -16.93 -41.08
N ALA C 325 29.01 -15.65 -40.92
CA ALA C 325 28.21 -14.54 -41.46
C ALA C 325 28.82 -14.13 -42.78
N ILE C 326 28.03 -14.29 -43.84
CA ILE C 326 28.51 -13.99 -45.20
C ILE C 326 27.92 -12.63 -45.58
N ASP C 327 28.80 -11.66 -45.80
CA ASP C 327 28.40 -10.26 -46.00
C ASP C 327 27.90 -10.03 -47.42
N PRO C 328 27.45 -8.80 -47.73
CA PRO C 328 26.93 -8.52 -49.06
C PRO C 328 27.97 -8.63 -50.13
N ALA C 329 29.24 -8.66 -49.72
CA ALA C 329 30.31 -8.83 -50.67
C ALA C 329 30.74 -10.29 -50.80
N GLY C 330 29.97 -11.21 -50.22
CA GLY C 330 30.29 -12.65 -50.23
C GLY C 330 31.47 -13.12 -49.38
N VAL C 331 31.93 -12.26 -48.47
CA VAL C 331 33.03 -12.56 -47.56
C VAL C 331 32.50 -13.21 -46.30
N GLY C 332 33.07 -14.36 -45.93
CA GLY C 332 32.70 -15.04 -44.69
C GLY C 332 33.40 -14.45 -43.48
N HIS C 333 32.77 -14.63 -42.33
CA HIS C 333 33.29 -14.15 -41.05
C HIS C 333 32.93 -15.15 -39.97
N HIS C 334 33.92 -15.69 -39.28
CA HIS C 334 33.60 -16.61 -38.21
C HIS C 334 33.16 -15.81 -36.98
N ILE C 335 31.88 -15.94 -36.64
CA ILE C 335 31.24 -15.23 -35.52
C ILE C 335 30.93 -16.23 -34.41
N GLY C 336 30.85 -15.71 -33.19
CA GLY C 336 30.51 -16.50 -32.02
C GLY C 336 29.62 -15.67 -31.14
N ILE C 337 28.47 -16.25 -30.80
CA ILE C 337 27.49 -15.57 -29.96
C ILE C 337 27.21 -16.40 -28.67
N ARG C 338 27.01 -15.71 -27.54
CA ARG C 338 26.83 -16.41 -26.25
C ARG C 338 25.37 -16.87 -26.06
N LEU C 339 24.52 -16.63 -27.05
CA LEU C 339 23.10 -16.95 -26.92
C LEU C 339 22.67 -18.19 -27.71
N PRO C 340 21.89 -19.10 -27.09
CA PRO C 340 21.32 -20.22 -27.82
C PRO C 340 20.10 -19.78 -28.64
N GLY C 341 19.66 -20.63 -29.57
CA GLY C 341 18.48 -20.37 -30.36
C GLY C 341 18.79 -19.87 -31.75
N ARG C 342 18.21 -20.54 -32.74
CA ARG C 342 18.46 -20.24 -34.14
C ARG C 342 18.18 -18.78 -34.52
N TYR C 343 17.11 -18.21 -33.96
CA TYR C 343 16.74 -16.84 -34.32
C TYR C 343 17.72 -15.80 -33.77
N ASN C 344 18.50 -16.21 -32.79
CA ASN C 344 19.54 -15.32 -32.25
C ASN C 344 20.72 -15.16 -33.21
N VAL C 345 20.90 -16.15 -34.06
CA VAL C 345 21.84 -16.00 -35.16
C VAL C 345 21.27 -14.91 -36.06
N ALA C 346 19.96 -14.95 -36.26
CA ALA C 346 19.30 -13.93 -37.06
C ALA C 346 19.45 -12.58 -36.36
N ASN C 347 19.19 -12.51 -35.05
CA ASN C 347 19.34 -11.22 -34.32
C ASN C 347 20.74 -10.68 -34.57
N CYS C 348 21.72 -11.57 -34.43
CA CYS C 348 23.10 -11.23 -34.62
C CYS C 348 23.41 -10.71 -36.03
N LEU C 349 22.85 -11.35 -37.04
CA LEU C 349 23.05 -10.87 -38.40
C LEU C 349 22.54 -9.44 -38.53
N VAL C 350 21.34 -9.19 -38.01
CA VAL C 350 20.74 -7.85 -38.07
C VAL C 350 21.72 -6.83 -37.46
N ALA C 351 22.19 -7.13 -36.25
CA ALA C 351 23.13 -6.29 -35.56
C ALA C 351 24.39 -6.16 -36.39
N LEU C 352 24.86 -7.29 -36.94
CA LEU C 352 26.07 -7.30 -37.79
C LEU C 352 25.94 -6.34 -38.96
N ALA C 353 24.82 -6.45 -39.68
CA ALA C 353 24.56 -5.57 -40.79
C ALA C 353 24.38 -4.14 -40.31
N ILE C 354 23.73 -3.96 -39.16
CA ILE C 354 23.55 -2.61 -38.61
C ILE C 354 24.94 -1.97 -38.39
N LEU C 355 25.82 -2.69 -37.71
CA LEU C 355 27.15 -2.17 -37.44
C LEU C 355 27.87 -1.77 -38.72
N ASP C 356 27.83 -2.67 -39.71
CA ASP C 356 28.52 -2.49 -40.98
C ASP C 356 28.13 -1.20 -41.69
N THR C 357 26.84 -0.93 -41.77
CA THR C 357 26.36 0.30 -42.41
C THR C 357 26.72 1.53 -41.56
N VAL C 358 26.87 1.35 -40.26
CA VAL C 358 27.22 2.47 -39.42
C VAL C 358 28.74 2.54 -39.36
N GLY C 359 29.38 1.77 -40.25
CA GLY C 359 30.82 1.77 -40.38
C GLY C 359 31.56 1.05 -39.26
N VAL C 360 31.10 -0.15 -38.90
CA VAL C 360 31.85 -1.04 -38.03
C VAL C 360 31.86 -2.42 -38.65
N SER C 361 33.07 -2.92 -38.92
CA SER C 361 33.25 -4.22 -39.57
C SER C 361 33.02 -5.34 -38.57
N PRO C 362 32.75 -6.58 -39.05
CA PRO C 362 32.57 -7.73 -38.15
C PRO C 362 33.84 -8.06 -37.35
N GLU C 363 35.00 -7.82 -37.95
CA GLU C 363 36.26 -8.02 -37.29
C GLU C 363 36.28 -7.18 -36.02
N GLN C 364 35.88 -5.92 -36.13
CA GLN C 364 35.82 -5.00 -34.99
C GLN C 364 34.80 -5.39 -33.90
N ALA C 365 33.71 -6.00 -34.32
CA ALA C 365 32.59 -6.22 -33.43
C ALA C 365 32.69 -7.59 -32.80
N VAL C 366 33.35 -8.49 -33.50
CA VAL C 366 33.27 -9.87 -33.11
C VAL C 366 33.75 -10.10 -31.67
N PRO C 367 34.70 -9.28 -31.18
CA PRO C 367 35.11 -9.52 -29.80
C PRO C 367 33.98 -9.20 -28.84
N GLY C 368 33.23 -8.12 -29.15
CA GLY C 368 32.10 -7.68 -28.32
C GLY C 368 30.94 -8.65 -28.34
N LEU C 369 30.50 -9.04 -29.53
CA LEU C 369 29.45 -10.02 -29.70
C LEU C 369 29.75 -11.32 -28.94
N ARG C 370 31.01 -11.77 -29.02
CA ARG C 370 31.47 -13.01 -28.39
C ARG C 370 31.11 -13.07 -26.90
N GLU C 371 31.35 -11.97 -26.20
CA GLU C 371 31.09 -11.93 -24.77
C GLU C 371 29.66 -11.51 -24.39
N ILE C 372 29.02 -10.60 -25.13
CA ILE C 372 27.71 -10.05 -24.70
C ILE C 372 26.64 -11.07 -24.28
N ARG C 373 26.16 -10.85 -23.07
CA ARG C 373 25.05 -11.58 -22.48
C ARG C 373 23.95 -10.53 -22.25
N VAL C 374 22.86 -10.66 -22.99
CA VAL C 374 21.73 -9.75 -22.83
C VAL C 374 20.77 -10.30 -21.75
N PRO C 375 20.45 -9.47 -20.73
CA PRO C 375 19.73 -9.93 -19.51
C PRO C 375 18.29 -10.37 -19.72
N GLY C 376 17.93 -11.49 -19.11
CA GLY C 376 16.59 -12.05 -19.23
C GLY C 376 16.21 -12.62 -20.58
N ARG C 377 17.15 -12.57 -21.54
CA ARG C 377 16.96 -13.12 -22.90
C ARG C 377 17.92 -14.28 -23.04
N LEU C 378 17.34 -15.48 -22.97
CA LEU C 378 18.08 -16.74 -22.97
C LEU C 378 19.40 -16.66 -22.21
N GLU C 379 19.30 -16.23 -20.97
CA GLU C 379 20.46 -16.15 -20.16
C GLU C 379 20.65 -17.51 -19.52
N GLN C 380 21.77 -18.14 -19.84
CA GLN C 380 22.08 -19.45 -19.26
C GLN C 380 22.85 -19.39 -17.96
N ILE C 381 22.30 -19.99 -16.92
CA ILE C 381 22.96 -20.08 -15.65
C ILE C 381 23.66 -21.43 -15.65
N ASP C 382 24.97 -21.46 -15.34
CA ASP C 382 25.69 -22.75 -15.34
C ASP C 382 26.58 -23.11 -14.13
N ARG C 383 26.40 -22.40 -13.01
CA ARG C 383 26.87 -22.91 -11.72
C ARG C 383 26.63 -24.42 -11.66
N GLY C 384 27.72 -25.17 -11.56
CA GLY C 384 27.68 -26.61 -11.67
C GLY C 384 27.79 -27.05 -13.11
N GLN C 385 27.11 -28.15 -13.45
CA GLN C 385 27.10 -28.72 -14.80
C GLN C 385 25.88 -29.59 -15.06
N GLY C 386 25.81 -30.18 -16.26
CA GLY C 386 24.80 -31.18 -16.61
C GLY C 386 23.94 -30.73 -17.77
N PHE C 387 22.91 -29.97 -17.46
CA PHE C 387 21.87 -29.60 -18.43
C PHE C 387 21.86 -28.09 -18.65
N LEU C 388 21.14 -27.67 -19.67
CA LEU C 388 21.02 -26.25 -19.98
C LEU C 388 19.92 -25.62 -19.15
N ALA C 389 20.32 -24.68 -18.29
CA ALA C 389 19.36 -23.93 -17.46
C ALA C 389 19.27 -22.46 -17.90
N LEU C 390 18.11 -22.07 -18.39
CA LEU C 390 17.95 -20.74 -19.00
C LEU C 390 16.90 -19.91 -18.30
N VAL C 391 17.09 -18.61 -18.33
CA VAL C 391 16.05 -17.69 -17.94
C VAL C 391 15.66 -16.90 -19.18
N ASP C 392 14.34 -16.82 -19.42
CA ASP C 392 13.79 -16.05 -20.55
C ASP C 392 12.55 -15.22 -20.25
N TYR C 393 12.46 -14.09 -20.95
CA TYR C 393 11.43 -13.12 -20.74
C TYR C 393 10.12 -13.48 -21.40
N ALA C 394 10.16 -14.35 -22.40
CA ALA C 394 8.99 -14.73 -23.21
C ALA C 394 7.71 -14.84 -22.38
N HIS C 395 6.82 -13.86 -22.53
CA HIS C 395 5.62 -13.72 -21.68
C HIS C 395 4.30 -13.66 -22.45
N LYS C 396 4.38 -13.76 -23.77
CA LYS C 396 3.20 -13.71 -24.64
C LYS C 396 3.19 -14.96 -25.51
N PRO C 397 1.98 -15.44 -25.91
CA PRO C 397 1.88 -16.70 -26.64
C PRO C 397 2.82 -16.79 -27.85
N GLU C 398 2.94 -15.71 -28.62
CA GLU C 398 3.83 -15.69 -29.78
C GLU C 398 5.27 -15.81 -29.33
N ALA C 399 5.64 -15.05 -28.30
CA ALA C 399 6.98 -15.11 -27.70
C ALA C 399 7.37 -16.56 -27.28
N LEU C 400 6.46 -17.21 -26.56
CA LEU C 400 6.68 -18.53 -26.01
C LEU C 400 6.87 -19.62 -27.10
N ARG C 401 5.98 -19.63 -28.09
CA ARG C 401 6.08 -20.61 -29.15
C ARG C 401 7.47 -20.61 -29.76
N SER C 402 7.96 -19.42 -30.13
CA SER C 402 9.22 -19.33 -30.88
C SER C 402 10.38 -19.87 -30.06
N VAL C 403 10.48 -19.40 -28.82
CA VAL C 403 11.52 -19.88 -27.91
C VAL C 403 11.52 -21.42 -27.75
N LEU C 404 10.38 -22.00 -27.42
CA LEU C 404 10.30 -23.42 -27.13
C LEU C 404 10.74 -24.27 -28.33
N THR C 405 10.48 -23.76 -29.53
CA THR C 405 10.83 -24.47 -30.76
C THR C 405 12.33 -24.42 -31.00
N THR C 406 12.95 -23.25 -30.79
CA THR C 406 14.39 -23.10 -30.99
C THR C 406 15.16 -23.91 -29.98
N LEU C 407 14.46 -24.31 -28.93
CA LEU C 407 15.10 -25.04 -27.86
C LEU C 407 14.78 -26.52 -27.88
N ALA C 408 13.81 -26.89 -28.70
CA ALA C 408 13.45 -28.29 -28.81
C ALA C 408 14.36 -29.02 -29.80
N HIS C 409 14.87 -30.14 -29.36
CA HIS C 409 15.62 -31.05 -30.17
C HIS C 409 15.13 -32.44 -29.74
N PRO C 410 14.78 -33.29 -30.70
CA PRO C 410 14.48 -34.68 -30.32
C PRO C 410 15.69 -35.29 -29.59
N ASP C 411 15.47 -36.29 -28.75
CA ASP C 411 16.55 -36.92 -27.98
C ASP C 411 17.07 -35.98 -26.92
N ARG C 412 16.25 -35.00 -26.55
CA ARG C 412 16.55 -34.04 -25.46
C ARG C 412 15.26 -33.56 -24.80
N ARG C 413 15.23 -33.52 -23.49
CA ARG C 413 14.00 -33.15 -22.78
C ARG C 413 13.95 -31.67 -22.48
N LEU C 414 12.76 -31.10 -22.49
CA LEU C 414 12.58 -29.68 -22.31
C LEU C 414 11.52 -29.36 -21.23
N ALA C 415 11.99 -28.85 -20.09
CA ALA C 415 11.10 -28.33 -19.05
C ALA C 415 10.91 -26.84 -19.22
N VAL C 416 9.65 -26.39 -19.12
CA VAL C 416 9.33 -24.95 -19.09
C VAL C 416 8.56 -24.62 -17.83
N VAL C 417 9.09 -23.68 -17.07
CA VAL C 417 8.29 -23.12 -15.98
C VAL C 417 7.96 -21.63 -16.23
N PHE C 418 6.68 -21.31 -16.09
CA PHE C 418 6.23 -19.92 -16.21
C PHE C 418 4.86 -19.77 -15.57
N GLY C 419 4.43 -18.51 -15.50
CA GLY C 419 3.09 -18.14 -15.04
C GLY C 419 2.64 -16.86 -15.71
N ALA C 420 1.44 -16.39 -15.38
CA ALA C 420 0.90 -15.16 -15.96
C ALA C 420 0.57 -14.09 -14.92
N GLY C 421 0.59 -12.83 -15.36
CA GLY C 421 0.41 -11.66 -14.51
C GLY C 421 -1.06 -11.40 -14.25
N GLY C 422 -1.43 -11.43 -12.97
CA GLY C 422 -2.81 -11.22 -12.56
C GLY C 422 -3.21 -9.77 -12.71
N ASP C 423 -4.50 -9.57 -12.90
CA ASP C 423 -5.05 -8.30 -13.37
C ASP C 423 -4.41 -7.76 -14.67
N ARG C 424 -3.30 -8.37 -15.12
CA ARG C 424 -2.77 -8.12 -16.46
C ARG C 424 -3.61 -8.95 -17.44
N ASP C 425 -4.48 -8.27 -18.17
CA ASP C 425 -5.23 -8.80 -19.32
C ASP C 425 -5.60 -10.30 -19.34
N PRO C 426 -6.79 -10.65 -18.81
CA PRO C 426 -7.22 -12.03 -18.75
C PRO C 426 -6.75 -12.95 -19.89
N GLY C 427 -7.03 -12.62 -21.15
CA GLY C 427 -6.93 -13.54 -22.31
C GLY C 427 -5.78 -14.52 -22.60
N LYS C 428 -4.56 -14.00 -22.73
CA LYS C 428 -3.35 -14.73 -23.20
C LYS C 428 -3.03 -16.05 -22.52
N ARG C 429 -3.68 -16.30 -21.39
CA ARG C 429 -3.29 -17.38 -20.48
C ARG C 429 -3.49 -18.77 -21.07
N ALA C 430 -4.75 -19.08 -21.38
CA ALA C 430 -5.17 -20.36 -21.95
C ALA C 430 -4.43 -20.74 -23.24
N PRO C 431 -4.18 -19.77 -24.15
CA PRO C 431 -3.29 -20.06 -25.28
C PRO C 431 -1.88 -20.57 -24.88
N MET C 432 -1.22 -19.86 -23.97
CA MET C 432 0.13 -20.22 -23.57
C MET C 432 0.27 -21.67 -23.06
N GLY C 433 -0.62 -22.07 -22.16
CA GLY C 433 -0.61 -23.42 -21.65
C GLY C 433 -0.68 -24.45 -22.76
N ARG C 434 -1.46 -24.15 -23.80
CA ARG C 434 -1.56 -25.01 -25.00
C ARG C 434 -0.22 -25.08 -25.72
N ILE C 435 0.33 -23.92 -26.09
CA ILE C 435 1.63 -23.85 -26.72
C ILE C 435 2.70 -24.57 -25.89
N ALA C 436 2.64 -24.38 -24.57
CA ALA C 436 3.54 -25.07 -23.62
C ALA C 436 3.36 -26.57 -23.70
N ALA C 437 2.13 -27.03 -23.66
CA ALA C 437 1.84 -28.47 -23.65
C ALA C 437 2.42 -29.09 -24.87
N GLN C 438 2.48 -28.27 -25.93
CA GLN C 438 2.74 -28.79 -27.26
C GLN C 438 4.23 -28.99 -27.45
N LEU C 439 5.01 -28.10 -26.87
CA LEU C 439 6.41 -28.00 -27.25
C LEU C 439 7.39 -28.38 -26.15
N ALA C 440 6.89 -28.51 -24.93
CA ALA C 440 7.69 -28.92 -23.79
C ALA C 440 7.39 -30.37 -23.34
N ASP C 441 8.32 -30.95 -22.60
CA ASP C 441 8.14 -32.27 -22.04
C ASP C 441 7.59 -32.20 -20.63
N LEU C 442 8.01 -31.15 -19.90
CA LEU C 442 7.45 -30.81 -18.61
C LEU C 442 7.10 -29.34 -18.67
N VAL C 443 5.84 -29.02 -18.33
CA VAL C 443 5.50 -27.63 -18.04
C VAL C 443 5.07 -27.49 -16.56
N VAL C 444 5.61 -26.46 -15.91
CA VAL C 444 5.28 -26.18 -14.52
C VAL C 444 4.58 -24.82 -14.47
N VAL C 445 3.35 -24.82 -13.96
CA VAL C 445 2.57 -23.60 -13.97
C VAL C 445 2.62 -22.94 -12.60
N THR C 446 3.10 -21.69 -12.58
CA THR C 446 3.41 -20.97 -11.34
C THR C 446 2.84 -19.54 -11.32
N ASP C 447 3.09 -18.85 -10.22
CA ASP C 447 2.73 -17.47 -10.10
C ASP C 447 3.79 -16.56 -10.73
N ASP C 448 3.32 -15.54 -11.46
CA ASP C 448 4.13 -14.46 -12.00
C ASP C 448 3.30 -13.19 -11.91
N ASN C 449 3.39 -12.55 -10.76
CA ASN C 449 2.66 -11.31 -10.46
C ASN C 449 1.16 -11.50 -10.55
N PRO C 450 0.59 -12.31 -9.64
CA PRO C 450 -0.86 -12.42 -9.51
C PRO C 450 -1.57 -11.12 -9.13
N ARG C 451 -0.85 -10.15 -8.58
CA ARG C 451 -1.40 -8.81 -8.28
C ARG C 451 -2.54 -8.83 -7.25
N ASP C 452 -3.50 -7.91 -7.37
CA ASP C 452 -4.64 -7.89 -6.44
C ASP C 452 -5.69 -8.92 -6.85
N GLU C 453 -5.25 -10.16 -7.09
CA GLU C 453 -6.05 -11.17 -7.78
C GLU C 453 -5.88 -12.61 -7.25
N ASP C 454 -6.91 -13.44 -7.45
CA ASP C 454 -6.82 -14.85 -7.09
C ASP C 454 -5.78 -15.55 -7.98
N PRO C 455 -4.69 -16.05 -7.38
CA PRO C 455 -3.62 -16.67 -8.15
C PRO C 455 -4.00 -18.01 -8.76
N THR C 456 -4.91 -18.75 -8.11
CA THR C 456 -5.24 -20.09 -8.55
C THR C 456 -6.17 -20.03 -9.75
N ALA C 457 -6.90 -18.93 -9.87
CA ALA C 457 -7.67 -18.66 -11.05
C ALA C 457 -6.70 -18.64 -12.22
N ILE C 458 -5.72 -17.75 -12.15
CA ILE C 458 -4.72 -17.55 -13.20
C ILE C 458 -4.14 -18.88 -13.66
N ARG C 459 -3.60 -19.63 -12.69
CA ARG C 459 -2.97 -20.93 -12.99
C ARG C 459 -3.98 -21.90 -13.63
N ARG C 460 -5.21 -21.89 -13.13
CA ARG C 460 -6.24 -22.79 -13.61
C ARG C 460 -6.61 -22.48 -15.05
N GLU C 461 -6.43 -21.24 -15.48
CA GLU C 461 -6.69 -20.88 -16.87
C GLU C 461 -5.58 -21.38 -17.78
N ILE C 462 -4.34 -21.29 -17.33
CA ILE C 462 -3.23 -21.81 -18.10
C ILE C 462 -3.39 -23.33 -18.25
N LEU C 463 -3.77 -23.98 -17.14
CA LEU C 463 -3.94 -25.44 -17.10
C LEU C 463 -5.10 -25.91 -17.96
N ALA C 464 -6.06 -25.01 -18.20
CA ALA C 464 -7.15 -25.26 -19.16
C ALA C 464 -6.58 -25.43 -20.56
N GLY C 465 -5.68 -24.51 -20.95
CA GLY C 465 -4.87 -24.64 -22.15
C GLY C 465 -4.12 -25.96 -22.27
N ALA C 466 -3.58 -26.44 -21.14
CA ALA C 466 -2.87 -27.72 -21.06
C ALA C 466 -3.70 -28.94 -21.47
N ALA C 467 -5.04 -28.83 -21.32
CA ALA C 467 -5.99 -29.94 -21.55
C ALA C 467 -5.72 -30.77 -22.80
N GLU C 468 -5.55 -30.09 -23.93
CA GLU C 468 -5.27 -30.67 -25.25
C GLU C 468 -3.97 -31.51 -25.36
N VAL C 469 -3.24 -31.69 -24.25
CA VAL C 469 -1.94 -32.38 -24.23
C VAL C 469 -1.97 -33.68 -25.06
N GLY C 470 -2.84 -34.62 -24.68
CA GLY C 470 -3.10 -35.86 -25.46
C GLY C 470 -1.96 -36.87 -25.54
N GLY C 471 -0.75 -36.41 -25.22
CA GLY C 471 0.41 -37.29 -25.19
C GLY C 471 1.67 -36.65 -24.64
N ASP C 472 2.39 -35.93 -25.52
CA ASP C 472 3.78 -35.51 -25.31
C ASP C 472 4.06 -34.88 -23.94
N ALA C 473 3.37 -33.78 -23.63
CA ALA C 473 3.64 -33.01 -22.41
C ALA C 473 3.28 -33.74 -21.11
N GLN C 474 3.64 -33.11 -20.01
CA GLN C 474 3.50 -33.64 -18.68
C GLN C 474 3.49 -32.37 -17.86
N VAL C 475 2.33 -31.99 -17.33
CA VAL C 475 2.16 -30.67 -16.72
C VAL C 475 1.82 -30.77 -15.24
N VAL C 476 2.27 -29.79 -14.48
CA VAL C 476 2.01 -29.81 -13.06
C VAL C 476 1.95 -28.38 -12.58
N GLU C 477 1.23 -28.16 -11.48
CA GLU C 477 1.00 -26.82 -10.93
C GLU C 477 1.70 -26.67 -9.61
N ILE C 478 2.70 -25.81 -9.58
CA ILE C 478 3.34 -25.46 -8.33
C ILE C 478 3.22 -23.94 -8.18
N ALA C 479 2.38 -23.52 -7.25
CA ALA C 479 2.04 -22.11 -7.08
C ALA C 479 3.26 -21.29 -6.70
N ASP C 480 4.06 -21.80 -5.77
CA ASP C 480 5.28 -21.12 -5.34
C ASP C 480 6.37 -21.14 -6.43
N ARG C 481 6.84 -19.96 -6.82
CA ARG C 481 7.76 -19.85 -7.95
C ARG C 481 9.08 -20.48 -7.68
N ARG C 482 9.63 -20.31 -6.48
CA ARG C 482 10.92 -20.97 -6.17
C ARG C 482 10.79 -22.50 -6.20
N ASP C 483 9.69 -23.02 -5.67
CA ASP C 483 9.45 -24.47 -5.62
C ASP C 483 9.25 -25.06 -7.00
N ALA C 484 8.57 -24.28 -7.86
CA ALA C 484 8.50 -24.56 -9.28
C ALA C 484 9.90 -24.68 -9.91
N ILE C 485 10.81 -23.75 -9.62
CA ILE C 485 12.13 -23.75 -10.26
C ILE C 485 12.85 -25.01 -9.81
N ARG C 486 12.74 -25.29 -8.51
CA ARG C 486 13.46 -26.40 -7.87
C ARG C 486 12.98 -27.75 -8.40
N HIS C 487 11.67 -27.88 -8.54
CA HIS C 487 11.13 -29.13 -9.08
C HIS C 487 11.74 -29.44 -10.43
N ALA C 488 11.70 -28.46 -11.33
CA ALA C 488 12.19 -28.60 -12.69
C ALA C 488 13.69 -28.91 -12.72
N VAL C 489 14.42 -28.35 -11.77
CA VAL C 489 15.85 -28.52 -11.77
C VAL C 489 16.15 -29.95 -11.32
N ALA C 490 15.32 -30.45 -10.41
CA ALA C 490 15.50 -31.82 -9.92
C ALA C 490 15.00 -32.86 -10.93
N TRP C 491 14.20 -32.40 -11.88
CA TRP C 491 13.59 -33.23 -12.91
C TRP C 491 14.52 -33.42 -14.12
N ALA C 492 15.48 -32.49 -14.27
CA ALA C 492 16.34 -32.51 -15.45
C ALA C 492 17.36 -33.64 -15.33
N ARG C 493 17.58 -34.33 -16.44
CA ARG C 493 18.69 -35.24 -16.59
C ARG C 493 19.73 -34.58 -17.48
N PRO C 494 21.00 -35.01 -17.35
CA PRO C 494 22.08 -34.52 -18.20
C PRO C 494 21.65 -34.30 -19.65
N GLY C 495 21.88 -33.10 -20.19
CA GLY C 495 21.57 -32.80 -21.58
C GLY C 495 20.17 -32.28 -21.89
N ASP C 496 19.27 -32.35 -20.90
CA ASP C 496 17.95 -31.76 -21.03
C ASP C 496 18.04 -30.22 -20.90
N VAL C 497 16.93 -29.52 -21.08
CA VAL C 497 16.97 -28.07 -20.86
C VAL C 497 15.83 -27.56 -19.95
N VAL C 498 16.17 -26.67 -19.02
CA VAL C 498 15.16 -26.04 -18.18
C VAL C 498 15.15 -24.56 -18.46
N LEU C 499 13.96 -24.08 -18.79
CA LEU C 499 13.72 -22.70 -19.18
C LEU C 499 12.78 -22.13 -18.15
N ILE C 500 13.22 -21.06 -17.47
CA ILE C 500 12.35 -20.31 -16.55
C ILE C 500 11.77 -19.07 -17.26
N ALA C 501 10.53 -19.16 -17.72
CA ALA C 501 9.99 -18.14 -18.60
C ALA C 501 9.17 -17.04 -17.90
N GLY C 502 9.00 -15.92 -18.57
CA GLY C 502 7.93 -14.99 -18.20
C GLY C 502 8.29 -13.87 -17.25
N LYS C 503 9.50 -13.92 -16.71
CA LYS C 503 10.03 -12.78 -15.97
C LYS C 503 11.24 -12.16 -16.68
N GLY C 504 12.15 -12.98 -17.18
CA GLY C 504 13.36 -12.46 -17.81
C GLY C 504 14.16 -11.64 -16.84
N HIS C 505 14.36 -10.37 -17.17
CA HIS C 505 15.17 -9.49 -16.36
C HIS C 505 14.37 -8.87 -15.20
N GLU C 506 13.04 -8.84 -15.34
CA GLU C 506 12.12 -8.31 -14.33
C GLU C 506 12.31 -9.03 -12.97
N THR C 507 11.98 -8.34 -11.88
CA THR C 507 12.16 -8.92 -10.56
C THR C 507 10.91 -8.72 -9.72
N GLY C 508 10.88 -9.39 -8.58
CA GLY C 508 9.78 -9.22 -7.64
C GLY C 508 8.61 -10.08 -8.04
N GLN C 509 7.82 -10.49 -7.03
CA GLN C 509 6.51 -11.09 -7.22
C GLN C 509 5.50 -10.14 -6.63
N ARG C 510 4.61 -9.59 -7.44
CA ARG C 510 3.58 -8.69 -6.93
C ARG C 510 2.29 -9.48 -6.61
N GLY C 511 1.79 -9.34 -5.38
CA GLY C 511 0.61 -10.09 -4.91
C GLY C 511 -0.28 -9.26 -3.98
N GLY C 512 -0.97 -8.31 -4.59
CA GLY C 512 -1.75 -7.28 -3.90
C GLY C 512 -0.96 -5.99 -3.81
N GLY C 513 -0.99 -5.38 -2.64
CA GLY C 513 -0.09 -4.26 -2.32
C GLY C 513 1.29 -4.81 -2.05
N ARG C 514 1.34 -5.96 -1.39
CA ARG C 514 2.58 -6.70 -1.18
C ARG C 514 3.35 -6.87 -2.47
N VAL C 515 4.67 -6.77 -2.35
CA VAL C 515 5.56 -6.80 -3.52
C VAL C 515 6.85 -7.54 -3.15
N ARG C 516 6.75 -8.87 -3.10
CA ARG C 516 7.77 -9.76 -2.55
C ARG C 516 8.99 -9.90 -3.49
N PRO C 517 10.22 -9.75 -2.95
CA PRO C 517 11.44 -9.83 -3.75
C PRO C 517 11.66 -11.20 -4.37
N PHE C 518 12.03 -11.18 -5.66
CA PHE C 518 12.28 -12.38 -6.44
C PHE C 518 13.17 -12.10 -7.65
N ASP C 519 14.18 -12.94 -7.85
CA ASP C 519 14.92 -12.91 -9.10
C ASP C 519 15.16 -14.31 -9.66
N ASP C 520 14.71 -14.53 -10.89
CA ASP C 520 14.81 -15.85 -11.53
C ASP C 520 16.26 -16.35 -11.76
N ARG C 521 17.19 -15.45 -12.10
CA ARG C 521 18.60 -15.85 -12.18
C ARG C 521 19.09 -16.39 -10.86
N VAL C 522 18.84 -15.64 -9.79
CA VAL C 522 19.26 -16.04 -8.45
C VAL C 522 18.57 -17.31 -7.98
N GLU C 523 17.26 -17.41 -8.22
CA GLU C 523 16.52 -18.60 -7.81
C GLU C 523 17.02 -19.80 -8.54
N LEU C 524 17.25 -19.62 -9.85
CA LEU C 524 17.74 -20.71 -10.70
C LEU C 524 19.12 -21.17 -10.28
N ALA C 525 20.05 -20.22 -10.08
CA ALA C 525 21.42 -20.57 -9.63
C ALA C 525 21.40 -21.24 -8.26
N ALA C 526 20.61 -20.72 -7.31
CA ALA C 526 20.44 -21.36 -5.99
C ALA C 526 19.96 -22.82 -6.08
N ALA C 527 18.96 -23.09 -6.91
CA ALA C 527 18.49 -24.45 -7.13
C ALA C 527 19.61 -25.38 -7.67
N LEU C 528 20.37 -24.89 -8.64
CA LEU C 528 21.44 -25.68 -9.22
C LEU C 528 22.50 -26.00 -8.19
N GLU C 529 22.75 -25.11 -7.24
CA GLU C 529 23.72 -25.42 -6.17
C GLU C 529 23.19 -26.52 -5.23
N ALA C 530 21.90 -26.45 -4.95
CA ALA C 530 21.23 -27.41 -4.07
C ALA C 530 21.27 -28.81 -4.67
N LEU C 531 21.50 -28.89 -5.99
CA LEU C 531 21.84 -30.15 -6.65
C LEU C 531 23.30 -30.46 -6.33
N GLU C 532 23.47 -31.19 -5.23
CA GLU C 532 24.78 -31.54 -4.63
C GLU C 532 25.51 -30.33 -4.08
N ARG D 27 12.80 11.80 -6.72
CA ARG D 27 11.91 12.65 -5.87
C ARG D 27 10.54 11.96 -5.69
N PRO D 28 9.86 12.25 -4.57
CA PRO D 28 8.58 11.60 -4.38
C PRO D 28 7.48 12.37 -5.06
N ASN D 29 6.57 11.63 -5.65
CA ASN D 29 5.47 12.20 -6.40
C ASN D 29 4.49 12.97 -5.53
N ALA D 30 4.14 12.43 -4.36
CA ALA D 30 3.07 13.00 -3.54
C ALA D 30 3.54 13.56 -2.22
N VAL D 31 4.00 14.82 -2.20
CA VAL D 31 4.33 15.47 -0.93
C VAL D 31 3.34 16.58 -0.55
N VAL D 32 2.74 16.50 0.63
CA VAL D 32 2.05 17.66 1.19
C VAL D 32 3.09 18.61 1.78
N GLY D 33 2.97 19.89 1.41
CA GLY D 33 3.97 20.88 1.78
C GLY D 33 4.01 21.30 3.24
N VAL D 34 4.91 22.21 3.54
CA VAL D 34 4.96 22.77 4.85
C VAL D 34 4.89 24.27 4.61
N ARG D 35 3.97 24.95 5.29
CA ARG D 35 3.92 26.41 5.23
C ARG D 35 5.32 26.89 5.55
N LEU D 36 5.79 27.90 4.84
CA LEU D 36 7.13 28.43 5.03
C LEU D 36 7.35 28.96 6.44
N ALA D 37 6.34 29.60 7.02
CA ALA D 37 6.34 30.04 8.40
C ALA D 37 6.81 28.94 9.34
N ALA D 38 6.24 27.74 9.22
CA ALA D 38 6.59 26.61 10.10
C ALA D 38 8.06 26.23 9.97
N LEU D 39 8.56 26.20 8.75
CA LEU D 39 9.95 25.85 8.56
C LEU D 39 10.81 26.88 9.25
N ALA D 40 10.46 28.14 9.10
CA ALA D 40 11.23 29.20 9.73
C ALA D 40 11.25 29.06 11.26
N ASP D 41 10.08 28.93 11.89
CA ASP D 41 10.02 28.85 13.36
C ASP D 41 10.76 27.64 13.94
N GLN D 42 10.77 26.56 13.16
CA GLN D 42 11.41 25.31 13.54
C GLN D 42 12.92 25.49 13.67
N VAL D 43 13.57 25.77 12.56
CA VAL D 43 14.94 26.15 12.46
C VAL D 43 15.27 27.45 13.23
N GLY D 44 14.25 28.29 13.44
CA GLY D 44 14.40 29.63 14.00
C GLY D 44 15.22 30.54 13.12
N ALA D 45 14.95 30.57 11.83
CA ALA D 45 15.58 31.49 10.87
C ALA D 45 14.95 32.84 11.00
N ALA D 46 15.64 33.85 10.47
CA ALA D 46 15.10 35.18 10.38
C ALA D 46 14.78 35.46 8.91
N LEU D 47 14.17 36.61 8.64
CA LEU D 47 13.78 37.01 7.29
C LEU D 47 14.69 38.03 6.60
N ARG D 54 6.59 38.41 8.26
CA ARG D 54 6.02 37.10 8.47
C ARG D 54 4.61 37.04 7.87
N ALA D 55 4.30 38.05 7.05
CA ALA D 55 3.00 38.25 6.40
C ALA D 55 2.74 37.28 5.25
N VAL D 56 3.76 37.07 4.42
CA VAL D 56 3.66 36.26 3.19
C VAL D 56 4.35 34.90 3.35
N THR D 57 5.19 34.79 4.38
CA THR D 57 5.79 33.51 4.75
C THR D 57 4.74 32.57 5.37
N GLU D 58 3.80 33.17 6.11
CA GLU D 58 2.66 32.45 6.64
C GLU D 58 1.86 31.80 5.49
N ASP D 59 2.15 32.22 4.26
CA ASP D 59 1.38 31.83 3.07
C ASP D 59 2.02 30.77 2.17
N ARG D 60 3.29 30.91 1.82
CA ARG D 60 3.91 29.96 0.91
C ARG D 60 4.00 28.55 1.49
N THR D 61 3.85 27.57 0.63
CA THR D 61 3.99 26.18 0.98
C THR D 61 5.26 25.67 0.35
N VAL D 62 6.12 25.05 1.13
CA VAL D 62 7.34 24.46 0.59
C VAL D 62 7.09 22.97 0.39
N THR D 63 7.32 22.51 -0.85
CA THR D 63 7.18 21.09 -1.20
C THR D 63 8.44 20.38 -1.65
N GLY D 64 9.58 21.05 -1.54
CA GLY D 64 10.83 20.50 -2.04
C GLY D 64 11.95 21.29 -1.49
N VAL D 65 13.14 20.70 -1.46
CA VAL D 65 14.33 21.38 -0.90
C VAL D 65 15.48 20.89 -1.72
N THR D 66 16.32 21.81 -2.13
CA THR D 66 17.49 21.47 -2.89
C THR D 66 18.56 22.50 -2.58
N LEU D 67 19.79 22.04 -2.70
CA LEU D 67 20.91 22.90 -2.45
C LEU D 67 21.71 23.13 -3.74
N ARG D 68 21.12 22.76 -4.87
CA ARG D 68 21.72 23.00 -6.20
C ARG D 68 20.72 23.72 -7.12
N ALA D 69 20.94 25.03 -7.31
CA ALA D 69 19.99 25.90 -7.97
C ALA D 69 19.40 25.27 -9.22
N GLN D 70 20.25 24.66 -10.03
CA GLN D 70 19.77 24.06 -11.27
C GLN D 70 18.72 22.99 -10.98
N ASP D 71 18.74 22.44 -9.76
CA ASP D 71 17.89 21.32 -9.43
C ASP D 71 16.54 21.71 -8.88
N VAL D 72 16.26 23.01 -8.79
CA VAL D 72 14.99 23.41 -8.16
C VAL D 72 13.76 23.14 -9.00
N SER D 73 12.81 22.44 -8.38
CA SER D 73 11.46 22.35 -8.88
C SER D 73 10.72 23.54 -8.32
N PRO D 74 9.57 23.86 -8.90
CA PRO D 74 8.70 24.85 -8.27
C PRO D 74 8.27 24.41 -6.87
N GLY D 75 8.10 25.38 -5.97
CA GLY D 75 7.69 25.10 -4.59
C GLY D 75 8.82 24.69 -3.68
N ASP D 76 10.01 24.47 -4.25
CA ASP D 76 11.20 24.09 -3.52
C ASP D 76 11.76 25.27 -2.75
N LEU D 77 12.36 24.95 -1.59
CA LEU D 77 13.20 25.86 -0.83
C LEU D 77 14.61 25.65 -1.35
N PHE D 78 15.22 26.72 -1.81
CA PHE D 78 16.60 26.68 -2.26
C PHE D 78 17.48 26.92 -1.06
N ALA D 79 18.31 25.94 -0.75
CA ALA D 79 19.36 26.18 0.24
C ALA D 79 20.58 26.76 -0.46
N ALA D 80 20.79 28.06 -0.31
CA ALA D 80 22.03 28.67 -0.77
C ALA D 80 23.15 28.64 0.31
N LEU D 81 24.04 27.64 0.21
CA LEU D 81 25.14 27.45 1.18
C LEU D 81 26.49 27.98 0.69
N THR D 82 27.42 28.28 1.60
CA THR D 82 28.78 28.54 1.16
C THR D 82 29.51 27.21 1.01
N GLY D 83 30.49 27.19 0.12
CA GLY D 83 31.27 25.99 -0.10
C GLY D 83 32.70 26.35 -0.34
N SER D 84 33.53 25.36 -0.58
CA SER D 84 34.95 25.56 -0.82
C SER D 84 35.23 26.18 -2.16
N THR D 85 34.29 26.08 -3.08
CA THR D 85 34.53 26.65 -4.41
C THR D 85 33.74 27.93 -4.64
N THR D 86 32.50 27.97 -4.14
CA THR D 86 31.63 29.14 -4.34
C THR D 86 30.59 29.30 -3.23
N HIS D 87 29.63 30.19 -3.45
CA HIS D 87 28.49 30.34 -2.54
C HIS D 87 27.25 30.27 -3.36
N GLY D 88 26.34 29.43 -2.94
CA GLY D 88 25.13 29.21 -3.73
C GLY D 88 24.26 30.43 -3.79
N ALA D 89 24.58 31.40 -2.94
CA ALA D 89 23.86 32.65 -2.85
C ALA D 89 23.96 33.36 -4.17
N ARG D 90 24.97 33.00 -4.95
CA ARG D 90 25.21 33.59 -6.27
C ARG D 90 24.45 32.83 -7.35
N HIS D 91 23.46 32.03 -6.97
CA HIS D 91 22.70 31.29 -7.96
C HIS D 91 21.23 31.40 -7.60
N VAL D 92 20.94 32.35 -6.74
CA VAL D 92 19.59 32.70 -6.34
C VAL D 92 18.76 33.10 -7.53
N GLY D 93 19.29 33.91 -8.43
CA GLY D 93 18.57 34.29 -9.64
C GLY D 93 18.06 33.09 -10.42
N ASP D 94 18.95 32.16 -10.70
CA ASP D 94 18.64 30.89 -11.37
C ASP D 94 17.58 30.02 -10.62
N ALA D 95 17.75 29.88 -9.32
CA ALA D 95 16.82 29.20 -8.46
C ALA D 95 15.42 29.80 -8.48
N ILE D 96 15.34 31.09 -8.18
CA ILE D 96 14.08 31.83 -8.29
C ILE D 96 13.44 31.64 -9.66
N ALA D 97 14.23 31.79 -10.74
CA ALA D 97 13.72 31.63 -12.12
C ALA D 97 13.21 30.21 -12.38
N ARG D 98 13.73 29.23 -11.63
CA ARG D 98 13.22 27.86 -11.68
C ARG D 98 12.04 27.61 -10.74
N GLY D 99 11.52 28.67 -10.13
CA GLY D 99 10.28 28.60 -9.37
C GLY D 99 10.40 28.37 -7.87
N ALA D 100 11.62 28.53 -7.34
CA ALA D 100 11.89 28.44 -5.91
C ALA D 100 10.99 29.45 -5.17
N VAL D 101 10.49 29.08 -4.00
CA VAL D 101 9.51 29.91 -3.30
C VAL D 101 10.12 30.58 -2.10
N ALA D 102 11.43 30.39 -1.92
CA ALA D 102 12.11 30.86 -0.73
C ALA D 102 13.57 30.42 -0.73
N VAL D 103 14.43 31.25 -0.17
CA VAL D 103 15.84 30.93 -0.07
C VAL D 103 16.18 30.79 1.38
N LEU D 104 16.95 29.75 1.73
CA LEU D 104 17.50 29.61 3.07
C LEU D 104 19.01 29.74 2.96
N THR D 105 19.57 30.81 3.55
CA THR D 105 21.00 31.10 3.46
C THR D 105 21.62 31.65 4.78
N ASP D 106 22.96 31.66 4.85
CA ASP D 106 23.68 32.29 5.96
C ASP D 106 23.80 33.77 5.78
N PRO D 107 24.44 34.47 6.74
CA PRO D 107 24.56 35.95 6.56
C PRO D 107 25.58 36.36 5.49
N ALA D 108 26.55 35.48 5.19
CA ALA D 108 27.49 35.64 4.05
C ALA D 108 26.72 35.59 2.74
N GLY D 109 25.59 34.91 2.82
CA GLY D 109 24.68 34.79 1.71
C GLY D 109 23.91 36.08 1.50
N VAL D 110 23.20 36.56 2.51
CA VAL D 110 22.34 37.73 2.29
C VAL D 110 23.13 38.93 1.76
N ALA D 111 24.40 38.99 2.16
CA ALA D 111 25.36 39.94 1.61
C ALA D 111 25.48 39.75 0.09
N GLU D 112 25.65 38.50 -0.37
CA GLU D 112 25.69 38.22 -1.82
C GLU D 112 24.42 38.73 -2.51
N ILE D 113 23.27 38.21 -2.07
CA ILE D 113 21.99 38.67 -2.61
C ILE D 113 21.88 40.18 -2.67
N ALA D 114 22.41 40.87 -1.65
CA ALA D 114 22.16 42.30 -1.40
C ALA D 114 20.65 42.56 -1.44
N GLY D 115 20.28 43.57 -2.21
CA GLY D 115 18.88 43.89 -2.47
C GLY D 115 18.15 42.64 -2.87
N ARG D 116 16.98 42.48 -2.25
CA ARG D 116 16.31 41.20 -2.18
C ARG D 116 15.79 40.72 -3.53
N ALA D 117 15.61 39.41 -3.54
CA ALA D 117 15.00 38.55 -4.49
C ALA D 117 13.51 38.75 -4.44
N ALA D 118 12.81 38.24 -5.46
CA ALA D 118 11.35 38.21 -5.46
C ALA D 118 10.82 37.35 -4.30
N VAL D 119 11.47 36.24 -4.03
CA VAL D 119 11.04 35.39 -2.94
C VAL D 119 11.63 35.83 -1.60
N PRO D 120 11.06 35.32 -0.47
CA PRO D 120 11.57 35.39 0.91
C PRO D 120 12.93 34.71 1.16
N VAL D 121 13.77 35.38 1.97
CA VAL D 121 15.10 34.90 2.33
C VAL D 121 15.22 34.64 3.84
N LEU D 122 15.13 33.37 4.21
CA LEU D 122 15.38 32.92 5.59
C LEU D 122 16.88 32.92 5.91
N VAL D 123 17.25 33.48 7.04
CA VAL D 123 18.65 33.51 7.37
C VAL D 123 18.91 32.61 8.57
N HIS D 124 19.90 31.73 8.47
CA HIS D 124 20.31 30.97 9.61
C HIS D 124 21.81 31.12 9.65
N PRO D 125 22.44 31.11 10.85
CA PRO D 125 23.88 30.76 10.80
C PRO D 125 23.92 29.27 10.51
N ALA D 126 25.04 28.70 10.13
CA ALA D 126 25.03 27.21 9.94
C ALA D 126 23.77 26.63 9.33
N PRO D 127 23.41 27.04 8.11
CA PRO D 127 22.26 26.36 7.50
C PRO D 127 22.52 24.86 7.26
N ARG D 128 23.63 24.53 6.58
CA ARG D 128 23.98 23.14 6.31
C ARG D 128 23.74 22.25 7.52
N GLY D 129 23.79 22.85 8.71
CA GLY D 129 23.63 22.09 9.92
C GLY D 129 22.21 22.05 10.43
N VAL D 130 21.25 22.30 9.55
CA VAL D 130 19.84 22.30 9.93
C VAL D 130 18.99 21.93 8.70
N LEU D 131 19.67 21.91 7.55
CA LEU D 131 19.12 21.44 6.30
C LEU D 131 18.52 20.05 6.35
N GLY D 132 19.16 19.11 7.04
CA GLY D 132 18.69 17.71 7.08
C GLY D 132 17.32 17.59 7.72
N GLY D 133 17.19 18.18 8.91
CA GLY D 133 15.92 18.25 9.61
C GLY D 133 14.90 19.02 8.78
N LEU D 134 15.33 20.05 8.05
CA LEU D 134 14.36 20.74 7.25
C LEU D 134 13.85 19.85 6.14
N ALA D 135 14.76 19.24 5.41
CA ALA D 135 14.37 18.39 4.29
C ALA D 135 13.48 17.21 4.81
N ALA D 136 13.88 16.66 5.95
CA ALA D 136 13.16 15.61 6.63
C ALA D 136 11.69 15.98 6.89
N THR D 137 11.42 17.23 7.20
CA THR D 137 10.09 17.67 7.56
C THR D 137 9.30 17.86 6.30
N VAL D 138 9.89 18.57 5.34
CA VAL D 138 9.13 18.76 4.09
C VAL D 138 8.78 17.44 3.41
N TYR D 139 9.61 16.42 3.57
CA TYR D 139 9.34 15.14 2.93
C TYR D 139 8.70 14.18 3.91
N GLY D 140 8.25 14.72 5.03
CA GLY D 140 7.35 14.02 5.93
C GLY D 140 8.03 12.92 6.70
N HIS D 141 9.34 13.08 6.92
CA HIS D 141 10.10 12.23 7.83
C HIS D 141 10.16 10.77 7.37
N PRO D 142 10.55 10.55 6.13
CA PRO D 142 10.57 9.20 5.58
C PRO D 142 11.32 8.12 6.41
N SER D 143 12.33 8.53 7.17
CA SER D 143 13.13 7.55 7.88
C SER D 143 12.37 7.00 9.06
N GLU D 144 11.27 7.64 9.43
CA GLU D 144 10.39 7.14 10.48
C GLU D 144 9.38 6.10 9.97
N ARG D 145 9.46 5.83 8.67
CA ARG D 145 8.66 4.81 7.97
C ARG D 145 9.53 3.76 7.28
N LEU D 146 10.85 3.80 7.49
CA LEU D 146 11.77 2.85 6.90
C LEU D 146 12.70 2.37 7.97
N THR D 147 13.15 1.12 7.88
CA THR D 147 14.27 0.67 8.71
C THR D 147 15.48 1.06 7.90
N VAL D 148 16.25 2.01 8.42
CA VAL D 148 17.40 2.54 7.73
C VAL D 148 18.64 1.98 8.43
N ILE D 149 19.55 1.38 7.65
CA ILE D 149 20.74 0.82 8.22
C ILE D 149 21.87 1.64 7.66
N GLY D 150 22.70 2.20 8.57
CA GLY D 150 23.85 3.00 8.15
C GLY D 150 25.18 2.32 8.42
N ILE D 151 25.98 2.16 7.37
CA ILE D 151 27.29 1.52 7.52
C ILE D 151 28.43 2.48 7.26
N THR D 152 29.26 2.66 8.28
CA THR D 152 30.42 3.56 8.19
C THR D 152 31.73 2.77 8.38
N GLY D 153 32.87 3.39 8.09
CA GLY D 153 34.12 2.68 8.25
C GLY D 153 35.04 3.05 7.15
N THR D 154 36.33 2.91 7.40
CA THR D 154 37.30 3.29 6.36
C THR D 154 37.10 2.45 5.09
N SER D 155 37.06 1.13 5.23
CA SER D 155 36.84 0.22 4.13
C SER D 155 35.78 -0.80 4.44
N GLY D 156 35.15 -1.27 3.37
CA GLY D 156 34.17 -2.32 3.45
C GLY D 156 32.72 -1.86 3.64
N LYS D 157 32.46 -0.56 3.53
CA LYS D 157 31.09 -0.07 3.52
C LYS D 157 30.35 -0.60 2.28
N THR D 158 30.93 -0.47 1.11
CA THR D 158 30.19 -0.82 -0.07
C THR D 158 29.92 -2.32 0.00
N THR D 159 30.95 -3.12 0.29
CA THR D 159 30.78 -4.59 0.34
C THR D 159 29.72 -4.98 1.40
N THR D 160 29.89 -4.54 2.66
CA THR D 160 28.94 -4.87 3.71
C THR D 160 27.50 -4.46 3.34
N THR D 161 27.35 -3.32 2.66
CA THR D 161 26.00 -2.94 2.26
C THR D 161 25.42 -3.98 1.30
N TYR D 162 26.22 -4.42 0.33
CA TYR D 162 25.73 -5.39 -0.62
C TYR D 162 25.35 -6.70 0.05
N LEU D 163 26.19 -7.10 1.00
CA LEU D 163 25.99 -8.32 1.74
C LEU D 163 24.66 -8.26 2.50
N VAL D 164 24.47 -7.18 3.23
CA VAL D 164 23.20 -6.91 3.89
C VAL D 164 21.98 -6.90 2.93
N GLU D 165 22.11 -6.23 1.80
CA GLU D 165 21.01 -6.14 0.86
C GLU D 165 20.68 -7.50 0.31
N ALA D 166 21.68 -8.38 0.20
CA ALA D 166 21.51 -9.70 -0.39
C ALA D 166 20.79 -10.56 0.59
N GLY D 167 21.17 -10.41 1.84
CA GLY D 167 20.52 -11.12 2.94
C GLY D 167 19.05 -10.72 3.00
N LEU D 168 18.82 -9.41 3.00
CA LEU D 168 17.48 -8.80 2.93
C LEU D 168 16.60 -9.36 1.83
N ARG D 169 17.15 -9.42 0.61
CA ARG D 169 16.37 -9.95 -0.48
C ARG D 169 16.19 -11.46 -0.32
N ALA D 170 17.22 -12.17 0.13
CA ALA D 170 17.11 -13.63 0.30
C ALA D 170 15.95 -13.99 1.21
N ALA D 171 15.70 -13.10 2.17
CA ALA D 171 14.70 -13.29 3.20
C ALA D 171 13.43 -12.58 2.81
N GLY D 172 13.35 -12.22 1.54
CA GLY D 172 12.12 -11.71 0.97
C GLY D 172 11.67 -10.37 1.51
N ARG D 173 12.61 -9.45 1.69
CA ARG D 173 12.27 -8.09 2.08
C ARG D 173 12.67 -7.15 0.98
N VAL D 174 11.80 -6.19 0.68
CA VAL D 174 12.13 -5.14 -0.31
C VAL D 174 13.12 -4.24 0.32
N ALA D 175 14.21 -4.01 -0.38
CA ALA D 175 15.32 -3.20 0.14
C ALA D 175 15.77 -2.14 -0.84
N GLY D 176 16.18 -1.00 -0.30
CA GLY D 176 16.93 0.00 -1.08
C GLY D 176 18.38 -0.01 -0.66
N LEU D 177 19.26 0.36 -1.55
CA LEU D 177 20.66 0.52 -1.22
C LEU D 177 21.05 1.94 -1.64
N ILE D 178 22.05 2.52 -0.96
CA ILE D 178 22.53 3.86 -1.31
C ILE D 178 24.02 3.89 -1.06
N GLY D 179 24.83 4.20 -2.06
CA GLY D 179 26.25 3.95 -1.89
C GLY D 179 27.12 4.15 -3.09
N THR D 180 28.42 3.92 -2.89
CA THR D 180 29.44 4.29 -3.85
C THR D 180 28.90 3.91 -5.26
N ILE D 181 28.68 2.62 -5.46
CA ILE D 181 28.26 2.08 -6.75
C ILE D 181 26.98 2.72 -7.36
N GLY D 182 26.04 3.21 -6.54
CA GLY D 182 24.77 3.73 -7.10
C GLY D 182 23.65 3.74 -6.10
N ILE D 183 22.40 3.67 -6.57
CA ILE D 183 21.19 3.61 -5.71
C ILE D 183 20.36 2.49 -6.26
N ARG D 184 19.80 1.67 -5.36
CA ARG D 184 18.86 0.63 -5.78
C ARG D 184 17.51 0.80 -5.10
N VAL D 185 16.49 1.13 -5.88
CA VAL D 185 15.13 1.22 -5.35
C VAL D 185 14.47 -0.11 -5.68
N GLY D 186 14.70 -1.10 -4.82
CA GLY D 186 14.31 -2.47 -5.08
C GLY D 186 15.06 -3.02 -6.29
N GLY D 187 14.38 -3.04 -7.44
CA GLY D 187 14.94 -3.56 -8.69
C GLY D 187 15.64 -2.47 -9.48
N ALA D 188 15.11 -1.24 -9.40
CA ALA D 188 15.67 -0.04 -10.05
C ALA D 188 17.14 0.15 -9.70
N ASP D 189 17.86 0.98 -10.46
CA ASP D 189 19.32 1.01 -10.40
C ASP D 189 19.93 2.35 -10.81
N LEU D 190 19.61 3.41 -10.08
CA LEU D 190 20.10 4.77 -10.39
C LEU D 190 21.58 4.92 -10.08
N PRO D 191 22.26 5.90 -10.71
CA PRO D 191 23.64 6.07 -10.30
C PRO D 191 23.78 7.23 -9.31
N SER D 192 24.79 7.15 -8.44
CA SER D 192 24.97 8.11 -7.36
C SER D 192 26.19 8.93 -7.65
N ALA D 193 26.06 10.24 -7.42
CA ALA D 193 27.18 11.18 -7.61
C ALA D 193 28.13 11.00 -6.43
N LEU D 194 27.60 11.08 -5.21
CA LEU D 194 28.34 10.90 -3.96
C LEU D 194 28.02 9.56 -3.29
N THR D 195 28.84 9.13 -2.33
CA THR D 195 28.55 7.86 -1.64
C THR D 195 27.33 8.04 -0.71
N THR D 196 27.30 9.18 -0.04
CA THR D 196 26.15 9.59 0.73
C THR D 196 25.77 10.97 0.22
N PRO D 197 24.54 11.10 -0.31
CA PRO D 197 24.02 12.33 -0.93
C PRO D 197 23.71 13.43 0.08
N GLU D 198 23.77 14.67 -0.41
CA GLU D 198 23.39 15.84 0.37
C GLU D 198 21.99 15.64 0.98
N ALA D 199 21.73 16.27 2.12
CA ALA D 199 20.54 15.99 2.93
C ALA D 199 19.22 16.04 2.15
N PRO D 200 19.02 17.08 1.32
CA PRO D 200 17.73 17.14 0.67
C PRO D 200 17.54 15.93 -0.23
N THR D 201 18.59 15.56 -0.97
CA THR D 201 18.54 14.40 -1.84
C THR D 201 18.21 13.17 -1.05
N LEU D 202 18.93 12.97 0.04
CA LEU D 202 18.76 11.75 0.83
C LEU D 202 17.32 11.62 1.23
N GLN D 203 16.80 12.69 1.84
CA GLN D 203 15.48 12.66 2.42
C GLN D 203 14.49 12.41 1.32
N ALA D 204 14.65 13.10 0.19
CA ALA D 204 13.77 12.93 -0.96
C ALA D 204 13.84 11.51 -1.56
N MET D 205 15.04 10.95 -1.71
CA MET D 205 15.18 9.54 -2.05
C MET D 205 14.47 8.65 -1.11
N LEU D 206 14.65 8.88 0.19
CA LEU D 206 14.03 8.06 1.21
C LEU D 206 12.51 8.16 1.04
N ALA D 207 12.04 9.39 0.79
CA ALA D 207 10.62 9.66 0.68
C ALA D 207 10.05 8.82 -0.46
N ALA D 208 10.77 8.79 -1.58
CA ALA D 208 10.38 8.06 -2.78
C ALA D 208 10.36 6.54 -2.55
N MET D 209 11.29 6.05 -1.75
CA MET D 209 11.37 4.65 -1.44
C MET D 209 10.16 4.26 -0.58
N VAL D 210 9.64 5.24 0.18
CA VAL D 210 8.43 4.97 0.98
C VAL D 210 7.28 4.75 0.01
N GLU D 211 7.17 5.65 -0.96
CA GLU D 211 6.10 5.55 -1.95
C GLU D 211 6.24 4.25 -2.77
N ARG D 212 7.48 3.89 -3.07
CA ARG D 212 7.80 2.67 -3.82
C ARG D 212 7.73 1.40 -3.01
N GLY D 213 7.27 1.46 -1.76
CA GLY D 213 6.96 0.25 -0.98
C GLY D 213 8.13 -0.43 -0.30
N VAL D 214 9.32 0.19 -0.41
CA VAL D 214 10.56 -0.25 0.27
C VAL D 214 10.37 -0.36 1.79
N ASP D 215 10.76 -1.47 2.39
CA ASP D 215 10.61 -1.48 3.84
C ASP D 215 11.90 -1.14 4.59
N THR D 216 13.04 -1.60 4.05
CA THR D 216 14.34 -1.47 4.69
C THR D 216 15.34 -0.85 3.72
N VAL D 217 16.24 -0.06 4.27
CA VAL D 217 17.23 0.62 3.45
C VAL D 217 18.62 0.47 4.04
N VAL D 218 19.54 -0.04 3.23
CA VAL D 218 20.93 -0.13 3.67
C VAL D 218 21.79 0.94 2.98
N MET D 219 22.49 1.73 3.79
CA MET D 219 23.16 2.96 3.38
C MET D 219 24.66 2.96 3.69
N GLU D 220 25.49 3.38 2.72
CA GLU D 220 26.86 3.71 3.05
C GLU D 220 26.78 5.06 3.77
N VAL D 221 27.47 5.21 4.93
CA VAL D 221 27.53 6.52 5.56
C VAL D 221 28.95 6.99 5.72
N SER D 222 29.40 7.78 4.73
CA SER D 222 30.77 8.33 4.65
C SER D 222 31.05 9.26 5.80
N SER D 223 32.31 9.42 6.16
CA SER D 223 32.66 10.34 7.24
C SER D 223 32.56 11.80 6.79
N HIS D 224 32.51 12.04 5.48
CA HIS D 224 32.17 13.37 4.97
C HIS D 224 30.73 13.70 5.31
N ALA D 225 29.84 12.74 5.06
CA ALA D 225 28.44 12.98 5.30
C ALA D 225 28.08 13.28 6.79
N LEU D 226 28.78 12.69 7.75
CA LEU D 226 28.55 13.05 9.14
C LEU D 226 29.09 14.48 9.35
N ALA D 227 30.24 14.75 8.78
CA ALA D 227 30.89 16.02 8.93
C ALA D 227 30.10 17.17 8.31
N LEU D 228 29.45 16.96 7.15
CA LEU D 228 28.66 18.07 6.56
C LEU D 228 27.13 17.96 6.83
N GLY D 229 26.78 17.19 7.86
CA GLY D 229 25.41 16.95 8.23
C GLY D 229 24.49 16.46 7.11
N ARG D 230 25.01 15.63 6.22
CA ARG D 230 24.18 15.09 5.14
C ARG D 230 23.08 14.14 5.63
N VAL D 231 23.27 13.50 6.77
CA VAL D 231 22.33 12.49 7.21
C VAL D 231 21.54 13.00 8.40
N ASP D 232 21.39 14.31 8.47
CA ASP D 232 20.84 14.97 9.65
C ASP D 232 19.42 14.61 10.09
N GLY D 233 18.46 14.51 9.22
CA GLY D 233 17.12 14.20 9.73
C GLY D 233 16.76 12.70 9.74
N THR D 234 17.78 11.86 9.54
CA THR D 234 17.63 10.41 9.41
C THR D 234 17.65 9.65 10.73
N ARG D 235 16.60 8.88 11.03
CA ARG D 235 16.66 7.89 12.09
C ARG D 235 17.34 6.58 11.67
N PHE D 236 18.42 6.17 12.32
CA PHE D 236 19.03 4.84 12.02
C PHE D 236 18.56 3.70 12.93
N ALA D 237 18.00 2.65 12.35
CA ALA D 237 17.66 1.44 13.10
C ALA D 237 18.92 0.74 13.56
N VAL D 238 20.00 0.93 12.77
CA VAL D 238 21.27 0.26 12.96
C VAL D 238 22.39 1.14 12.43
N GLY D 239 23.48 1.18 13.20
CA GLY D 239 24.77 1.72 12.76
C GLY D 239 25.83 0.60 12.79
N ALA D 240 26.52 0.42 11.68
CA ALA D 240 27.61 -0.52 11.68
C ALA D 240 28.93 0.19 11.49
N PHE D 241 29.96 -0.34 12.17
CA PHE D 241 31.35 0.14 12.03
C PHE D 241 32.22 -0.97 11.52
N THR D 242 32.70 -0.86 10.30
CA THR D 242 33.63 -1.85 9.79
C THR D 242 35.07 -1.66 10.41
N ASN D 243 35.75 -0.57 10.07
CA ASN D 243 37.14 -0.38 10.49
C ASN D 243 37.60 1.07 10.37
N LEU D 244 38.84 1.36 10.78
CA LEU D 244 39.42 2.70 10.52
C LEU D 244 40.91 2.72 10.24
N SER D 245 41.29 3.33 9.13
CA SER D 245 42.69 3.57 8.84
C SER D 245 42.85 4.88 8.08
N ARG D 246 44.04 5.43 8.10
CA ARG D 246 44.35 6.73 7.49
C ARG D 246 43.69 6.92 6.13
N ASP D 247 42.59 7.67 6.13
CA ASP D 247 41.95 8.09 4.90
C ASP D 247 41.42 9.54 5.02
N HIS D 248 41.14 10.17 3.89
CA HIS D 248 40.39 11.42 3.85
C HIS D 248 41.06 12.53 4.67
N LEU D 249 42.36 12.37 4.88
CA LEU D 249 43.13 13.36 5.62
C LEU D 249 43.50 14.57 4.79
N ASP D 250 42.61 14.95 3.88
CA ASP D 250 42.77 16.18 3.10
C ASP D 250 41.45 16.93 3.14
N PHE D 251 40.54 16.38 3.93
CA PHE D 251 39.28 17.01 4.27
C PHE D 251 39.21 17.15 5.79
N HIS D 252 39.26 16.03 6.49
CA HIS D 252 39.29 16.06 7.92
C HIS D 252 40.65 16.60 8.25
N PRO D 253 40.74 17.54 9.20
CA PRO D 253 42.03 18.11 9.53
C PRO D 253 42.87 17.19 10.43
N SER D 254 42.27 16.13 10.98
CA SER D 254 43.01 15.19 11.83
C SER D 254 42.36 13.82 11.93
N MET D 255 43.18 12.79 12.11
CA MET D 255 42.67 11.44 12.36
C MET D 255 41.65 11.40 13.48
N ALA D 256 41.78 12.28 14.46
CA ALA D 256 40.81 12.43 15.51
C ALA D 256 39.48 12.81 14.89
N ASP D 257 39.43 13.97 14.23
CA ASP D 257 38.18 14.42 13.62
C ASP D 257 37.58 13.34 12.77
N TYR D 258 38.41 12.65 12.02
CA TYR D 258 37.96 11.56 11.15
C TYR D 258 37.20 10.48 11.94
N PHE D 259 37.77 10.09 13.08
CA PHE D 259 37.14 9.15 14.02
C PHE D 259 35.88 9.76 14.54
N GLU D 260 36.02 11.00 15.03
CA GLU D 260 34.92 11.74 15.67
C GLU D 260 33.72 11.85 14.78
N ALA D 261 33.95 12.08 13.51
CA ALA D 261 32.87 12.16 12.55
C ALA D 261 32.13 10.88 12.71
N KCX D 262 32.84 9.78 12.48
CA KCX D 262 32.24 8.46 12.42
CB KCX D 262 33.27 7.41 12.00
CG KCX D 262 33.92 7.67 10.68
CD KCX D 262 34.54 6.42 10.14
CE KCX D 262 35.22 6.65 8.75
NZ KCX D 262 34.29 6.68 7.56
C KCX D 262 31.62 8.10 13.76
O KCX D 262 30.56 7.47 13.82
CX KCX D 262 34.69 6.67 6.29
OQ1 KCX D 262 33.87 6.69 5.35
OQ2 KCX D 262 35.89 6.61 5.99
N ALA D 263 32.26 8.52 14.86
CA ALA D 263 31.80 8.15 16.19
C ALA D 263 30.37 8.67 16.44
N SER D 264 30.00 9.72 15.71
CA SER D 264 28.77 10.41 16.00
C SER D 264 27.57 9.53 15.65
N LEU D 265 27.85 8.39 15.07
CA LEU D 265 26.79 7.44 14.70
C LEU D 265 26.51 6.41 15.80
N PHE D 266 27.45 6.34 16.76
CA PHE D 266 27.45 5.27 17.75
C PHE D 266 27.43 5.79 19.17
N ASP D 267 27.86 7.03 19.35
CA ASP D 267 27.85 7.67 20.67
C ASP D 267 26.43 7.62 21.23
N PRO D 268 26.22 6.98 22.41
CA PRO D 268 24.87 6.82 22.99
C PRO D 268 24.14 8.15 23.09
N ASP D 269 24.88 9.18 23.50
CA ASP D 269 24.32 10.48 23.68
C ASP D 269 24.21 11.31 22.42
N SER D 270 24.76 10.86 21.31
CA SER D 270 24.73 11.62 20.06
C SER D 270 23.34 11.75 19.42
N ALA D 271 23.13 12.86 18.71
CA ALA D 271 21.90 13.06 17.93
C ALA D 271 21.70 11.95 16.85
N LEU D 272 22.74 11.59 16.13
CA LEU D 272 22.63 10.56 15.09
C LEU D 272 22.57 9.09 15.63
N ARG D 273 22.92 8.87 16.89
CA ARG D 273 23.00 7.50 17.46
C ARG D 273 21.92 6.55 16.93
N ALA D 274 22.32 5.44 16.32
CA ALA D 274 21.36 4.41 15.86
C ALA D 274 20.69 3.62 16.98
N ARG D 275 19.47 3.15 16.75
CA ARG D 275 18.82 2.25 17.70
C ARG D 275 19.73 1.05 18.14
N THR D 276 20.47 0.41 17.24
CA THR D 276 21.42 -0.65 17.57
C THR D 276 22.71 -0.32 16.91
N ALA D 277 23.81 -0.53 17.59
CA ALA D 277 25.15 -0.37 17.01
C ALA D 277 25.82 -1.75 16.73
N VAL D 278 26.48 -1.88 15.58
CA VAL D 278 27.27 -3.07 15.31
C VAL D 278 28.69 -2.70 14.97
N VAL D 279 29.65 -3.28 15.69
CA VAL D 279 31.04 -2.85 15.55
C VAL D 279 31.97 -4.03 15.37
N CYS D 280 32.76 -3.99 14.30
CA CYS D 280 33.87 -4.94 14.13
C CYS D 280 35.06 -4.61 15.05
N ILE D 281 35.54 -5.64 15.76
CA ILE D 281 36.53 -5.49 16.81
C ILE D 281 37.99 -5.71 16.33
N ASP D 282 38.14 -6.07 15.06
CA ASP D 282 39.44 -6.55 14.62
C ASP D 282 40.44 -5.41 14.53
N ASP D 283 39.98 -4.26 14.06
CA ASP D 283 40.74 -3.02 14.03
C ASP D 283 40.86 -2.56 15.46
N ASP D 284 41.91 -1.80 15.78
CA ASP D 284 41.95 -1.06 17.07
C ASP D 284 40.87 0.02 17.17
N ALA D 285 40.74 0.86 16.13
CA ALA D 285 39.65 1.83 16.06
C ALA D 285 38.31 1.18 16.41
N GLY D 286 38.12 -0.05 15.92
CA GLY D 286 36.95 -0.83 16.23
C GLY D 286 36.73 -1.05 17.71
N ARG D 287 37.76 -1.50 18.41
CA ARG D 287 37.67 -1.61 19.87
C ARG D 287 37.22 -0.28 20.47
N ALA D 288 37.89 0.81 20.07
CA ALA D 288 37.59 2.14 20.53
C ALA D 288 36.14 2.57 20.26
N MET D 289 35.54 2.13 19.12
CA MET D 289 34.15 2.48 18.84
C MET D 289 33.19 1.66 19.68
N ALA D 290 33.55 0.41 19.90
CA ALA D 290 32.69 -0.49 20.66
C ALA D 290 32.52 0.04 22.09
N ALA D 291 33.63 0.51 22.65
CA ALA D 291 33.62 1.15 23.94
C ALA D 291 32.78 2.47 23.93
N ARG D 292 32.76 3.18 22.80
CA ARG D 292 31.99 4.40 22.71
C ARG D 292 30.50 4.08 22.66
N ALA D 293 30.11 3.17 21.79
CA ALA D 293 28.71 2.81 21.65
C ALA D 293 28.17 2.11 22.89
N ALA D 294 29.05 1.77 23.83
CA ALA D 294 28.63 1.21 25.13
C ALA D 294 27.95 -0.17 25.04
N ASP D 295 26.81 -0.25 24.30
CA ASP D 295 26.09 -1.51 24.12
C ASP D 295 26.17 -1.96 22.68
N ALA D 296 27.38 -2.04 22.14
CA ALA D 296 27.53 -2.44 20.74
C ALA D 296 27.30 -3.92 20.69
N ILE D 297 26.89 -4.38 19.51
CA ILE D 297 27.05 -5.80 19.17
C ILE D 297 28.43 -5.97 18.51
N THR D 298 29.31 -6.73 19.15
CA THR D 298 30.66 -6.89 18.60
C THR D 298 30.82 -8.09 17.72
N VAL D 299 31.83 -7.96 16.87
CA VAL D 299 32.04 -8.85 15.74
C VAL D 299 33.54 -8.99 15.46
N SER D 300 34.00 -10.22 15.38
CA SER D 300 35.42 -10.51 15.13
C SER D 300 35.62 -11.74 14.28
N ALA D 301 36.40 -11.57 13.23
CA ALA D 301 36.93 -12.68 12.46
C ALA D 301 38.39 -12.91 12.78
N ALA D 302 38.94 -12.26 13.81
CA ALA D 302 40.36 -12.46 14.20
C ALA D 302 40.56 -13.06 15.61
N ASP D 303 39.84 -14.14 15.88
CA ASP D 303 39.94 -14.84 17.17
C ASP D 303 39.74 -13.94 18.42
N ARG D 304 39.36 -12.69 18.24
CA ARG D 304 39.00 -11.84 19.37
C ARG D 304 37.62 -12.22 19.90
N PRO D 305 37.36 -12.00 21.19
CA PRO D 305 36.03 -12.24 21.76
C PRO D 305 35.01 -11.20 21.33
N ALA D 306 34.01 -11.65 20.58
CA ALA D 306 32.96 -10.78 20.12
C ALA D 306 31.66 -11.52 20.27
N HIS D 307 30.52 -10.83 20.17
CA HIS D 307 29.22 -11.47 20.15
C HIS D 307 29.12 -12.37 18.89
N TRP D 308 29.56 -11.86 17.73
CA TRP D 308 29.72 -12.71 16.54
C TRP D 308 31.17 -13.00 16.26
N ARG D 309 31.47 -14.25 15.98
CA ARG D 309 32.85 -14.71 15.77
C ARG D 309 32.87 -15.65 14.58
N ALA D 310 33.98 -15.68 13.86
CA ALA D 310 34.13 -16.56 12.73
C ALA D 310 35.34 -17.44 12.96
N THR D 311 35.25 -18.70 12.51
CA THR D 311 36.37 -19.66 12.55
C THR D 311 36.12 -20.74 11.48
N ASP D 312 37.14 -21.59 11.27
CA ASP D 312 37.14 -22.63 10.23
C ASP D 312 37.05 -22.02 8.85
N VAL D 313 37.67 -20.84 8.68
CA VAL D 313 37.77 -20.17 7.38
C VAL D 313 38.56 -21.00 6.39
N ALA D 314 37.87 -21.46 5.35
CA ALA D 314 38.49 -22.28 4.33
C ALA D 314 38.34 -21.65 2.95
N PRO D 315 39.48 -21.30 2.30
CA PRO D 315 39.51 -21.19 0.86
C PRO D 315 38.73 -22.32 0.18
N THR D 316 38.09 -22.01 -0.93
CA THR D 316 37.29 -22.98 -1.69
C THR D 316 37.53 -22.82 -3.19
N ASP D 317 37.25 -23.88 -3.96
CA ASP D 317 37.22 -23.78 -5.43
C ASP D 317 36.14 -22.77 -5.81
N ALA D 318 36.43 -21.96 -6.84
CA ALA D 318 35.68 -20.72 -7.14
C ALA D 318 36.14 -19.50 -6.34
N GLY D 319 37.27 -19.63 -5.63
CA GLY D 319 37.93 -18.50 -4.98
C GLY D 319 37.10 -17.88 -3.88
N GLY D 320 36.12 -18.62 -3.40
CA GLY D 320 35.28 -18.14 -2.32
C GLY D 320 35.87 -18.56 -0.99
N GLN D 321 35.10 -18.34 0.07
CA GLN D 321 35.51 -18.70 1.41
C GLN D 321 34.31 -19.24 2.15
N GLN D 322 34.43 -20.39 2.77
CA GLN D 322 33.41 -20.86 3.71
C GLN D 322 33.95 -20.80 5.12
N PHE D 323 33.04 -20.61 6.09
CA PHE D 323 33.43 -20.52 7.50
C PHE D 323 32.29 -20.85 8.48
N THR D 324 32.60 -20.83 9.78
CA THR D 324 31.59 -20.90 10.80
C THR D 324 31.36 -19.51 11.45
N ALA D 325 30.11 -19.06 11.40
CA ALA D 325 29.72 -17.87 12.10
C ALA D 325 29.07 -18.33 13.39
N ILE D 326 29.64 -17.89 14.50
CA ILE D 326 29.12 -18.25 15.82
C ILE D 326 28.45 -17.00 16.34
N ASP D 327 27.13 -17.07 16.52
CA ASP D 327 26.29 -15.96 16.92
C ASP D 327 26.39 -15.68 18.43
N PRO D 328 25.79 -14.56 18.92
CA PRO D 328 25.85 -14.20 20.33
C PRO D 328 25.31 -15.30 21.24
N ALA D 329 24.56 -16.25 20.67
CA ALA D 329 24.01 -17.35 21.46
C ALA D 329 24.91 -18.60 21.39
N GLY D 330 26.10 -18.44 20.81
CA GLY D 330 27.08 -19.53 20.72
C GLY D 330 26.74 -20.63 19.74
N VAL D 331 25.75 -20.38 18.88
CA VAL D 331 25.33 -21.34 17.86
C VAL D 331 26.17 -21.09 16.62
N GLY D 332 26.72 -22.18 16.07
CA GLY D 332 27.48 -22.16 14.82
C GLY D 332 26.60 -22.16 13.59
N HIS D 333 27.06 -21.52 12.52
CA HIS D 333 26.35 -21.48 11.24
C HIS D 333 27.34 -21.63 10.11
N HIS D 334 27.15 -22.62 9.25
CA HIS D 334 28.04 -22.78 8.13
C HIS D 334 27.71 -21.82 7.00
N ILE D 335 28.57 -20.83 6.79
CA ILE D 335 28.33 -19.77 5.85
C ILE D 335 29.29 -19.98 4.71
N GLY D 336 28.97 -19.36 3.58
CA GLY D 336 29.77 -19.42 2.36
C GLY D 336 29.65 -18.10 1.65
N ILE D 337 30.80 -17.52 1.33
CA ILE D 337 30.88 -16.22 0.68
C ILE D 337 31.70 -16.33 -0.64
N ARG D 338 31.27 -15.61 -1.66
CA ARG D 338 31.92 -15.66 -2.96
C ARG D 338 33.16 -14.76 -3.06
N LEU D 339 33.49 -14.07 -1.99
CA LEU D 339 34.64 -13.14 -1.99
C LEU D 339 35.88 -13.69 -1.28
N PRO D 340 37.08 -13.51 -1.89
CA PRO D 340 38.33 -13.84 -1.20
C PRO D 340 38.75 -12.72 -0.22
N GLY D 341 39.64 -13.03 0.71
CA GLY D 341 40.22 -12.03 1.60
C GLY D 341 39.66 -12.13 2.99
N ARG D 342 40.56 -12.29 3.97
CA ARG D 342 40.20 -12.52 5.37
C ARG D 342 39.22 -11.48 5.88
N TYR D 343 39.37 -10.24 5.47
CA TYR D 343 38.52 -9.19 6.00
C TYR D 343 37.11 -9.27 5.46
N ASN D 344 36.92 -10.01 4.37
CA ASN D 344 35.58 -10.15 3.82
C ASN D 344 34.74 -11.08 4.65
N VAL D 345 35.41 -11.96 5.39
CA VAL D 345 34.73 -12.73 6.40
C VAL D 345 34.22 -11.74 7.44
N ALA D 346 35.06 -10.75 7.74
CA ALA D 346 34.68 -9.75 8.72
C ALA D 346 33.49 -8.98 8.18
N ASN D 347 33.59 -8.48 6.94
CA ASN D 347 32.45 -7.80 6.30
C ASN D 347 31.18 -8.62 6.44
N CYS D 348 31.31 -9.89 6.09
CA CYS D 348 30.21 -10.84 6.18
C CYS D 348 29.65 -11.03 7.60
N LEU D 349 30.52 -11.02 8.61
CA LEU D 349 29.99 -11.03 9.97
C LEU D 349 29.17 -9.76 10.28
N VAL D 350 29.72 -8.61 9.94
CA VAL D 350 29.03 -7.34 10.20
C VAL D 350 27.62 -7.37 9.58
N ALA D 351 27.57 -7.72 8.29
CA ALA D 351 26.32 -8.01 7.56
C ALA D 351 25.45 -9.08 8.25
N LEU D 352 26.07 -10.18 8.68
CA LEU D 352 25.35 -11.21 9.39
C LEU D 352 24.68 -10.69 10.63
N ALA D 353 25.41 -9.93 11.43
CA ALA D 353 24.87 -9.38 12.66
C ALA D 353 23.83 -8.36 12.32
N ILE D 354 24.10 -7.54 11.30
CA ILE D 354 23.16 -6.49 10.94
C ILE D 354 21.78 -7.16 10.70
N LEU D 355 21.80 -8.24 9.91
CA LEU D 355 20.58 -8.84 9.47
C LEU D 355 19.83 -9.36 10.69
N ASP D 356 20.56 -9.98 11.60
CA ASP D 356 19.99 -10.64 12.74
C ASP D 356 19.27 -9.63 13.61
N THR D 357 19.88 -8.48 13.87
CA THR D 357 19.18 -7.42 14.64
C THR D 357 17.96 -6.86 13.90
N VAL D 358 18.01 -6.88 12.58
CA VAL D 358 16.91 -6.40 11.79
C VAL D 358 15.91 -7.52 11.60
N GLY D 359 16.15 -8.62 12.33
CA GLY D 359 15.25 -9.78 12.32
C GLY D 359 15.39 -10.66 11.09
N VAL D 360 16.62 -10.98 10.69
CA VAL D 360 16.84 -11.93 9.64
C VAL D 360 17.91 -12.90 10.13
N SER D 361 17.55 -14.19 10.24
CA SER D 361 18.48 -15.21 10.72
C SER D 361 19.49 -15.54 9.63
N PRO D 362 20.62 -16.16 10.01
CA PRO D 362 21.62 -16.58 9.01
C PRO D 362 21.12 -17.68 8.10
N GLU D 363 20.18 -18.51 8.59
CA GLU D 363 19.59 -19.53 7.76
C GLU D 363 18.87 -18.86 6.62
N GLN D 364 18.18 -17.76 6.88
CA GLN D 364 17.46 -17.04 5.83
C GLN D 364 18.36 -16.31 4.84
N ALA D 365 19.50 -15.83 5.32
CA ALA D 365 20.37 -15.00 4.51
C ALA D 365 21.43 -15.81 3.75
N VAL D 366 21.75 -16.98 4.29
CA VAL D 366 22.87 -17.73 3.78
C VAL D 366 22.73 -17.98 2.27
N PRO D 367 21.50 -18.17 1.77
CA PRO D 367 21.45 -18.41 0.34
C PRO D 367 21.88 -17.19 -0.43
N GLY D 368 21.55 -16.01 0.10
CA GLY D 368 21.82 -14.76 -0.57
C GLY D 368 23.30 -14.50 -0.56
N LEU D 369 23.87 -14.59 0.61
CA LEU D 369 25.29 -14.38 0.78
C LEU D 369 26.11 -15.30 -0.11
N ARG D 370 25.66 -16.55 -0.24
CA ARG D 370 26.42 -17.54 -0.97
C ARG D 370 26.68 -17.06 -2.39
N GLU D 371 25.67 -16.41 -2.97
CA GLU D 371 25.72 -16.05 -4.39
C GLU D 371 26.29 -14.67 -4.65
N ILE D 372 25.96 -13.70 -3.82
CA ILE D 372 26.29 -12.28 -4.07
C ILE D 372 27.75 -11.99 -4.39
N ARG D 373 27.90 -11.32 -5.53
CA ARG D 373 29.16 -10.84 -6.08
C ARG D 373 29.05 -9.32 -6.14
N VAL D 374 29.76 -8.63 -5.24
CA VAL D 374 29.73 -7.18 -5.21
C VAL D 374 30.75 -6.64 -6.22
N PRO D 375 30.31 -5.69 -7.10
CA PRO D 375 31.07 -5.26 -8.29
C PRO D 375 32.32 -4.40 -8.00
N GLY D 376 33.42 -4.76 -8.66
CA GLY D 376 34.69 -4.07 -8.47
C GLY D 376 35.34 -4.26 -7.10
N ARG D 377 34.74 -5.09 -6.25
CA ARG D 377 35.33 -5.47 -4.98
C ARG D 377 35.65 -6.95 -5.08
N LEU D 378 36.96 -7.23 -5.12
CA LEU D 378 37.53 -8.56 -5.37
C LEU D 378 36.66 -9.43 -6.28
N GLU D 379 36.36 -8.95 -7.47
CA GLU D 379 35.56 -9.68 -8.44
C GLU D 379 36.51 -10.55 -9.28
N GLN D 380 36.36 -11.87 -9.17
CA GLN D 380 37.26 -12.76 -9.90
C GLN D 380 36.75 -13.11 -11.26
N ILE D 381 37.56 -12.85 -12.27
CA ILE D 381 37.26 -13.25 -13.65
C ILE D 381 37.98 -14.56 -13.93
N ASP D 382 37.25 -15.60 -14.36
CA ASP D 382 37.90 -16.91 -14.55
C ASP D 382 37.64 -17.62 -15.88
N ARG D 383 37.23 -16.88 -16.91
CA ARG D 383 37.32 -17.36 -18.30
C ARG D 383 38.67 -18.01 -18.48
N GLY D 384 38.68 -19.29 -18.84
CA GLY D 384 39.90 -20.09 -18.85
C GLY D 384 40.21 -20.67 -17.49
N GLN D 385 41.50 -20.72 -17.16
CA GLN D 385 41.95 -21.27 -15.88
C GLN D 385 43.38 -20.79 -15.58
N GLY D 386 43.93 -21.22 -14.45
CA GLY D 386 45.34 -21.08 -14.09
C GLY D 386 45.51 -20.34 -12.78
N PHE D 387 45.50 -19.02 -12.89
CA PHE D 387 45.75 -18.10 -11.77
C PHE D 387 44.53 -17.26 -11.40
N LEU D 388 44.61 -16.60 -10.25
CA LEU D 388 43.52 -15.79 -9.79
C LEU D 388 43.61 -14.40 -10.40
N ALA D 389 42.61 -14.07 -11.20
CA ALA D 389 42.50 -12.73 -11.84
C ALA D 389 41.35 -11.91 -11.22
N LEU D 390 41.72 -10.78 -10.60
CA LEU D 390 40.76 -10.01 -9.80
C LEU D 390 40.69 -8.60 -10.27
N VAL D 391 39.50 -8.02 -10.17
CA VAL D 391 39.31 -6.57 -10.33
C VAL D 391 38.88 -6.02 -8.99
N ASP D 392 39.53 -4.91 -8.61
CA ASP D 392 39.25 -4.28 -7.32
C ASP D 392 39.34 -2.76 -7.36
N TYR D 393 38.45 -2.15 -6.57
CA TYR D 393 38.22 -0.72 -6.53
C TYR D 393 39.28 0.04 -5.78
N ALA D 394 40.04 -0.67 -4.93
CA ALA D 394 41.02 -0.07 -4.03
C ALA D 394 41.83 1.07 -4.66
N HIS D 395 41.47 2.32 -4.33
CA HIS D 395 42.01 3.51 -5.01
C HIS D 395 42.72 4.50 -4.08
N LYS D 396 42.78 4.15 -2.80
CA LYS D 396 43.43 4.99 -1.81
C LYS D 396 44.49 4.17 -1.07
N PRO D 397 45.58 4.84 -0.60
CA PRO D 397 46.69 4.09 0.01
C PRO D 397 46.26 3.08 1.09
N GLU D 398 45.40 3.49 2.01
CA GLU D 398 44.91 2.54 3.00
C GLU D 398 44.18 1.36 2.31
N ALA D 399 43.30 1.68 1.35
CA ALA D 399 42.53 0.67 0.64
C ALA D 399 43.45 -0.39 0.05
N LEU D 400 44.50 0.08 -0.62
CA LEU D 400 45.44 -0.77 -1.36
C LEU D 400 46.24 -1.70 -0.44
N ARG D 401 46.76 -1.14 0.66
CA ARG D 401 47.55 -1.93 1.60
C ARG D 401 46.77 -3.15 2.07
N SER D 402 45.54 -2.93 2.51
CA SER D 402 44.78 -4.04 3.08
C SER D 402 44.52 -5.14 2.05
N VAL D 403 44.08 -4.76 0.86
CA VAL D 403 43.85 -5.74 -0.21
C VAL D 403 45.07 -6.58 -0.54
N LEU D 404 46.19 -5.91 -0.80
CA LEU D 404 47.43 -6.59 -1.20
C LEU D 404 47.90 -7.59 -0.16
N THR D 405 47.65 -7.28 1.11
CA THR D 405 48.04 -8.16 2.22
C THR D 405 47.17 -9.41 2.25
N THR D 406 45.85 -9.23 2.12
CA THR D 406 44.93 -10.37 2.20
C THR D 406 45.15 -11.31 1.04
N LEU D 407 45.83 -10.79 0.03
CA LEU D 407 46.01 -11.55 -1.19
C LEU D 407 47.40 -12.10 -1.30
N ALA D 408 48.28 -11.69 -0.38
CA ALA D 408 49.65 -12.14 -0.39
C ALA D 408 49.77 -13.45 0.36
N HIS D 409 50.44 -14.40 -0.27
CA HIS D 409 50.77 -15.67 0.36
C HIS D 409 52.16 -16.02 -0.14
N PRO D 410 53.10 -16.35 0.77
CA PRO D 410 54.40 -16.85 0.31
C PRO D 410 54.20 -18.08 -0.57
N ASP D 411 55.12 -18.30 -1.51
CA ASP D 411 54.97 -19.37 -2.51
C ASP D 411 53.85 -19.10 -3.53
N ARG D 412 53.49 -17.83 -3.68
CA ARG D 412 52.54 -17.40 -4.70
C ARG D 412 52.91 -15.99 -5.16
N ARG D 413 52.92 -15.74 -6.46
CA ARG D 413 53.26 -14.39 -6.96
C ARG D 413 52.04 -13.48 -7.06
N LEU D 414 52.24 -12.19 -6.85
CA LEU D 414 51.14 -11.24 -6.88
C LEU D 414 51.45 -10.04 -7.76
N ALA D 415 50.74 -9.90 -8.87
CA ALA D 415 50.88 -8.70 -9.71
C ALA D 415 49.75 -7.71 -9.42
N VAL D 416 50.09 -6.43 -9.34
CA VAL D 416 49.08 -5.37 -9.16
C VAL D 416 49.19 -4.37 -10.27
N VAL D 417 48.08 -4.12 -10.92
CA VAL D 417 48.05 -3.06 -11.91
C VAL D 417 46.99 -2.02 -11.53
N PHE D 418 47.43 -0.76 -11.52
CA PHE D 418 46.60 0.38 -11.17
C PHE D 418 47.28 1.66 -11.58
N GLY D 419 46.54 2.76 -11.44
CA GLY D 419 47.05 4.12 -11.67
C GLY D 419 46.21 5.11 -10.90
N ALA D 420 46.48 6.40 -11.08
CA ALA D 420 45.77 7.44 -10.29
C ALA D 420 45.03 8.46 -11.18
N GLY D 421 44.01 9.08 -10.59
CA GLY D 421 43.13 10.01 -11.30
C GLY D 421 43.67 11.42 -11.35
N LYS D 428 48.15 11.41 -2.66
CA LYS D 428 47.98 9.95 -2.53
C LYS D 428 48.86 9.08 -3.44
N ARG D 429 49.36 9.67 -4.52
CA ARG D 429 50.04 8.91 -5.56
C ARG D 429 51.32 8.20 -5.07
N ALA D 430 52.31 9.00 -4.68
CA ALA D 430 53.61 8.51 -4.20
C ALA D 430 53.54 7.49 -3.03
N PRO D 431 52.60 7.67 -2.08
CA PRO D 431 52.36 6.61 -1.09
C PRO D 431 51.99 5.27 -1.71
N MET D 432 51.02 5.27 -2.62
CA MET D 432 50.52 4.03 -3.18
C MET D 432 51.60 3.17 -3.86
N GLY D 433 52.45 3.80 -4.67
CA GLY D 433 53.54 3.10 -5.33
C GLY D 433 54.45 2.42 -4.32
N ARG D 434 54.68 3.09 -3.19
CA ARG D 434 55.45 2.50 -2.09
C ARG D 434 54.76 1.25 -1.56
N ILE D 435 53.49 1.38 -1.18
CA ILE D 435 52.71 0.26 -0.65
C ILE D 435 52.70 -0.89 -1.65
N ALA D 436 52.47 -0.56 -2.93
CA ALA D 436 52.52 -1.53 -4.04
C ALA D 436 53.86 -2.25 -4.11
N ALA D 437 54.94 -1.46 -4.06
CA ALA D 437 56.29 -1.98 -4.19
C ALA D 437 56.52 -3.01 -3.10
N GLN D 438 55.97 -2.72 -1.93
CA GLN D 438 56.24 -3.52 -0.74
C GLN D 438 55.54 -4.86 -0.75
N LEU D 439 54.34 -4.90 -1.30
CA LEU D 439 53.44 -6.03 -1.09
C LEU D 439 53.17 -6.88 -2.33
N ALA D 440 53.52 -6.36 -3.51
CA ALA D 440 53.36 -7.07 -4.78
C ALA D 440 54.71 -7.54 -5.31
N ASP D 441 54.66 -8.57 -6.14
CA ASP D 441 55.85 -9.02 -6.85
C ASP D 441 56.06 -8.30 -8.17
N LEU D 442 54.96 -7.95 -8.85
CA LEU D 442 54.97 -7.08 -10.04
C LEU D 442 53.98 -5.98 -9.79
N VAL D 443 54.43 -4.72 -9.90
CA VAL D 443 53.46 -3.59 -10.02
C VAL D 443 53.55 -2.91 -11.39
N VAL D 444 52.40 -2.69 -12.00
CA VAL D 444 52.31 -2.05 -13.30
C VAL D 444 51.59 -0.72 -13.16
N VAL D 445 52.30 0.36 -13.45
CA VAL D 445 51.75 1.69 -13.32
C VAL D 445 51.14 2.24 -14.64
N THR D 446 49.85 2.59 -14.58
CA THR D 446 49.04 2.91 -15.76
C THR D 446 48.21 4.17 -15.58
N ASP D 447 47.42 4.49 -16.58
CA ASP D 447 46.49 5.59 -16.50
C ASP D 447 45.15 5.13 -15.89
N ASP D 448 44.62 5.94 -14.97
CA ASP D 448 43.27 5.77 -14.46
C ASP D 448 42.68 7.16 -14.35
N ASN D 449 42.03 7.60 -15.43
CA ASN D 449 41.46 8.96 -15.51
C ASN D 449 42.44 10.12 -15.28
N PRO D 450 43.43 10.26 -16.17
CA PRO D 450 44.36 11.38 -16.10
C PRO D 450 43.69 12.76 -16.21
N ARG D 451 42.49 12.82 -16.79
CA ARG D 451 41.71 14.06 -16.88
C ARG D 451 42.37 15.13 -17.74
N PRO D 455 49.56 12.82 -18.18
CA PRO D 455 49.45 11.48 -17.60
C PRO D 455 50.78 10.91 -17.10
N THR D 456 51.88 11.33 -17.72
CA THR D 456 53.21 10.81 -17.38
C THR D 456 53.69 11.41 -16.07
N ALA D 457 53.15 12.58 -15.74
CA ALA D 457 53.41 13.16 -14.45
C ALA D 457 52.84 12.20 -13.42
N ILE D 458 51.54 11.97 -13.51
CA ILE D 458 50.83 11.08 -12.59
C ILE D 458 51.60 9.79 -12.34
N ARG D 459 51.88 9.08 -13.43
CA ARG D 459 52.62 7.84 -13.33
C ARG D 459 53.99 8.06 -12.68
N ARG D 460 54.68 9.14 -13.05
CA ARG D 460 56.04 9.39 -12.55
C ARG D 460 56.04 9.60 -11.05
N GLU D 461 54.90 9.98 -10.51
CA GLU D 461 54.79 10.22 -9.05
C GLU D 461 54.63 8.88 -8.35
N ILE D 462 53.85 7.99 -8.94
CA ILE D 462 53.65 6.66 -8.36
C ILE D 462 54.98 5.90 -8.36
N LEU D 463 55.71 6.02 -9.48
CA LEU D 463 57.01 5.37 -9.64
C LEU D 463 58.07 5.96 -8.71
N ALA D 464 57.83 7.19 -8.26
CA ALA D 464 58.67 7.80 -7.24
C ALA D 464 58.50 6.98 -5.97
N GLY D 465 57.24 6.68 -5.65
CA GLY D 465 56.88 5.84 -4.51
C GLY D 465 57.57 4.49 -4.58
N ALA D 466 57.74 3.98 -5.80
CA ALA D 466 58.36 2.66 -6.07
C ALA D 466 59.83 2.62 -5.69
N ALA D 467 60.49 3.78 -5.72
CA ALA D 467 61.93 3.87 -5.52
C ALA D 467 62.41 2.97 -4.41
N GLU D 468 61.66 2.93 -3.31
CA GLU D 468 62.08 2.31 -2.06
C GLU D 468 61.61 0.87 -1.86
N VAL D 469 61.74 0.06 -2.92
CA VAL D 469 61.54 -1.40 -2.85
C VAL D 469 62.65 -1.95 -1.97
N GLY D 470 63.86 -1.97 -2.51
CA GLY D 470 64.99 -2.54 -1.80
C GLY D 470 65.18 -4.02 -2.13
N GLY D 471 64.30 -4.55 -2.99
CA GLY D 471 64.38 -5.96 -3.41
C GLY D 471 63.15 -6.57 -4.05
N ASP D 472 62.18 -6.90 -3.20
CA ASP D 472 61.05 -7.77 -3.52
C ASP D 472 60.35 -7.44 -4.85
N ALA D 473 59.79 -6.23 -4.96
CA ALA D 473 59.01 -5.85 -6.14
C ALA D 473 59.80 -5.76 -7.43
N GLN D 474 59.06 -5.45 -8.49
CA GLN D 474 59.54 -5.47 -9.84
C GLN D 474 58.49 -4.63 -10.51
N VAL D 475 58.85 -3.39 -10.84
CA VAL D 475 57.87 -2.42 -11.31
C VAL D 475 58.12 -1.96 -12.73
N VAL D 476 57.04 -1.68 -13.44
CA VAL D 476 57.16 -1.23 -14.82
C VAL D 476 55.97 -0.35 -15.17
N GLU D 477 56.21 0.58 -16.09
CA GLU D 477 55.23 1.60 -16.46
C GLU D 477 54.65 1.26 -17.82
N ILE D 478 53.34 1.02 -17.85
CA ILE D 478 52.63 0.83 -19.12
C ILE D 478 51.47 1.81 -19.08
N ALA D 479 51.60 2.87 -19.89
CA ALA D 479 50.64 3.95 -19.89
C ALA D 479 49.26 3.45 -20.31
N ASP D 480 49.21 2.67 -21.38
CA ASP D 480 47.93 2.18 -21.89
C ASP D 480 47.34 1.14 -20.95
N ARG D 481 46.13 1.38 -20.48
CA ARG D 481 45.52 0.48 -19.50
C ARG D 481 45.28 -0.98 -19.98
N ARG D 482 44.83 -1.17 -21.22
CA ARG D 482 44.63 -2.52 -21.73
C ARG D 482 45.96 -3.25 -21.86
N ASP D 483 47.00 -2.53 -22.31
CA ASP D 483 48.33 -3.13 -22.43
C ASP D 483 48.86 -3.52 -21.07
N ALA D 484 48.63 -2.66 -20.09
CA ALA D 484 48.95 -2.97 -18.71
C ALA D 484 48.28 -4.27 -18.28
N ILE D 485 47.00 -4.41 -18.61
CA ILE D 485 46.28 -5.59 -18.20
C ILE D 485 46.87 -6.87 -18.87
N ARG D 486 47.16 -6.76 -20.15
CA ARG D 486 47.65 -7.87 -20.90
C ARG D 486 49.04 -8.31 -20.45
N HIS D 487 49.92 -7.36 -20.20
CA HIS D 487 51.25 -7.67 -19.69
C HIS D 487 51.14 -8.51 -18.46
N ALA D 488 50.34 -8.06 -17.50
CA ALA D 488 50.20 -8.77 -16.23
C ALA D 488 49.65 -10.17 -16.38
N VAL D 489 48.74 -10.34 -17.33
CA VAL D 489 48.13 -11.60 -17.56
C VAL D 489 49.14 -12.55 -18.19
N ALA D 490 49.98 -12.03 -19.09
CA ALA D 490 51.03 -12.85 -19.68
C ALA D 490 52.20 -13.10 -18.73
N TRP D 491 52.22 -12.41 -17.60
CA TRP D 491 53.30 -12.57 -16.62
C TRP D 491 52.97 -13.60 -15.55
N ALA D 492 51.69 -13.79 -15.29
CA ALA D 492 51.31 -14.73 -14.24
C ALA D 492 51.69 -16.15 -14.66
N ARG D 493 52.07 -16.93 -13.65
CA ARG D 493 52.22 -18.37 -13.79
C ARG D 493 51.07 -18.98 -12.97
N PRO D 494 50.65 -20.22 -13.29
CA PRO D 494 49.64 -20.94 -12.53
C PRO D 494 49.75 -20.70 -11.01
N GLY D 495 48.64 -20.30 -10.40
CA GLY D 495 48.59 -20.13 -8.95
C GLY D 495 49.00 -18.78 -8.43
N ASP D 496 49.53 -17.93 -9.32
CA ASP D 496 49.79 -16.52 -8.99
C ASP D 496 48.47 -15.74 -8.94
N VAL D 497 48.51 -14.50 -8.52
CA VAL D 497 47.31 -13.64 -8.61
C VAL D 497 47.53 -12.30 -9.35
N VAL D 498 46.58 -11.96 -10.22
CA VAL D 498 46.58 -10.61 -10.87
C VAL D 498 45.38 -9.77 -10.41
N LEU D 499 45.73 -8.61 -9.88
CA LEU D 499 44.76 -7.67 -9.37
C LEU D 499 44.78 -6.39 -10.18
N ILE D 500 43.62 -6.07 -10.77
CA ILE D 500 43.49 -4.83 -11.55
C ILE D 500 42.82 -3.79 -10.68
N ALA D 501 43.60 -2.87 -10.11
CA ALA D 501 43.11 -2.00 -9.02
C ALA D 501 42.67 -0.63 -9.49
N GLY D 502 41.92 0.06 -8.66
CA GLY D 502 41.71 1.49 -8.83
C GLY D 502 40.60 1.95 -9.74
N LYS D 503 39.91 1.02 -10.39
CA LYS D 503 38.63 1.35 -11.05
C LYS D 503 37.42 0.64 -10.41
N GLY D 504 37.57 -0.67 -10.16
CA GLY D 504 36.47 -1.49 -9.65
C GLY D 504 35.30 -1.57 -10.61
N HIS D 505 34.15 -1.08 -10.18
CA HIS D 505 32.96 -1.08 -10.99
C HIS D 505 32.91 0.09 -11.96
N GLU D 506 33.74 1.10 -11.71
CA GLU D 506 33.77 2.35 -12.48
C GLU D 506 34.19 2.01 -13.91
N THR D 507 33.77 2.81 -14.89
CA THR D 507 34.10 2.57 -16.28
C THR D 507 34.58 3.84 -16.97
N GLY D 508 35.04 3.70 -18.21
CA GLY D 508 35.62 4.80 -18.97
C GLY D 508 37.02 5.18 -18.51
N GLN D 509 37.77 5.78 -19.44
CA GLN D 509 39.02 6.50 -19.16
C GLN D 509 38.77 7.95 -19.53
N ARG D 510 38.83 8.85 -18.55
CA ARG D 510 38.66 10.29 -18.83
C ARG D 510 40.03 10.91 -19.07
N GLY D 511 40.13 11.68 -20.16
CA GLY D 511 41.39 12.30 -20.60
C GLY D 511 41.25 13.59 -21.39
N GLY D 512 40.85 14.65 -20.71
CA GLY D 512 40.67 15.95 -21.34
C GLY D 512 42.02 16.57 -21.63
N ARG D 516 36.91 8.16 -22.96
CA ARG D 516 37.13 6.95 -23.73
C ARG D 516 36.59 5.74 -22.98
N PRO D 517 35.78 4.89 -23.66
CA PRO D 517 35.15 3.74 -23.02
C PRO D 517 36.14 2.66 -22.55
N PHE D 518 35.94 2.20 -21.31
CA PHE D 518 36.81 1.20 -20.66
C PHE D 518 36.11 0.41 -19.55
N ASP D 519 36.24 -0.89 -19.58
CA ASP D 519 35.78 -1.69 -18.45
C ASP D 519 36.80 -2.76 -18.08
N ASP D 520 37.33 -2.65 -16.86
CA ASP D 520 38.34 -3.57 -16.37
C ASP D 520 37.93 -5.05 -16.41
N ARG D 521 36.68 -5.37 -16.07
CA ARG D 521 36.18 -6.73 -16.12
C ARG D 521 36.31 -7.24 -17.54
N VAL D 522 35.90 -6.41 -18.49
CA VAL D 522 35.89 -6.78 -19.89
C VAL D 522 37.30 -6.90 -20.42
N GLU D 523 38.13 -5.91 -20.10
CA GLU D 523 39.53 -5.94 -20.53
C GLU D 523 40.21 -7.15 -19.96
N LEU D 524 39.98 -7.38 -18.66
CA LEU D 524 40.59 -8.51 -17.99
C LEU D 524 40.17 -9.86 -18.63
N ALA D 525 38.88 -10.03 -18.87
CA ALA D 525 38.40 -11.27 -19.45
C ALA D 525 38.95 -11.45 -20.88
N ALA D 526 39.01 -10.35 -21.64
CA ALA D 526 39.57 -10.35 -23.01
C ALA D 526 41.03 -10.80 -23.04
N ALA D 527 41.82 -10.30 -22.08
CA ALA D 527 43.23 -10.72 -21.91
C ALA D 527 43.38 -12.23 -21.61
N LEU D 528 42.51 -12.74 -20.76
CA LEU D 528 42.55 -14.14 -20.40
C LEU D 528 42.18 -15.04 -21.58
N GLU D 529 41.27 -14.60 -22.45
CA GLU D 529 40.98 -15.39 -23.65
C GLU D 529 42.15 -15.41 -24.61
N ALA D 530 42.79 -14.25 -24.76
CA ALA D 530 43.96 -14.08 -25.60
C ALA D 530 45.10 -15.01 -25.17
N LEU D 531 45.06 -15.49 -23.92
CA LEU D 531 45.94 -16.55 -23.45
C LEU D 531 45.36 -17.87 -23.98
N GLU D 532 45.86 -18.30 -25.14
CA GLU D 532 45.34 -19.46 -25.89
C GLU D 532 43.94 -19.22 -26.39
PB ADP E . -34.05 -1.25 -0.99
O1B ADP E . -33.05 -0.59 -1.89
O2B ADP E . -35.19 -1.93 -1.68
O3B ADP E . -33.33 -2.09 0.05
PA ADP E . -34.51 1.39 0.29
O1A ADP E . -35.49 1.86 1.34
O2A ADP E . -33.02 1.38 0.64
O3A ADP E . -34.95 -0.12 -0.22
O5' ADP E . -34.73 2.21 -1.10
C5' ADP E . -33.65 2.67 -1.96
C4' ADP E . -33.92 4.09 -2.47
O4' ADP E . -35.23 4.24 -3.06
C3' ADP E . -33.86 5.07 -1.32
O3' ADP E . -33.16 6.18 -1.83
C2' ADP E . -35.32 5.38 -0.99
O2' ADP E . -35.59 6.69 -0.50
C1' ADP E . -36.08 5.10 -2.27
N9 ADP E . -37.34 4.38 -1.98
C8 ADP E . -37.71 3.85 -0.79
N7 ADP E . -38.92 3.24 -0.87
C5 ADP E . -39.33 3.36 -2.14
C6 ADP E . -40.52 2.94 -2.91
N6 ADP E . -41.53 2.26 -2.30
N1 ADP E . -40.56 3.27 -4.23
C2 ADP E . -39.58 3.96 -4.85
N3 ADP E . -38.47 4.37 -4.21
C4 ADP E . -38.29 4.11 -2.87
MG MG F . -31.65 -2.59 0.82
MG MG G . -31.78 -4.12 -5.69
C6 UAG H . -13.34 -18.06 -3.02
C5 UAG H . -12.10 -17.56 -2.61
C4 UAG H . -11.52 -18.00 -1.40
O4 UAG H . -10.43 -17.57 -1.05
N3 UAG H . -12.16 -18.93 -0.57
C2 UAG H . -13.40 -19.40 -0.97
O2 UAG H . -14.00 -20.19 -0.26
N1 UAG H . -14.00 -18.98 -2.16
C1B UAG H . -15.29 -19.59 -2.49
C2B UAG H . -16.08 -18.44 -2.04
O2' UAG H . -16.63 -18.85 -0.83
C3B UAG H . -17.11 -18.27 -3.18
O3B UAG H . -18.41 -18.16 -2.64
C4B UAG H . -16.94 -19.52 -4.03
O4B UAG H . -15.55 -19.74 -3.91
C5B UAG H . -17.16 -19.14 -5.45
O5B UAG H . -16.08 -18.35 -5.99
PA UAG H . -16.23 -16.75 -6.39
O1A UAG H . -15.80 -16.51 -7.98
O2A UAG H . -15.15 -15.96 -5.76
O3A UAG H . -17.76 -16.29 -5.91
PB UAG H . -19.09 -16.12 -6.87
O1B UAG H . -19.45 -17.65 -6.29
O2B UAG H . -18.09 -15.85 -7.95
C1' UAG H . -20.66 -15.14 -5.19
O1' UAG H . -19.41 -15.00 -5.79
C2' UAG H . -21.36 -13.83 -4.95
N2' UAG H . -21.67 -13.21 -6.26
C7' UAG H . -22.87 -12.85 -6.75
O7' UAG H . -23.96 -13.09 -6.23
C8' UAG H . -22.77 -12.17 -8.10
C3' UAG H . -20.36 -12.94 -4.29
O3' UAG H . -21.01 -11.69 -4.01
C4' UAG H . -20.03 -13.58 -2.96
O4' UAG H . -18.85 -12.94 -2.58
C5' UAG H . -19.71 -15.05 -2.98
O5' UAG H . -20.31 -15.80 -4.00
C6' UAG H . -20.31 -15.61 -1.69
O6' UAG H . -21.05 -16.82 -2.01
C18 UAG H . -20.31 -10.42 -4.17
C20 UAG H . -19.75 -9.87 -2.86
C19 UAG H . -21.36 -9.38 -4.51
O18 UAG H . -20.99 -8.26 -4.82
N4 UAG H . -22.63 -9.67 -4.50
C21 UAG H . -23.54 -8.60 -4.86
C23 UAG H . -23.42 -8.39 -6.35
C22 UAG H . -24.93 -9.02 -4.35
O19 UAG H . -25.06 -10.20 -4.02
N5 UAG H . -25.83 -8.00 -4.15
C24 UAG H . -27.18 -8.13 -3.48
C25 UAG H . -27.89 -6.81 -3.03
C26 UAG H . -28.45 -5.88 -4.13
C27 UAG H . -29.31 -4.71 -3.52
O20 UAG H . -29.22 -4.52 -2.27
O21 UAG H . -30.04 -4.01 -4.28
C28 UAG H . -26.89 -8.86 -2.13
O22 UAG H . -25.74 -8.67 -1.64
O23 UAG H . -27.79 -9.56 -1.60
MG MG I . 9.05 -4.61 7.61
PB ADP J . -10.65 8.21 27.13
O1B ADP J . -11.75 7.65 28.02
O2B ADP J . -9.43 8.78 27.82
O3B ADP J . -10.30 7.56 25.81
PA ADP J . -12.61 10.24 26.51
O1A ADP J . -12.46 11.43 25.54
O2A ADP J . -13.34 8.95 26.17
O3A ADP J . -11.13 9.73 26.89
O5' ADP J . -13.26 10.87 27.87
C5' ADP J . -14.53 10.50 28.40
C4' ADP J . -14.86 11.50 29.48
O4' ADP J . -13.68 12.26 29.74
C3' ADP J . -15.92 12.51 29.02
O3' ADP J . -17.02 12.44 29.96
C2' ADP J . -15.18 13.85 28.90
O2' ADP J . -15.81 14.99 29.48
C1' ADP J . -13.98 13.67 29.79
N9 ADP J . -12.73 14.38 29.40
C8 ADP J . -12.19 14.57 28.18
N7 ADP J . -11.00 15.24 28.26
C5 ADP J . -10.78 15.46 29.57
C6 ADP J . -9.73 16.11 30.36
N6 ADP J . -8.68 16.65 29.72
N1 ADP J . -9.88 16.14 31.72
C2 ADP J . -10.96 15.61 32.37
N3 ADP J . -11.95 15.01 31.70
C4 ADP J . -11.91 14.90 30.33
MG MG K . -11.52 6.11 26.12
C6 UAG L . -9.38 -18.04 26.85
C5 UAG L . -10.63 -18.59 26.76
C4 UAG L . -11.01 -19.15 25.55
O4 UAG L . -12.13 -19.63 25.51
N3 UAG L . -10.16 -19.18 24.41
C2 UAG L . -8.89 -18.61 24.50
O2 UAG L . -8.15 -18.61 23.53
N1 UAG L . -8.50 -18.03 25.73
C1B UAG L . -7.19 -17.41 25.93
C2B UAG L . -7.72 -16.04 26.16
O2' UAG L . -7.74 -15.29 24.96
C3B UAG L . -6.68 -15.48 27.13
O3B UAG L . -5.57 -15.06 26.37
C4B UAG L . -6.25 -16.72 27.96
O4B UAG L . -6.86 -17.80 27.30
C5B UAG L . -6.89 -16.84 29.34
O5B UAG L . -8.22 -16.29 29.37
PA UAG L . -8.72 -15.05 30.35
O1A UAG L . -10.18 -14.94 30.37
O2A UAG L . -8.42 -15.38 31.94
O3A UAG L . -7.93 -13.70 29.95
PB UAG L . -7.81 -12.34 30.90
O1B UAG L . -8.66 -13.08 31.91
O2B UAG L . -6.22 -12.60 30.69
C1' UAG L . -7.64 -10.74 28.95
O1' UAG L . -8.41 -11.75 29.55
C2' UAG L . -8.26 -9.35 29.18
N2' UAG L . -8.38 -9.26 30.61
C7' UAG L . -8.01 -8.19 31.29
O7' UAG L . -7.65 -7.12 30.79
C8' UAG L . -8.21 -8.33 32.78
C3' UAG L . -9.65 -9.31 28.61
O3' UAG L . -10.08 -7.96 28.40
C4' UAG L . -9.66 -9.96 27.20
O4' UAG L . -11.05 -10.11 26.81
C5' UAG L . -8.91 -11.30 27.09
O5' UAG L . -7.62 -11.18 27.62
C6' UAG L . -8.36 -11.49 25.71
O6' UAG L . -7.35 -10.47 25.53
C18 UAG L . -11.47 -7.71 28.81
C20 UAG L . -12.52 -7.66 27.68
C19 UAG L . -11.54 -6.39 29.57
O18 UAG L . -12.58 -6.09 30.16
N4 UAG L . -10.46 -5.64 29.62
C21 UAG L . -10.37 -4.38 30.35
C23 UAG L . -9.84 -4.74 31.71
C22 UAG L . -9.40 -3.51 29.52
O19 UAG L . -8.66 -4.10 28.69
N5 UAG L . -9.46 -2.15 29.68
C24 UAG L . -8.66 -1.22 28.83
C25 UAG L . -9.27 0.17 28.65
C26 UAG L . -10.18 0.67 29.73
C27 UAG L . -10.23 2.18 29.55
O20 UAG L . -10.18 2.64 28.38
O21 UAG L . -10.33 2.87 30.59
C28 UAG L . -8.49 -1.75 27.35
O22 UAG L . -7.43 -2.37 27.07
O23 UAG L . -9.39 -1.51 26.51
MG MG M . -8.72 4.27 31.27
PB ADP N . 11.89 -7.40 -27.65
O1B ADP N . 10.66 -8.13 -27.18
O2B ADP N . 11.60 -6.78 -29.00
O3B ADP N . 12.44 -6.40 -26.63
PA ADP N . 14.13 -9.34 -27.03
O1A ADP N . 15.47 -9.41 -27.72
O2A ADP N . 14.03 -8.79 -25.60
O3A ADP N . 13.03 -8.56 -27.99
O5' ADP N . 13.49 -10.84 -27.02
C5' ADP N . 12.18 -11.08 -26.50
C4' ADP N . 11.82 -12.55 -26.37
O4' ADP N . 11.65 -13.13 -27.67
C3' ADP N . 12.88 -13.41 -25.68
O3' ADP N . 12.23 -14.57 -25.14
C2' ADP N . 13.76 -13.86 -26.82
O2' ADP N . 14.40 -15.11 -26.57
C1' ADP N . 12.76 -14.00 -27.96
N9 ADP N . 13.42 -13.60 -29.21
C8 ADP N . 14.58 -12.91 -29.34
N7 ADP N . 14.89 -12.71 -30.64
C5 ADP N . 13.90 -13.30 -31.37
C6 ADP N . 13.59 -13.51 -32.82
N6 ADP N . 14.43 -13.03 -33.78
N1 ADP N . 12.45 -14.17 -33.14
C2 ADP N . 11.62 -14.68 -32.22
N3 ADP N . 11.83 -14.54 -30.89
C4 ADP N . 12.94 -13.88 -30.42
MG MG O . 11.32 -5.17 -25.64
C6 UAG P . -2.61 12.38 -16.84
C5 UAG P . -2.77 12.26 -15.47
C4 UAG P . -1.87 12.93 -14.66
O4 UAG P . -1.99 12.83 -13.46
N3 UAG P . -0.86 13.71 -15.17
C2 UAG P . -0.71 13.81 -16.54
O2 UAG P . 0.20 14.49 -17.01
N1 UAG P . -1.58 13.14 -17.38
C1B UAG P . -1.43 13.22 -18.84
C2B UAG P . -0.69 11.95 -19.05
O2' UAG P . 0.68 12.13 -18.74
C3B UAG P . -0.98 11.71 -20.56
O3B UAG P . 0.00 12.19 -21.51
C4B UAG P . -2.32 12.44 -20.73
O4B UAG P . -2.65 12.85 -19.40
C5B UAG P . -3.44 11.44 -21.02
O5B UAG P . -3.47 10.53 -19.93
PA UAG P . -3.78 8.95 -20.01
O1A UAG P . -3.70 8.63 -18.57
O2A UAG P . -5.33 8.80 -20.46
O3A UAG P . -2.71 7.97 -20.89
PB UAG P . -2.59 7.54 -22.55
O1B UAG P . -4.00 7.04 -22.39
O2B UAG P . -2.24 9.15 -22.63
C1' UAG P . -0.14 6.52 -22.80
O1' UAG P . -1.34 6.60 -22.02
C2' UAG P . 0.45 5.17 -22.46
N2' UAG P . -0.59 4.19 -22.73
C7' UAG P . -0.60 3.38 -23.80
O7' UAG P . 0.27 3.35 -24.69
C8' UAG P . -1.80 2.43 -23.86
C3' UAG P . 0.88 5.14 -20.98
O3' UAG P . 1.79 4.08 -20.84
C4' UAG P . 1.83 6.29 -20.65
O4' UAG P . 2.04 6.31 -19.24
C5' UAG P . 1.24 7.67 -21.11
O5' UAG P . 0.89 7.56 -22.54
C6' UAG P . 2.04 8.99 -20.79
O6' UAG P . 3.38 9.00 -21.33
C18 UAG P . 1.36 2.95 -20.05
C20 UAG P . 2.05 2.95 -18.69
C19 UAG P . 1.80 1.64 -20.72
O18 UAG P . 1.92 0.64 -20.01
N4 UAG P . 2.04 1.62 -22.03
C21 UAG P . 2.44 0.40 -22.73
C23 UAG P . 1.21 -0.36 -23.18
C22 UAG P . 3.37 0.74 -23.91
O19 UAG P . 3.65 1.91 -24.21
N5 UAG P . 3.83 -0.37 -24.55
C24 UAG P . 4.83 -0.45 -25.66
C25 UAG P . 5.26 -1.96 -25.93
C26 UAG P . 6.64 -2.49 -25.35
C27 UAG P . 7.08 -3.94 -25.79
O20 UAG P . 8.07 -4.44 -25.15
O21 UAG P . 6.50 -4.50 -26.77
C28 UAG P . 5.99 0.47 -25.25
O22 UAG P . 6.45 1.23 -26.13
O23 UAG P . 6.36 0.43 -24.03
MG MG Q . 6.10 -5.89 -28.51
MG MG R . 40.55 5.04 -8.83
PB ADP S . 33.85 1.65 0.90
O1B ADP S . 35.10 2.50 0.86
O2B ADP S . 33.27 1.62 2.30
O3B ADP S . 33.00 1.43 -0.34
PA ADP S . 34.45 -0.87 -0.30
O1A ADP S . 33.48 -1.99 0.13
O2A ADP S . 34.22 -0.09 -1.58
O3A ADP S . 34.59 0.20 0.93
O5' ADP S . 35.94 -1.51 -0.37
C5' ADP S . 37.10 -0.74 -0.74
C4' ADP S . 38.39 -1.53 -0.70
O4' ADP S . 38.62 -2.12 0.59
C3' ADP S . 38.40 -2.68 -1.70
O3' ADP S . 39.62 -2.59 -2.42
C2' ADP S . 38.30 -3.94 -0.84
O2' ADP S . 38.95 -5.11 -1.35
C1' ADP S . 38.89 -3.52 0.49
N9 ADP S . 38.11 -4.09 1.60
C8 ADP S . 36.89 -4.65 1.55
N7 ADP S . 36.46 -5.02 2.77
C5 ADP S . 37.42 -4.64 3.66
C6 ADP S . 37.63 -4.73 5.13
N6 ADP S . 36.75 -5.30 5.99
N1 ADP S . 38.79 -4.24 5.60
C2 ADP S . 39.72 -3.67 4.79
N3 ADP S . 39.62 -3.55 3.46
C4 ADP S . 38.50 -4.02 2.86
MG MG T . 32.31 3.19 -0.37
C6 UAG U . 27.44 25.53 -6.89
C5 UAG U . 27.70 25.87 -8.21
C4 UAG U . 26.62 26.22 -9.04
O4 UAG U . 26.86 26.53 -10.20
N3 UAG U . 25.28 26.23 -8.62
C2 UAG U . 25.01 25.87 -7.28
O2 UAG U . 23.84 25.89 -6.89
N1 UAG U . 26.10 25.51 -6.42
C1B UAG U . 25.87 25.17 -5.01
C2B UAG U . 26.67 23.99 -4.41
O2' UAG U . 26.04 22.69 -4.50
C3B UAG U . 26.77 24.52 -2.99
O3B UAG U . 25.43 24.63 -2.44
C4B UAG U . 27.30 25.94 -3.24
O4B UAG U . 26.51 26.35 -4.39
C5B UAG U . 28.81 26.09 -3.53
O5B UAG U . 29.42 24.88 -3.98
PA UAG U . 31.03 24.62 -3.88
O1A UAG U . 31.56 24.65 -5.26
O2A UAG U . 31.68 25.88 -3.02
O3A UAG U . 31.47 23.14 -3.20
PB UAG U . 30.96 22.51 -1.78
O1B UAG U . 32.29 22.96 -1.23
O2B UAG U . 29.77 23.35 -2.40
C1' UAG U . 30.30 19.92 -1.69
O1' UAG U . 30.88 21.02 -2.46
C2' UAG U . 31.19 18.73 -2.02
N2' UAG U . 32.52 19.17 -1.58
C7' UAG U . 33.12 18.65 -0.50
O7' UAG U . 32.68 17.70 0.13
C8' UAG U . 34.46 19.28 -0.11
C3' UAG U . 31.10 18.39 -3.53
O3' UAG U . 31.29 17.01 -3.98
C4' UAG U . 29.63 18.50 -3.96
O4' UAG U . 29.56 18.36 -5.38
C5' UAG U . 28.97 19.81 -3.52
O5' UAG U . 28.97 19.67 -2.13
C6' UAG U . 27.54 19.86 -4.01
O6' UAG U . 26.72 18.98 -3.23
C18 UAG U . 32.64 16.76 -4.42
C20 UAG U . 32.86 16.58 -5.93
C19 UAG U . 32.91 15.47 -3.66
O18 UAG U . 32.43 14.41 -4.04
N4 UAG U . 33.55 15.64 -2.51
C21 UAG U . 34.02 14.61 -1.57
C23 UAG U . 34.72 15.40 -0.46
C22 UAG U . 32.91 13.63 -1.07
O19 UAG U . 31.71 13.92 -1.20
N5 UAG U . 33.47 12.52 -0.47
C24 UAG U . 32.90 11.28 0.13
C25 UAG U . 33.62 10.09 -0.52
C26 UAG U . 34.44 9.27 0.44
C27 UAG U . 34.28 7.77 0.20
O20 UAG U . 33.21 7.35 -0.33
O21 UAG U . 35.23 7.05 0.57
C28 UAG U . 31.40 11.19 -0.13
O22 UAG U . 30.71 11.83 0.69
O23 UAG U . 30.95 10.54 -1.12
MG MG V . 36.05 6.82 2.64
#